data_4ZCC
#
_entry.id   4ZCC
#
_cell.length_a   63.500
_cell.length_b   71.500
_cell.length_c   143.800
_cell.angle_alpha   90.00
_cell.angle_beta   97.50
_cell.angle_gamma   90.00
#
_symmetry.space_group_name_H-M   'P 1 21 1'
#
loop_
_entity.id
_entity.type
_entity.pdbx_description
1 polymer Renalase
2 non-polymer 'FLAVIN-ADENINE DINUCLEOTIDE'
3 non-polymer '1,4-DIHYDRONICOTINAMIDE ADENINE DINUCLEOTIDE'
4 non-polymer 'FORMIC ACID'
5 water water
#
_entity_poly.entity_id   1
_entity_poly.type   'polypeptide(L)'
_entity_poly.pdbx_seq_one_letter_code
;MTVPIAIIGTGIAGLSAAQALTSAGHQVHLFDKSRGSGGRMSSKRSDAGSLDMGAQYFTARDRRFATAVKQWQAQGHVSE
WTPLLYNFHGGRLSPSPDEQVRWVGEPGMSAITRAMRGDLPVSFSCRITDVFRGEQHWNLLDAESENHGPFSHVIIATPA
PQATALLAAAPKLASVVAGVKMDPTWAVALAFETPLQTPMQGCFVQDSPLDWLARNRSKPGRDDTLDSWVLHATSQWSRQ
NLDASREQVIEHLHGAFAELIDCAMPAPVFSLAHRWLYARPAGSHEWGALSDADLGIYVCGDWCLSGRVEGAWLSGQEAA
RRLLEHLQLEHHHHHH
;
_entity_poly.pdbx_strand_id   A,B,C,D
#
# COMPACT_ATOMS: atom_id res chain seq x y z
N VAL A 3 -13.49 -28.59 4.70
CA VAL A 3 -14.46 -27.62 4.19
C VAL A 3 -15.49 -28.28 3.25
N PRO A 4 -16.79 -28.13 3.52
CA PRO A 4 -17.74 -28.95 2.77
C PRO A 4 -18.05 -28.54 1.33
N ILE A 5 -18.71 -29.45 0.62
CA ILE A 5 -19.22 -29.18 -0.70
C ILE A 5 -20.66 -28.66 -0.59
N ALA A 6 -20.98 -27.53 -1.22
CA ALA A 6 -22.34 -26.99 -1.21
C ALA A 6 -23.16 -27.61 -2.35
N ILE A 7 -24.38 -28.03 -2.04
CA ILE A 7 -25.33 -28.52 -3.03
C ILE A 7 -26.58 -27.67 -2.94
N ILE A 8 -26.91 -26.98 -4.03
CA ILE A 8 -28.07 -26.09 -4.05
C ILE A 8 -29.23 -26.80 -4.75
N GLY A 9 -30.24 -27.17 -3.95
CA GLY A 9 -31.37 -27.94 -4.46
C GLY A 9 -31.43 -29.32 -3.84
N THR A 10 -32.55 -29.68 -3.21
CA THR A 10 -32.66 -30.98 -2.54
C THR A 10 -33.77 -31.84 -3.16
N GLY A 11 -33.92 -31.75 -4.47
CA GLY A 11 -34.68 -32.71 -5.26
C GLY A 11 -33.83 -33.97 -5.52
N ILE A 12 -34.25 -34.82 -6.44
CA ILE A 12 -33.58 -36.11 -6.62
C ILE A 12 -32.13 -35.96 -7.19
N ALA A 13 -31.91 -34.96 -8.00
CA ALA A 13 -30.60 -34.73 -8.57
C ALA A 13 -29.61 -34.29 -7.50
N GLY A 14 -30.00 -33.30 -6.69
CA GLY A 14 -29.13 -32.80 -5.64
C GLY A 14 -28.79 -33.88 -4.64
N LEU A 15 -29.80 -34.62 -4.26
CA LEU A 15 -29.58 -35.65 -3.21
C LEU A 15 -28.85 -36.89 -3.70
N SER A 16 -29.03 -37.20 -4.97
CA SER A 16 -28.30 -38.26 -5.64
C SER A 16 -26.80 -37.88 -5.63
N ALA A 17 -26.51 -36.66 -6.03
CA ALA A 17 -25.15 -36.14 -5.91
C ALA A 17 -24.66 -36.23 -4.46
N ALA A 18 -25.49 -35.78 -3.53
CA ALA A 18 -25.12 -35.78 -2.09
C ALA A 18 -24.81 -37.19 -1.62
N GLN A 19 -25.62 -38.15 -2.02
CA GLN A 19 -25.41 -39.54 -1.60
C GLN A 19 -24.07 -40.04 -2.10
N ALA A 20 -23.77 -39.77 -3.35
CA ALA A 20 -22.51 -40.23 -3.94
C ALA A 20 -21.29 -39.60 -3.24
N LEU A 21 -21.34 -38.29 -2.99
CA LEU A 21 -20.23 -37.62 -2.29
C LEU A 21 -20.05 -38.15 -0.87
N THR A 22 -21.15 -38.38 -0.17
CA THR A 22 -21.09 -38.81 1.20
C THR A 22 -20.64 -40.25 1.30
N SER A 23 -21.02 -41.08 0.34
CA SER A 23 -20.55 -42.46 0.32
C SER A 23 -19.05 -42.50 0.13
N ALA A 24 -18.52 -41.46 -0.49
CA ALA A 24 -17.11 -41.37 -0.74
C ALA A 24 -16.38 -40.70 0.43
N GLY A 25 -17.11 -40.35 1.50
CA GLY A 25 -16.48 -39.81 2.69
C GLY A 25 -16.37 -38.31 2.73
N HIS A 26 -17.09 -37.62 1.87
CA HIS A 26 -16.97 -36.19 1.81
C HIS A 26 -18.16 -35.53 2.47
N GLN A 27 -17.92 -34.37 3.08
CA GLN A 27 -18.98 -33.62 3.75
C GLN A 27 -19.68 -32.66 2.78
N VAL A 28 -20.99 -32.54 2.96
CA VAL A 28 -21.79 -31.65 2.12
C VAL A 28 -22.63 -30.76 2.98
N HIS A 29 -23.09 -29.67 2.38
CA HIS A 29 -24.15 -28.92 2.99
C HIS A 29 -25.20 -28.58 1.94
N LEU A 30 -26.42 -28.97 2.25
CA LEU A 30 -27.54 -28.84 1.33
C LEU A 30 -28.29 -27.53 1.55
N PHE A 31 -28.80 -26.94 0.46
CA PHE A 31 -29.58 -25.71 0.53
C PHE A 31 -30.87 -25.88 -0.24
N ASP A 32 -31.99 -25.39 0.30
CA ASP A 32 -33.21 -25.33 -0.53
C ASP A 32 -34.01 -24.12 -0.06
N LYS A 33 -34.55 -23.39 -1.03
CA LYS A 33 -35.42 -22.27 -0.79
C LYS A 33 -36.75 -22.78 -0.18
N SER A 34 -37.10 -24.05 -0.39
CA SER A 34 -38.35 -24.57 0.16
C SER A 34 -38.15 -24.98 1.63
N ARG A 35 -39.26 -25.32 2.28
CA ARG A 35 -39.27 -25.76 3.69
C ARG A 35 -38.83 -27.21 3.90
N GLY A 36 -38.90 -28.03 2.87
CA GLY A 36 -38.44 -29.41 2.97
C GLY A 36 -37.79 -29.80 1.67
N SER A 37 -37.37 -31.05 1.58
CA SER A 37 -36.67 -31.55 0.42
C SER A 37 -37.71 -32.23 -0.47
N GLY A 38 -37.27 -32.75 -1.60
CA GLY A 38 -38.13 -33.44 -2.55
C GLY A 38 -38.33 -32.75 -3.90
N GLY A 39 -38.31 -31.42 -3.92
CA GLY A 39 -38.53 -30.64 -5.14
C GLY A 39 -39.83 -31.08 -5.79
N ARG A 40 -39.73 -31.42 -7.06
CA ARG A 40 -40.85 -31.83 -7.91
C ARG A 40 -41.35 -33.26 -7.59
N MET A 41 -40.73 -33.95 -6.61
CA MET A 41 -41.28 -35.23 -6.11
C MET A 41 -42.31 -34.93 -4.99
N SER A 42 -42.38 -33.66 -4.56
CA SER A 42 -43.17 -33.16 -3.43
C SER A 42 -42.43 -33.44 -2.16
N SER A 43 -42.84 -32.74 -1.12
CA SER A 43 -42.14 -32.75 0.16
C SER A 43 -42.97 -33.44 1.24
N LYS A 44 -42.26 -34.18 2.10
CA LYS A 44 -42.85 -34.89 3.23
C LYS A 44 -43.05 -33.98 4.42
N LEU A 51 -50.42 -36.51 -0.61
CA LEU A 51 -51.26 -36.57 -1.82
C LEU A 51 -50.55 -36.69 -3.18
N ASP A 52 -49.22 -36.75 -3.17
CA ASP A 52 -48.35 -36.81 -4.39
C ASP A 52 -48.83 -35.90 -5.53
N MET A 53 -48.65 -34.61 -5.37
CA MET A 53 -49.08 -33.64 -6.36
C MET A 53 -48.09 -33.44 -7.48
N GLY A 54 -46.83 -33.84 -7.28
CA GLY A 54 -45.85 -33.74 -8.34
C GLY A 54 -45.68 -35.03 -9.11
N ALA A 55 -44.46 -35.52 -9.19
CA ALA A 55 -44.22 -36.79 -9.84
C ALA A 55 -45.19 -37.83 -9.30
N GLN A 56 -45.80 -38.59 -10.19
CA GLN A 56 -46.81 -39.57 -9.86
C GLN A 56 -46.28 -41.00 -9.71
N TYR A 57 -45.34 -41.37 -10.55
CA TYR A 57 -44.75 -42.72 -10.50
C TYR A 57 -43.47 -42.68 -11.35
N PHE A 58 -42.58 -43.67 -11.31
CA PHE A 58 -41.48 -43.60 -12.29
C PHE A 58 -41.10 -44.98 -12.81
N THR A 59 -40.47 -44.98 -13.97
CA THR A 59 -39.96 -46.20 -14.59
C THR A 59 -38.44 -46.20 -14.47
N ALA A 60 -37.86 -47.38 -14.51
CA ALA A 60 -36.41 -47.55 -14.48
C ALA A 60 -36.03 -48.32 -15.70
N ARG A 61 -35.33 -47.68 -16.63
CA ARG A 61 -34.95 -48.33 -17.87
C ARG A 61 -33.44 -48.50 -17.92
N ASP A 62 -32.77 -47.64 -17.18
CA ASP A 62 -31.32 -47.70 -17.05
C ASP A 62 -30.92 -48.62 -15.94
N ARG A 63 -30.01 -49.54 -16.25
CA ARG A 63 -29.64 -50.58 -15.30
C ARG A 63 -29.08 -49.97 -14.01
N ARG A 64 -28.30 -48.90 -14.08
CA ARG A 64 -27.72 -48.29 -12.87
C ARG A 64 -28.85 -47.76 -12.00
N PHE A 65 -29.81 -47.10 -12.62
CA PHE A 65 -30.91 -46.56 -11.86
C PHE A 65 -31.77 -47.73 -11.32
N ALA A 66 -32.06 -48.72 -12.15
CA ALA A 66 -32.81 -49.89 -11.67
C ALA A 66 -32.14 -50.47 -10.42
N THR A 67 -30.82 -50.51 -10.38
CA THR A 67 -30.12 -51.00 -9.20
C THR A 67 -30.41 -50.10 -8.00
N ALA A 68 -30.43 -48.80 -8.23
CA ALA A 68 -30.70 -47.86 -7.16
C ALA A 68 -32.11 -48.10 -6.63
N VAL A 69 -33.07 -48.32 -7.52
CA VAL A 69 -34.44 -48.58 -7.12
C VAL A 69 -34.59 -49.85 -6.26
N LYS A 70 -33.87 -50.91 -6.60
CA LYS A 70 -33.93 -52.13 -5.79
C LYS A 70 -33.39 -51.84 -4.37
N GLN A 71 -32.40 -50.96 -4.28
CA GLN A 71 -31.92 -50.54 -2.96
C GLN A 71 -33.02 -49.84 -2.15
N TRP A 72 -33.73 -48.91 -2.78
CA TRP A 72 -34.82 -48.22 -2.12
C TRP A 72 -35.97 -49.17 -1.68
N GLN A 73 -36.26 -50.15 -2.52
CA GLN A 73 -37.24 -51.20 -2.19
C GLN A 73 -36.79 -51.92 -0.94
N ALA A 74 -35.52 -52.32 -0.90
CA ALA A 74 -35.00 -53.08 0.23
C ALA A 74 -35.01 -52.20 1.48
N GLN A 75 -35.04 -50.88 1.29
CA GLN A 75 -35.11 -49.97 2.43
C GLN A 75 -36.52 -49.68 2.88
N GLY A 76 -37.50 -50.12 2.10
CA GLY A 76 -38.89 -49.88 2.40
C GLY A 76 -39.43 -48.53 1.87
N HIS A 77 -38.72 -47.90 0.95
CA HIS A 77 -39.14 -46.56 0.47
C HIS A 77 -39.79 -46.52 -0.91
N VAL A 78 -39.80 -47.65 -1.63
CA VAL A 78 -40.53 -47.71 -2.90
C VAL A 78 -41.21 -49.04 -3.00
N SER A 79 -42.30 -49.05 -3.76
CA SER A 79 -43.09 -50.24 -4.05
C SER A 79 -43.58 -50.11 -5.46
N GLU A 80 -43.93 -51.23 -6.05
CA GLU A 80 -44.53 -51.28 -7.36
C GLU A 80 -46.01 -50.85 -7.36
N TRP A 81 -46.41 -50.05 -8.34
CA TRP A 81 -47.79 -49.62 -8.47
C TRP A 81 -48.38 -50.26 -9.71
N THR A 82 -49.51 -50.95 -9.58
CA THR A 82 -50.13 -51.60 -10.73
C THR A 82 -51.59 -51.20 -10.81
N PRO A 83 -51.86 -49.93 -11.12
CA PRO A 83 -53.23 -49.42 -11.22
C PRO A 83 -53.99 -50.00 -12.40
N LEU A 84 -55.31 -50.04 -12.28
CA LEU A 84 -56.15 -50.27 -13.44
C LEU A 84 -56.17 -48.97 -14.26
N LEU A 85 -55.49 -48.97 -15.40
CA LEU A 85 -55.32 -47.79 -16.22
C LEU A 85 -56.31 -47.66 -17.38
N TYR A 86 -56.70 -46.42 -17.61
CA TYR A 86 -57.64 -46.03 -18.64
C TYR A 86 -57.07 -44.99 -19.59
N ASN A 87 -57.74 -44.84 -20.71
CA ASN A 87 -57.39 -43.79 -21.64
C ASN A 87 -58.67 -43.01 -21.94
N PHE A 88 -58.55 -41.71 -22.06
CA PHE A 88 -59.70 -40.91 -22.46
C PHE A 88 -59.30 -40.23 -23.77
N HIS A 89 -60.10 -40.51 -24.79
CA HIS A 89 -59.75 -40.31 -26.19
C HIS A 89 -61.03 -40.12 -26.99
N GLY A 90 -61.11 -39.00 -27.70
CA GLY A 90 -62.28 -38.72 -28.52
C GLY A 90 -63.57 -38.76 -27.70
N GLY A 91 -63.49 -38.29 -26.46
CA GLY A 91 -64.66 -38.20 -25.63
C GLY A 91 -65.11 -39.54 -25.09
N ARG A 92 -64.32 -40.59 -25.25
CA ARG A 92 -64.70 -41.86 -24.60
C ARG A 92 -63.55 -42.45 -23.77
N LEU A 93 -64.02 -43.08 -22.70
CA LEU A 93 -63.21 -43.75 -21.70
C LEU A 93 -63.08 -45.21 -22.00
N SER A 94 -61.87 -45.74 -22.02
CA SER A 94 -61.70 -47.18 -22.18
C SER A 94 -60.51 -47.72 -21.39
N PRO A 95 -60.61 -48.97 -20.91
CA PRO A 95 -59.45 -49.55 -20.20
C PRO A 95 -58.23 -49.54 -21.10
N SER A 96 -57.08 -49.30 -20.53
CA SER A 96 -55.84 -49.26 -21.31
C SER A 96 -54.75 -50.07 -20.57
N PRO A 97 -54.97 -51.36 -20.45
CA PRO A 97 -53.99 -52.20 -19.76
C PRO A 97 -52.62 -52.28 -20.44
N ASP A 98 -51.60 -52.48 -19.63
CA ASP A 98 -50.26 -52.66 -20.16
C ASP A 98 -49.48 -53.53 -19.20
N GLU A 99 -48.20 -53.71 -19.49
CA GLU A 99 -47.32 -54.53 -18.66
C GLU A 99 -46.12 -53.70 -18.25
N GLN A 100 -46.33 -52.40 -18.09
CA GLN A 100 -45.23 -51.54 -17.67
C GLN A 100 -45.13 -51.59 -16.19
N VAL A 101 -43.90 -51.82 -15.74
CA VAL A 101 -43.66 -51.77 -14.33
C VAL A 101 -43.49 -50.32 -13.93
N ARG A 102 -44.23 -49.92 -12.91
CA ARG A 102 -44.20 -48.53 -12.43
C ARG A 102 -43.92 -48.55 -10.95
N TRP A 103 -43.15 -47.57 -10.49
CA TRP A 103 -42.73 -47.48 -9.09
C TRP A 103 -43.27 -46.22 -8.47
N VAL A 104 -43.60 -46.33 -7.19
CA VAL A 104 -43.91 -45.18 -6.37
C VAL A 104 -43.15 -45.19 -5.05
N GLY A 105 -42.90 -44.00 -4.53
CA GLY A 105 -42.38 -43.89 -3.18
C GLY A 105 -43.47 -44.38 -2.26
N GLU A 106 -43.04 -45.00 -1.16
CA GLU A 106 -43.95 -45.49 -0.17
C GLU A 106 -43.45 -44.94 1.16
N PRO A 107 -44.36 -44.33 1.95
CA PRO A 107 -45.79 -44.19 1.73
C PRO A 107 -46.22 -43.02 0.87
N GLY A 108 -45.27 -42.23 0.42
CA GLY A 108 -45.53 -41.15 -0.51
C GLY A 108 -44.33 -40.96 -1.42
N MET A 109 -44.53 -40.31 -2.56
CA MET A 109 -43.44 -40.07 -3.49
C MET A 109 -42.31 -39.33 -2.73
N SER A 110 -42.65 -38.58 -1.70
CA SER A 110 -41.62 -37.80 -0.97
C SER A 110 -40.64 -38.62 -0.15
N ALA A 111 -40.98 -39.87 0.13
CA ALA A 111 -40.17 -40.74 1.01
C ALA A 111 -38.79 -41.08 0.42
N ILE A 112 -38.68 -41.00 -0.89
CA ILE A 112 -37.45 -41.39 -1.54
C ILE A 112 -36.38 -40.36 -1.22
N THR A 113 -36.66 -39.12 -1.59
CA THR A 113 -35.73 -38.04 -1.32
C THR A 113 -35.57 -37.83 0.21
N ARG A 114 -36.65 -38.01 0.98
CA ARG A 114 -36.48 -37.81 2.42
C ARG A 114 -35.45 -38.83 2.92
N ALA A 115 -35.52 -40.05 2.42
CA ALA A 115 -34.55 -41.05 2.88
C ALA A 115 -33.12 -40.74 2.37
N MET A 116 -33.01 -40.28 1.13
CA MET A 116 -31.69 -39.96 0.59
C MET A 116 -31.05 -38.85 1.43
N ARG A 117 -31.85 -37.87 1.82
CA ARG A 117 -31.29 -36.77 2.60
C ARG A 117 -30.87 -37.22 3.97
N GLY A 118 -31.70 -38.06 4.59
CA GLY A 118 -31.42 -38.51 5.95
C GLY A 118 -31.06 -37.34 6.87
N ASP A 119 -29.91 -37.45 7.54
CA ASP A 119 -29.41 -36.45 8.51
C ASP A 119 -28.31 -35.56 7.95
N LEU A 120 -28.19 -35.50 6.63
CA LEU A 120 -27.19 -34.64 6.04
C LEU A 120 -27.45 -33.17 6.45
N PRO A 121 -26.37 -32.36 6.62
CA PRO A 121 -26.56 -30.95 6.99
C PRO A 121 -27.32 -30.18 5.91
N VAL A 122 -28.33 -29.42 6.32
CA VAL A 122 -29.20 -28.74 5.35
C VAL A 122 -29.70 -27.42 5.88
N SER A 123 -29.77 -26.44 4.99
CA SER A 123 -30.40 -25.15 5.31
C SER A 123 -31.63 -24.96 4.46
N PHE A 124 -32.80 -25.02 5.08
CA PHE A 124 -34.07 -24.86 4.37
C PHE A 124 -34.50 -23.39 4.43
N SER A 125 -35.51 -23.04 3.65
CA SER A 125 -35.97 -21.65 3.55
C SER A 125 -34.80 -20.70 3.32
N CYS A 126 -33.92 -21.15 2.46
CA CYS A 126 -32.72 -20.43 2.18
C CYS A 126 -32.61 -20.33 0.64
N ARG A 127 -33.05 -19.20 0.10
CA ARG A 127 -33.02 -19.00 -1.32
C ARG A 127 -31.66 -18.43 -1.69
N ILE A 128 -30.86 -19.19 -2.43
CA ILE A 128 -29.55 -18.69 -2.86
C ILE A 128 -29.72 -17.77 -4.08
N THR A 129 -29.09 -16.61 -4.01
CA THR A 129 -29.19 -15.63 -5.07
C THR A 129 -27.88 -15.41 -5.84
N ASP A 130 -26.74 -15.67 -5.20
CA ASP A 130 -25.42 -15.47 -5.80
C ASP A 130 -24.47 -16.52 -5.33
N VAL A 131 -23.63 -16.97 -6.28
CA VAL A 131 -22.59 -17.95 -6.06
C VAL A 131 -21.29 -17.41 -6.62
N PHE A 132 -20.27 -17.27 -5.78
CA PHE A 132 -19.04 -16.63 -6.23
C PHE A 132 -17.85 -17.23 -5.50
N ARG A 133 -16.67 -17.17 -6.10
CA ARG A 133 -15.52 -17.75 -5.44
C ARG A 133 -14.46 -16.71 -5.30
N GLY A 134 -13.68 -16.90 -4.26
CA GLY A 134 -12.49 -16.13 -4.05
C GLY A 134 -11.34 -16.89 -4.65
N GLU A 135 -10.15 -16.70 -4.11
CA GLU A 135 -9.01 -17.42 -4.64
C GLU A 135 -9.10 -18.91 -4.31
N GLN A 136 -9.64 -19.26 -3.13
CA GLN A 136 -9.69 -20.66 -2.68
C GLN A 136 -11.10 -21.25 -2.60
N HIS A 137 -12.04 -20.49 -2.03
CA HIS A 137 -13.33 -21.04 -1.58
C HIS A 137 -14.50 -20.44 -2.33
N TRP A 138 -15.59 -21.20 -2.32
CA TRP A 138 -16.88 -20.73 -2.80
C TRP A 138 -17.73 -20.14 -1.63
N ASN A 139 -18.60 -19.22 -2.01
CA ASN A 139 -19.46 -18.52 -1.10
C ASN A 139 -20.84 -18.42 -1.74
N LEU A 140 -21.90 -18.52 -0.93
CA LEU A 140 -23.27 -18.32 -1.38
C LEU A 140 -23.88 -17.15 -0.62
N LEU A 141 -24.61 -16.27 -1.34
CA LEU A 141 -25.43 -15.24 -0.74
C LEU A 141 -26.84 -15.65 -0.87
N ASP A 142 -27.61 -15.53 0.20
CA ASP A 142 -29.02 -15.83 0.13
C ASP A 142 -29.89 -14.59 0.03
N ALA A 143 -31.19 -14.78 -0.02
CA ALA A 143 -32.09 -13.67 -0.30
C ALA A 143 -32.17 -12.71 0.88
N GLU A 144 -31.65 -13.11 2.04
CA GLU A 144 -31.57 -12.22 3.20
C GLU A 144 -30.24 -11.54 3.29
N SER A 145 -29.46 -11.69 2.25
CA SER A 145 -28.12 -11.12 2.19
C SER A 145 -27.15 -11.75 3.20
N GLU A 146 -27.44 -12.95 3.68
CA GLU A 146 -26.50 -13.62 4.60
C GLU A 146 -25.55 -14.47 3.76
N ASN A 147 -24.26 -14.43 4.12
CA ASN A 147 -23.22 -15.20 3.46
C ASN A 147 -23.19 -16.63 3.95
N HIS A 148 -22.96 -17.56 3.05
CA HIS A 148 -22.72 -18.93 3.48
C HIS A 148 -21.42 -19.45 2.85
N GLY A 149 -20.60 -20.12 3.66
CA GLY A 149 -19.34 -20.63 3.16
C GLY A 149 -18.36 -20.51 4.31
N PRO A 150 -17.10 -20.86 4.07
CA PRO A 150 -16.60 -21.26 2.76
C PRO A 150 -17.00 -22.68 2.36
N PHE A 151 -17.06 -22.91 1.06
CA PHE A 151 -17.26 -24.25 0.49
C PHE A 151 -16.19 -24.57 -0.52
N SER A 152 -15.87 -25.84 -0.66
CA SER A 152 -14.78 -26.26 -1.53
C SER A 152 -15.17 -26.30 -2.98
N HIS A 153 -16.42 -26.69 -3.21
CA HIS A 153 -17.01 -26.84 -4.51
C HIS A 153 -18.48 -26.57 -4.38
N VAL A 154 -19.10 -26.31 -5.52
CA VAL A 154 -20.55 -26.09 -5.59
C VAL A 154 -21.19 -26.97 -6.69
N ILE A 155 -22.28 -27.60 -6.31
CA ILE A 155 -23.14 -28.30 -7.25
C ILE A 155 -24.47 -27.57 -7.31
N ILE A 156 -24.85 -27.15 -8.50
CA ILE A 156 -26.18 -26.57 -8.73
C ILE A 156 -27.09 -27.70 -9.21
N ALA A 157 -28.19 -27.92 -8.49
CA ALA A 157 -29.13 -28.98 -8.81
C ALA A 157 -30.57 -28.43 -8.84
N THR A 158 -30.79 -27.39 -9.62
CA THR A 158 -32.13 -26.75 -9.77
C THR A 158 -32.66 -26.86 -11.19
N PRO A 159 -33.96 -26.61 -11.38
CA PRO A 159 -34.40 -26.39 -12.77
C PRO A 159 -33.52 -25.35 -13.52
N ALA A 160 -33.36 -25.58 -14.80
CA ALA A 160 -32.43 -24.81 -15.62
C ALA A 160 -32.63 -23.27 -15.50
N PRO A 161 -33.89 -22.80 -15.59
CA PRO A 161 -34.07 -21.35 -15.52
C PRO A 161 -33.67 -20.78 -14.14
N GLN A 162 -33.70 -21.61 -13.09
CA GLN A 162 -33.31 -21.16 -11.75
C GLN A 162 -31.82 -21.34 -11.48
N ALA A 163 -31.18 -22.17 -12.28
CA ALA A 163 -29.71 -22.38 -12.22
C ALA A 163 -28.93 -21.21 -12.87
N THR A 164 -29.55 -20.56 -13.86
CA THR A 164 -28.83 -19.58 -14.63
C THR A 164 -28.35 -18.47 -13.70
N ALA A 165 -29.17 -18.10 -12.72
CA ALA A 165 -28.79 -17.04 -11.78
C ALA A 165 -27.62 -17.38 -10.89
N LEU A 166 -27.37 -18.66 -10.73
CA LEU A 166 -26.33 -19.17 -9.87
C LEU A 166 -25.03 -19.49 -10.58
N LEU A 167 -24.97 -19.21 -11.88
CA LEU A 167 -23.84 -19.58 -12.69
C LEU A 167 -23.08 -18.37 -13.21
N ALA A 168 -23.27 -17.23 -12.55
CA ALA A 168 -22.63 -16.02 -13.03
C ALA A 168 -21.09 -16.15 -13.05
N ALA A 169 -20.53 -17.04 -12.23
CA ALA A 169 -19.10 -17.26 -12.22
C ALA A 169 -18.62 -17.97 -13.46
N ALA A 170 -19.52 -18.54 -14.27
CA ALA A 170 -19.15 -19.31 -15.45
C ALA A 170 -20.13 -19.00 -16.56
N PRO A 171 -19.95 -17.83 -17.19
CA PRO A 171 -21.00 -17.30 -18.06
C PRO A 171 -21.26 -18.19 -19.26
N LYS A 172 -20.23 -18.90 -19.73
CA LYS A 172 -20.42 -19.82 -20.85
C LYS A 172 -21.37 -20.93 -20.44
N LEU A 173 -21.18 -21.50 -19.25
CA LEU A 173 -22.10 -22.50 -18.71
C LEU A 173 -23.47 -21.85 -18.52
N ALA A 174 -23.50 -20.64 -17.95
CA ALA A 174 -24.77 -19.96 -17.76
C ALA A 174 -25.57 -19.84 -19.06
N SER A 175 -24.85 -19.46 -20.10
CA SER A 175 -25.46 -19.27 -21.40
C SER A 175 -26.09 -20.55 -21.99
N VAL A 176 -25.41 -21.68 -21.80
CA VAL A 176 -25.93 -22.96 -22.23
C VAL A 176 -27.22 -23.31 -21.45
N VAL A 177 -27.18 -23.10 -20.13
CA VAL A 177 -28.26 -23.47 -19.25
C VAL A 177 -29.45 -22.59 -19.54
N ALA A 178 -29.20 -21.31 -19.81
CA ALA A 178 -30.26 -20.40 -20.11
C ALA A 178 -31.13 -20.77 -21.32
N GLY A 179 -30.57 -21.55 -22.24
CA GLY A 179 -31.29 -22.00 -23.43
C GLY A 179 -32.21 -23.16 -23.20
N VAL A 180 -32.18 -23.71 -22.00
CA VAL A 180 -32.96 -24.89 -21.76
C VAL A 180 -34.37 -24.51 -21.33
N LYS A 181 -35.35 -24.84 -22.15
CA LYS A 181 -36.71 -24.48 -21.87
C LYS A 181 -37.42 -25.52 -21.01
N MET A 182 -38.15 -25.02 -20.03
CA MET A 182 -38.97 -25.89 -19.21
C MET A 182 -40.45 -25.47 -19.30
N ASP A 183 -41.34 -26.45 -19.44
CA ASP A 183 -42.80 -26.19 -19.53
C ASP A 183 -43.41 -26.26 -18.14
N PRO A 184 -44.50 -25.49 -17.93
CA PRO A 184 -45.23 -25.47 -16.67
C PRO A 184 -46.31 -26.55 -16.66
N THR A 185 -46.74 -26.85 -15.44
CA THR A 185 -47.86 -27.76 -15.21
C THR A 185 -48.66 -27.26 -14.04
N TRP A 186 -49.98 -27.15 -14.21
CA TRP A 186 -50.90 -26.98 -13.09
C TRP A 186 -51.37 -28.37 -12.61
N ALA A 187 -51.34 -28.59 -11.31
CA ALA A 187 -51.88 -29.78 -10.68
C ALA A 187 -52.98 -29.37 -9.73
N VAL A 188 -54.01 -30.23 -9.65
CA VAL A 188 -55.13 -30.08 -8.73
C VAL A 188 -55.33 -31.39 -8.01
N ALA A 189 -55.63 -31.33 -6.71
CA ALA A 189 -56.04 -32.50 -5.95
C ALA A 189 -57.43 -32.31 -5.42
N LEU A 190 -58.23 -33.38 -5.45
CA LEU A 190 -59.59 -33.40 -4.94
C LEU A 190 -59.71 -34.60 -4.03
N ALA A 191 -60.42 -34.44 -2.91
CA ALA A 191 -60.62 -35.56 -2.02
C ALA A 191 -62.11 -35.73 -1.69
N PHE A 192 -62.59 -36.97 -1.72
CA PHE A 192 -64.00 -37.27 -1.47
C PHE A 192 -64.23 -38.17 -0.24
N GLU A 193 -65.29 -37.95 0.52
CA GLU A 193 -65.59 -38.81 1.66
C GLU A 193 -66.15 -40.16 1.10
N THR A 194 -67.12 -40.10 0.17
CA THR A 194 -67.57 -41.34 -0.42
C THR A 194 -66.73 -41.55 -1.68
N PRO A 195 -66.09 -42.72 -1.79
CA PRO A 195 -65.28 -43.06 -2.97
C PRO A 195 -66.07 -43.04 -4.23
N LEU A 196 -65.44 -42.53 -5.28
CA LEU A 196 -66.07 -42.52 -6.56
C LEU A 196 -66.31 -43.97 -7.01
N GLN A 197 -67.51 -44.19 -7.53
CA GLN A 197 -67.93 -45.49 -7.94
C GLN A 197 -67.41 -45.85 -9.31
N THR A 198 -66.10 -45.99 -9.40
CA THR A 198 -65.44 -46.44 -10.62
C THR A 198 -64.27 -47.37 -10.31
N PRO A 199 -64.00 -48.33 -11.21
CA PRO A 199 -62.81 -49.17 -11.04
C PRO A 199 -61.52 -48.48 -11.54
N MET A 200 -61.65 -47.37 -12.26
CA MET A 200 -60.50 -46.62 -12.77
C MET A 200 -59.59 -46.18 -11.60
N GLN A 201 -58.30 -46.36 -11.80
CA GLN A 201 -57.31 -45.95 -10.82
C GLN A 201 -56.32 -44.94 -11.41
N GLY A 202 -56.33 -44.78 -12.72
CA GLY A 202 -55.52 -43.78 -13.40
C GLY A 202 -55.95 -43.60 -14.85
N CYS A 203 -55.72 -42.45 -15.44
CA CYS A 203 -56.14 -42.29 -16.82
C CYS A 203 -55.17 -41.41 -17.59
N PHE A 204 -54.77 -41.86 -18.77
CA PHE A 204 -54.10 -40.99 -19.71
C PHE A 204 -55.19 -40.29 -20.51
N VAL A 205 -55.10 -38.97 -20.61
CA VAL A 205 -56.19 -38.20 -21.17
C VAL A 205 -55.74 -37.42 -22.39
N GLN A 206 -56.53 -37.47 -23.46
CA GLN A 206 -56.31 -36.58 -24.61
C GLN A 206 -57.53 -35.69 -24.82
N ASP A 207 -57.32 -34.62 -25.61
CA ASP A 207 -58.42 -33.72 -25.99
C ASP A 207 -59.11 -33.10 -24.80
N SER A 208 -58.29 -32.72 -23.84
CA SER A 208 -58.77 -32.22 -22.58
C SER A 208 -57.72 -31.31 -22.00
N PRO A 209 -58.13 -30.41 -21.11
CA PRO A 209 -57.15 -29.69 -20.31
C PRO A 209 -56.24 -30.64 -19.55
N LEU A 210 -56.80 -31.78 -19.19
CA LEU A 210 -56.05 -32.77 -18.43
C LEU A 210 -55.24 -33.67 -19.33
N ASP A 211 -54.07 -34.13 -18.89
CA ASP A 211 -53.45 -35.28 -19.60
C ASP A 211 -53.28 -36.49 -18.71
N TRP A 212 -53.49 -36.31 -17.41
CA TRP A 212 -53.33 -37.40 -16.47
C TRP A 212 -54.17 -37.20 -15.23
N LEU A 213 -54.64 -38.31 -14.68
CA LEU A 213 -55.27 -38.30 -13.37
C LEU A 213 -54.96 -39.65 -12.69
N ALA A 214 -54.92 -39.61 -11.37
CA ALA A 214 -54.60 -40.77 -10.57
C ALA A 214 -55.34 -40.78 -9.22
N ARG A 215 -55.65 -41.99 -8.83
CA ARG A 215 -56.32 -42.29 -7.58
C ARG A 215 -55.30 -42.71 -6.54
N ASN A 216 -55.13 -41.90 -5.52
CA ASN A 216 -54.05 -42.15 -4.54
C ASN A 216 -54.26 -43.41 -3.76
N ARG A 217 -55.48 -43.71 -3.39
CA ARG A 217 -55.68 -44.90 -2.59
C ARG A 217 -55.37 -46.19 -3.34
N SER A 218 -55.17 -46.16 -4.66
CA SER A 218 -54.78 -47.35 -5.40
C SER A 218 -53.27 -47.59 -5.23
N LYS A 219 -52.57 -46.63 -4.63
CA LYS A 219 -51.12 -46.76 -4.44
C LYS A 219 -50.78 -47.49 -3.10
N PRO A 220 -49.77 -48.36 -3.12
CA PRO A 220 -49.46 -49.13 -1.91
C PRO A 220 -49.07 -48.29 -0.70
N GLY A 221 -49.69 -48.60 0.42
CA GLY A 221 -49.31 -48.02 1.69
C GLY A 221 -49.89 -46.65 1.92
N ARG A 222 -50.82 -46.21 1.09
CA ARG A 222 -51.47 -44.92 1.36
C ARG A 222 -52.59 -45.05 2.38
N ASP A 223 -52.94 -43.92 2.97
CA ASP A 223 -54.09 -43.77 3.89
C ASP A 223 -55.40 -43.74 3.09
N ASP A 224 -56.22 -44.77 3.30
CA ASP A 224 -57.44 -44.98 2.52
C ASP A 224 -58.61 -44.13 2.98
N THR A 225 -58.43 -43.30 4.01
CA THR A 225 -59.60 -42.67 4.65
C THR A 225 -60.42 -41.87 3.64
N LEU A 226 -59.78 -40.93 2.95
CA LEU A 226 -60.45 -40.20 1.86
C LEU A 226 -60.04 -40.72 0.49
N ASP A 227 -60.96 -40.66 -0.46
CA ASP A 227 -60.64 -40.98 -1.82
C ASP A 227 -60.08 -39.71 -2.55
N SER A 228 -58.77 -39.57 -2.64
CA SER A 228 -58.16 -38.38 -3.24
C SER A 228 -57.65 -38.70 -4.65
N TRP A 229 -57.83 -37.72 -5.51
CA TRP A 229 -57.44 -37.80 -6.90
C TRP A 229 -56.52 -36.62 -7.27
N VAL A 230 -55.51 -36.92 -8.08
CA VAL A 230 -54.62 -35.91 -8.57
C VAL A 230 -54.86 -35.71 -10.05
N LEU A 231 -55.04 -34.46 -10.44
CA LEU A 231 -55.28 -34.07 -11.81
C LEU A 231 -54.08 -33.28 -12.32
N HIS A 232 -53.48 -33.64 -13.45
CA HIS A 232 -52.40 -32.84 -14.06
C HIS A 232 -52.88 -32.32 -15.40
N ALA A 233 -52.80 -31.00 -15.55
CA ALA A 233 -53.14 -30.38 -16.83
C ALA A 233 -51.97 -30.55 -17.79
N THR A 234 -52.28 -30.47 -19.07
CA THR A 234 -51.26 -30.41 -20.10
C THR A 234 -50.42 -29.16 -19.97
N SER A 235 -49.24 -29.19 -20.57
CA SER A 235 -48.40 -27.99 -20.57
C SER A 235 -49.04 -26.90 -21.45
N GLN A 236 -49.69 -27.28 -22.54
CA GLN A 236 -50.40 -26.30 -23.37
C GLN A 236 -51.47 -25.58 -22.56
N TRP A 237 -52.32 -26.33 -21.87
CA TRP A 237 -53.38 -25.71 -21.09
C TRP A 237 -52.75 -24.92 -19.97
N SER A 238 -51.69 -25.46 -19.40
CA SER A 238 -51.10 -24.79 -18.26
C SER A 238 -50.56 -23.42 -18.67
N ARG A 239 -49.93 -23.35 -19.83
CA ARG A 239 -49.44 -22.07 -20.35
C ARG A 239 -50.54 -21.08 -20.60
N GLN A 240 -51.60 -21.54 -21.27
CA GLN A 240 -52.77 -20.72 -21.54
C GLN A 240 -53.39 -20.17 -20.24
N ASN A 241 -53.18 -20.84 -19.12
CA ASN A 241 -53.79 -20.44 -17.88
C ASN A 241 -52.77 -20.22 -16.81
N LEU A 242 -51.59 -19.82 -17.22
CA LEU A 242 -50.48 -19.80 -16.28
C LEU A 242 -50.72 -18.83 -15.12
N ASP A 243 -51.42 -17.73 -15.38
CA ASP A 243 -51.67 -16.73 -14.35
C ASP A 243 -53.11 -16.80 -13.80
N ALA A 244 -53.78 -17.91 -14.03
CA ALA A 244 -55.09 -18.13 -13.39
C ALA A 244 -54.95 -18.24 -11.87
N SER A 245 -55.98 -17.90 -11.12
CA SER A 245 -55.95 -18.11 -9.68
C SER A 245 -56.11 -19.61 -9.42
N ARG A 246 -55.66 -20.06 -8.24
CA ARG A 246 -55.85 -21.45 -7.84
C ARG A 246 -57.31 -21.88 -7.93
N GLU A 247 -58.19 -21.00 -7.47
CA GLU A 247 -59.59 -21.37 -7.41
C GLU A 247 -60.11 -21.59 -8.87
N GLN A 248 -59.66 -20.77 -9.82
CA GLN A 248 -60.10 -20.92 -11.20
C GLN A 248 -59.58 -22.24 -11.78
N VAL A 249 -58.32 -22.53 -11.54
CA VAL A 249 -57.71 -23.76 -12.00
C VAL A 249 -58.46 -24.98 -11.45
N ILE A 250 -58.75 -24.96 -10.15
CA ILE A 250 -59.52 -26.03 -9.53
C ILE A 250 -60.85 -26.20 -10.26
N GLU A 251 -61.56 -25.09 -10.42
CA GLU A 251 -62.87 -25.12 -11.07
C GLU A 251 -62.77 -25.74 -12.47
N HIS A 252 -61.79 -25.29 -13.28
CA HIS A 252 -61.68 -25.83 -14.65
C HIS A 252 -61.22 -27.30 -14.67
N LEU A 253 -60.24 -27.64 -13.85
CA LEU A 253 -59.74 -29.03 -13.92
C LEU A 253 -60.73 -29.99 -13.21
N HIS A 254 -61.36 -29.53 -12.13
CA HIS A 254 -62.44 -30.31 -11.52
C HIS A 254 -63.55 -30.59 -12.60
N GLY A 255 -63.89 -29.57 -13.36
CA GLY A 255 -64.86 -29.72 -14.40
C GLY A 255 -64.43 -30.71 -15.47
N ALA A 256 -63.17 -30.65 -15.85
CA ALA A 256 -62.63 -31.58 -16.87
C ALA A 256 -62.77 -33.00 -16.39
N PHE A 257 -62.53 -33.20 -15.10
CA PHE A 257 -62.64 -34.49 -14.45
C PHE A 257 -64.06 -34.99 -14.42
N ALA A 258 -65.00 -34.13 -14.01
CA ALA A 258 -66.44 -34.49 -13.96
C ALA A 258 -66.96 -34.82 -15.36
N GLU A 259 -66.35 -34.19 -16.35
CA GLU A 259 -66.77 -34.42 -17.75
C GLU A 259 -66.41 -35.83 -18.24
N LEU A 260 -65.25 -36.34 -17.81
CA LEU A 260 -64.81 -37.60 -18.35
C LEU A 260 -65.15 -38.79 -17.48
N ILE A 261 -65.36 -38.57 -16.19
CA ILE A 261 -65.68 -39.63 -15.24
C ILE A 261 -67.05 -40.27 -15.53
N ASP A 262 -67.15 -41.57 -15.31
CA ASP A 262 -68.33 -42.35 -15.65
C ASP A 262 -69.27 -42.56 -14.47
N CYS A 263 -69.12 -41.74 -13.44
CA CYS A 263 -69.94 -41.87 -12.26
C CYS A 263 -70.25 -40.54 -11.63
N ALA A 264 -71.09 -40.62 -10.61
CA ALA A 264 -71.51 -39.48 -9.78
C ALA A 264 -70.33 -38.98 -9.03
N MET A 265 -70.32 -37.68 -8.73
CA MET A 265 -69.22 -37.09 -7.99
C MET A 265 -69.75 -36.19 -6.87
N PRO A 266 -69.57 -36.61 -5.62
CA PRO A 266 -70.03 -35.69 -4.58
C PRO A 266 -69.12 -34.46 -4.45
N ALA A 267 -69.56 -33.50 -3.66
CA ALA A 267 -68.77 -32.36 -3.30
C ALA A 267 -67.52 -32.86 -2.58
N PRO A 268 -66.37 -32.30 -2.92
CA PRO A 268 -65.14 -32.73 -2.23
C PRO A 268 -65.02 -32.19 -0.79
N VAL A 269 -64.21 -32.84 0.03
CA VAL A 269 -64.04 -32.34 1.37
C VAL A 269 -62.99 -31.24 1.38
N PHE A 270 -62.08 -31.25 0.42
CA PHE A 270 -61.12 -30.18 0.23
C PHE A 270 -60.61 -30.28 -1.22
N SER A 271 -59.96 -29.23 -1.72
CA SER A 271 -59.49 -29.21 -3.10
C SER A 271 -58.24 -28.31 -3.06
N LEU A 272 -57.21 -28.70 -3.82
CA LEU A 272 -55.93 -28.01 -3.82
C LEU A 272 -55.42 -27.83 -5.26
N ALA A 273 -54.66 -26.76 -5.48
CA ALA A 273 -53.98 -26.54 -6.75
C ALA A 273 -52.51 -26.13 -6.52
N HIS A 274 -51.64 -26.59 -7.37
CA HIS A 274 -50.28 -26.15 -7.28
C HIS A 274 -49.69 -25.92 -8.69
N ARG A 275 -49.02 -24.78 -8.86
CA ARG A 275 -48.39 -24.46 -10.14
C ARG A 275 -46.89 -24.68 -10.15
N TRP A 276 -46.40 -25.44 -11.10
CA TRP A 276 -44.94 -25.48 -11.37
C TRP A 276 -44.67 -24.76 -12.65
N LEU A 277 -43.98 -23.62 -12.54
CA LEU A 277 -43.60 -22.89 -13.73
C LEU A 277 -42.64 -23.75 -14.54
N TYR A 278 -41.77 -24.49 -13.83
CA TYR A 278 -40.68 -25.25 -14.53
C TYR A 278 -40.83 -26.73 -14.23
N ALA A 279 -41.90 -27.29 -14.79
CA ALA A 279 -42.37 -28.64 -14.46
C ALA A 279 -41.55 -29.66 -15.16
N ARG A 280 -41.25 -29.39 -16.43
CA ARG A 280 -40.47 -30.33 -17.23
C ARG A 280 -39.80 -29.77 -18.45
N PRO A 281 -38.68 -30.38 -18.81
CA PRO A 281 -37.98 -29.87 -19.97
C PRO A 281 -38.78 -30.09 -21.22
N ALA A 282 -38.73 -29.08 -22.07
CA ALA A 282 -39.45 -29.08 -23.34
C ALA A 282 -38.85 -30.14 -24.26
N GLY A 283 -37.55 -30.40 -24.08
CA GLY A 283 -36.84 -31.41 -24.84
C GLY A 283 -35.90 -32.30 -24.08
N SER A 284 -35.29 -33.25 -24.78
CA SER A 284 -34.31 -34.15 -24.17
C SER A 284 -32.89 -33.68 -24.36
N HIS A 285 -32.02 -34.10 -23.46
CA HIS A 285 -30.59 -33.81 -23.56
C HIS A 285 -29.77 -35.03 -23.24
N GLU A 286 -28.50 -34.98 -23.61
CA GLU A 286 -27.64 -36.11 -23.38
C GLU A 286 -26.43 -35.71 -22.59
N TRP A 287 -26.42 -34.48 -22.09
CA TRP A 287 -25.25 -33.99 -21.38
C TRP A 287 -24.92 -34.83 -20.18
N GLY A 288 -25.95 -35.28 -19.43
CA GLY A 288 -25.70 -35.91 -18.15
C GLY A 288 -25.52 -34.93 -17.00
N ALA A 289 -24.49 -34.12 -17.14
CA ALA A 289 -24.22 -32.99 -16.23
C ALA A 289 -23.42 -31.95 -16.97
N LEU A 290 -23.35 -30.75 -16.39
CA LEU A 290 -22.46 -29.79 -16.96
C LEU A 290 -21.51 -29.39 -15.88
N SER A 291 -20.25 -29.22 -16.23
CA SER A 291 -19.30 -28.86 -15.22
C SER A 291 -18.18 -27.99 -15.80
N ASP A 292 -17.68 -27.17 -14.90
CA ASP A 292 -16.45 -26.43 -14.98
C ASP A 292 -15.50 -26.86 -13.89
N ALA A 293 -14.73 -27.90 -14.18
CA ALA A 293 -13.92 -28.51 -13.18
C ALA A 293 -12.86 -27.56 -12.69
N ASP A 294 -12.31 -26.77 -13.60
CA ASP A 294 -11.28 -25.85 -13.22
C ASP A 294 -11.74 -24.91 -12.11
N LEU A 295 -12.96 -24.45 -12.21
CA LEU A 295 -13.48 -23.49 -11.25
C LEU A 295 -14.05 -24.17 -10.04
N GLY A 296 -14.54 -25.38 -10.24
CA GLY A 296 -15.14 -26.12 -9.15
C GLY A 296 -16.66 -26.04 -9.05
N ILE A 297 -17.31 -25.74 -10.15
CA ILE A 297 -18.77 -25.65 -10.13
C ILE A 297 -19.39 -26.66 -11.15
N TYR A 298 -20.43 -27.37 -10.70
CA TYR A 298 -21.07 -28.48 -11.46
C TYR A 298 -22.58 -28.27 -11.49
N VAL A 299 -23.22 -28.70 -12.57
CA VAL A 299 -24.62 -28.48 -12.75
C VAL A 299 -25.24 -29.80 -13.13
N CYS A 300 -26.37 -30.09 -12.49
CA CYS A 300 -27.16 -31.31 -12.77
C CYS A 300 -28.67 -31.04 -12.61
N GLY A 301 -29.47 -32.01 -13.01
CA GLY A 301 -30.92 -31.92 -12.96
C GLY A 301 -31.53 -32.84 -14.03
N ASP A 302 -32.81 -33.13 -13.92
CA ASP A 302 -33.50 -33.95 -14.89
C ASP A 302 -33.29 -33.45 -16.33
N TRP A 303 -33.16 -32.13 -16.49
CA TRP A 303 -33.10 -31.52 -17.80
C TRP A 303 -31.73 -31.75 -18.49
N CYS A 304 -30.74 -32.32 -17.77
CA CYS A 304 -29.44 -32.69 -18.39
C CYS A 304 -29.56 -33.99 -19.16
N LEU A 305 -30.67 -34.67 -18.88
CA LEU A 305 -30.96 -35.94 -19.54
C LEU A 305 -32.40 -35.95 -20.01
N SER A 306 -33.21 -36.90 -19.49
CA SER A 306 -34.53 -37.22 -20.06
C SER A 306 -35.73 -36.51 -19.43
N GLY A 307 -35.53 -35.81 -18.33
CA GLY A 307 -36.62 -35.09 -17.73
C GLY A 307 -37.56 -35.93 -16.88
N ARG A 308 -37.07 -37.08 -16.42
CA ARG A 308 -37.80 -38.01 -15.56
C ARG A 308 -37.00 -38.21 -14.26
N VAL A 309 -37.60 -38.86 -13.28
CA VAL A 309 -36.92 -39.14 -12.01
C VAL A 309 -35.58 -39.82 -12.29
N GLU A 310 -35.61 -40.81 -13.19
CA GLU A 310 -34.39 -41.54 -13.56
C GLU A 310 -33.34 -40.60 -14.12
N GLY A 311 -33.75 -39.68 -14.97
CA GLY A 311 -32.79 -38.72 -15.50
C GLY A 311 -32.19 -37.85 -14.39
N ALA A 312 -33.01 -37.43 -13.44
CA ALA A 312 -32.47 -36.59 -12.34
C ALA A 312 -31.46 -37.37 -11.53
N TRP A 313 -31.81 -38.60 -11.18
CA TRP A 313 -30.90 -39.40 -10.36
C TRP A 313 -29.59 -39.60 -11.09
N LEU A 314 -29.67 -40.03 -12.36
CA LEU A 314 -28.48 -40.21 -13.16
C LEU A 314 -27.66 -38.92 -13.28
N SER A 315 -28.31 -37.77 -13.49
CA SER A 315 -27.56 -36.52 -13.65
C SER A 315 -26.76 -36.17 -12.39
N GLY A 316 -27.39 -36.32 -11.24
CA GLY A 316 -26.71 -36.06 -9.98
C GLY A 316 -25.57 -37.06 -9.77
N GLN A 317 -25.73 -38.32 -10.15
CA GLN A 317 -24.61 -39.23 -10.06
C GLN A 317 -23.43 -38.76 -10.92
N GLU A 318 -23.71 -38.27 -12.10
CA GLU A 318 -22.64 -37.87 -13.01
C GLU A 318 -21.88 -36.65 -12.49
N ALA A 319 -22.60 -35.68 -11.95
CA ALA A 319 -21.96 -34.48 -11.37
C ALA A 319 -21.02 -34.87 -10.24
N ALA A 320 -21.50 -35.77 -9.39
CA ALA A 320 -20.71 -36.24 -8.25
C ALA A 320 -19.49 -36.99 -8.77
N ARG A 321 -19.71 -37.82 -9.77
CA ARG A 321 -18.63 -38.62 -10.32
C ARG A 321 -17.48 -37.69 -10.80
N ARG A 322 -17.84 -36.61 -11.49
CA ARG A 322 -16.87 -35.65 -12.02
C ARG A 322 -16.18 -34.91 -10.90
N LEU A 323 -16.95 -34.52 -9.89
CA LEU A 323 -16.38 -33.78 -8.79
C LEU A 323 -15.35 -34.65 -8.09
N LEU A 324 -15.72 -35.88 -7.80
CA LEU A 324 -14.85 -36.77 -7.08
C LEU A 324 -13.59 -37.00 -7.89
N GLU A 325 -13.70 -37.11 -9.19
CA GLU A 325 -12.50 -37.35 -9.97
C GLU A 325 -11.62 -36.11 -9.90
N HIS A 326 -12.20 -34.92 -9.82
CA HIS A 326 -11.32 -33.78 -9.87
C HIS A 326 -10.70 -33.49 -8.48
N LEU A 327 -11.32 -34.00 -7.41
CA LEU A 327 -10.77 -33.87 -6.05
C LEU A 327 -9.44 -34.58 -5.91
N GLN A 328 -8.42 -34.27 -6.70
CA GLN A 328 -7.32 -35.23 -6.83
C GLN A 328 -6.01 -34.60 -7.24
N VAL B 3 51.31 2.57 24.87
CA VAL B 3 50.29 3.51 24.41
C VAL B 3 49.32 2.85 23.43
N PRO B 4 48.02 2.93 23.71
CA PRO B 4 47.05 2.15 22.97
C PRO B 4 46.70 2.63 21.59
N ILE B 5 46.01 1.74 20.88
CA ILE B 5 45.43 1.99 19.59
C ILE B 5 44.02 2.51 19.73
N ALA B 6 43.74 3.62 19.06
CA ALA B 6 42.40 4.16 19.10
C ALA B 6 41.58 3.50 18.00
N ILE B 7 40.36 3.11 18.36
CA ILE B 7 39.40 2.60 17.37
C ILE B 7 38.16 3.45 17.45
N ILE B 8 37.82 4.12 16.36
CA ILE B 8 36.66 5.01 16.35
C ILE B 8 35.51 4.27 15.68
N GLY B 9 34.49 3.89 16.47
CA GLY B 9 33.37 3.11 15.96
C GLY B 9 33.30 1.76 16.60
N THR B 10 32.14 1.45 17.21
CA THR B 10 32.00 0.18 17.89
C THR B 10 30.91 -0.67 17.30
N GLY B 11 30.78 -0.61 15.98
CA GLY B 11 30.01 -1.59 15.25
C GLY B 11 30.89 -2.79 15.06
N ILE B 12 30.45 -3.69 14.19
CA ILE B 12 31.10 -4.96 14.04
C ILE B 12 32.50 -4.78 13.40
N ALA B 13 32.70 -3.81 12.56
CA ALA B 13 34.00 -3.62 11.95
C ALA B 13 35.02 -3.17 12.99
N GLY B 14 34.67 -2.15 13.77
CA GLY B 14 35.56 -1.64 14.79
C GLY B 14 35.88 -2.71 15.81
N LEU B 15 34.86 -3.46 16.23
CA LEU B 15 35.04 -4.44 17.28
C LEU B 15 35.78 -5.67 16.78
N SER B 16 35.62 -5.93 15.50
CA SER B 16 36.36 -6.99 14.85
C SER B 16 37.84 -6.70 14.88
N ALA B 17 38.20 -5.48 14.50
CA ALA B 17 39.59 -5.02 14.62
C ALA B 17 40.08 -5.13 16.05
N ALA B 18 39.26 -4.65 16.98
CA ALA B 18 39.61 -4.67 18.40
C ALA B 18 39.87 -6.08 18.87
N GLN B 19 39.02 -7.03 18.46
CA GLN B 19 39.21 -8.42 18.89
C GLN B 19 40.56 -8.95 18.37
N ALA B 20 40.84 -8.70 17.10
CA ALA B 20 42.10 -9.18 16.52
C ALA B 20 43.33 -8.53 17.20
N LEU B 21 43.28 -7.24 17.42
CA LEU B 21 44.42 -6.57 18.08
C LEU B 21 44.63 -7.09 19.49
N THR B 22 43.55 -7.30 20.21
CA THR B 22 43.67 -7.70 21.59
C THR B 22 44.11 -9.15 21.70
N SER B 23 43.69 -9.97 20.75
CA SER B 23 44.15 -11.34 20.71
C SER B 23 45.62 -11.39 20.46
N ALA B 24 46.14 -10.36 19.81
CA ALA B 24 47.56 -10.32 19.50
C ALA B 24 48.36 -9.67 20.64
N GLY B 25 47.65 -9.33 21.72
CA GLY B 25 48.26 -8.80 22.91
C GLY B 25 48.36 -7.28 22.94
N HIS B 26 47.65 -6.59 22.07
CA HIS B 26 47.78 -5.13 22.02
C HIS B 26 46.61 -4.43 22.70
N GLN B 27 46.89 -3.26 23.30
CA GLN B 27 45.84 -2.50 23.99
C GLN B 27 45.11 -1.53 23.03
N VAL B 28 43.80 -1.41 23.22
CA VAL B 28 42.98 -0.51 22.39
C VAL B 28 42.16 0.37 23.29
N HIS B 29 41.67 1.47 22.74
CA HIS B 29 40.63 2.24 23.37
C HIS B 29 39.57 2.57 22.37
N LEU B 30 38.34 2.19 22.69
CA LEU B 30 37.24 2.34 21.76
C LEU B 30 36.49 3.64 21.96
N PHE B 31 35.99 4.19 20.86
CA PHE B 31 35.21 5.41 20.86
C PHE B 31 33.93 5.24 20.08
N ASP B 32 32.82 5.77 20.61
CA ASP B 32 31.57 5.87 19.87
C ASP B 32 30.76 7.09 20.33
N LYS B 33 30.16 7.79 19.39
CA LYS B 33 29.28 8.91 19.64
C LYS B 33 27.96 8.43 20.27
N SER B 34 27.60 7.17 20.09
CA SER B 34 26.36 6.66 20.70
C SER B 34 26.58 6.26 22.16
N ARG B 35 25.47 5.93 22.82
CA ARG B 35 25.48 5.53 24.21
C ARG B 35 25.94 4.10 24.46
N GLY B 36 25.87 3.29 23.41
CA GLY B 36 26.36 1.93 23.45
C GLY B 36 26.99 1.54 22.10
N SER B 37 27.42 0.28 22.01
CA SER B 37 28.08 -0.25 20.85
C SER B 37 27.06 -1.00 19.96
N GLY B 38 27.57 -1.51 18.84
CA GLY B 38 26.73 -2.25 17.94
C GLY B 38 26.46 -1.60 16.60
N GLY B 39 26.42 -0.27 16.58
CA GLY B 39 26.12 0.46 15.34
C GLY B 39 24.86 0.01 14.64
N ARG B 40 24.96 -0.34 13.38
CA ARG B 40 23.80 -0.74 12.57
C ARG B 40 23.24 -2.14 12.90
N MET B 41 23.86 -2.84 13.85
CA MET B 41 23.34 -4.08 14.34
C MET B 41 22.34 -3.84 15.46
N SER B 42 22.32 -2.60 15.92
CA SER B 42 21.56 -2.10 17.07
C SER B 42 22.36 -2.35 18.35
N SER B 43 21.95 -1.64 19.38
CA SER B 43 22.63 -1.61 20.67
C SER B 43 21.81 -2.28 21.79
N LYS B 44 22.51 -2.98 22.68
CA LYS B 44 21.92 -3.62 23.85
C LYS B 44 21.74 -2.67 25.03
N LEU B 51 14.33 -5.42 19.76
CA LEU B 51 13.49 -5.40 18.52
C LEU B 51 14.21 -5.54 17.20
N ASP B 52 15.53 -5.63 17.26
CA ASP B 52 16.41 -5.71 16.07
C ASP B 52 15.91 -4.80 14.95
N MET B 53 16.08 -3.51 15.11
CA MET B 53 15.63 -2.52 14.11
C MET B 53 16.60 -2.30 12.95
N GLY B 54 17.84 -2.68 13.17
CA GLY B 54 18.86 -2.57 12.15
C GLY B 54 18.99 -3.89 11.42
N ALA B 55 20.21 -4.42 11.39
CA ALA B 55 20.51 -5.70 10.78
C ALA B 55 19.53 -6.73 11.25
N GLN B 56 18.97 -7.50 10.31
CA GLN B 56 17.92 -8.47 10.62
C GLN B 56 18.38 -9.93 10.82
N TYR B 57 19.34 -10.37 10.02
CA TYR B 57 19.92 -11.70 10.07
C TYR B 57 21.19 -11.59 9.23
N PHE B 58 22.09 -12.56 9.28
CA PHE B 58 23.19 -12.44 8.34
C PHE B 58 23.57 -13.84 7.84
N THR B 59 24.20 -13.89 6.69
CA THR B 59 24.69 -15.14 6.11
C THR B 59 26.20 -15.16 6.24
N ALA B 60 26.76 -16.37 6.22
CA ALA B 60 28.20 -16.55 6.26
C ALA B 60 28.63 -17.37 5.05
N ARG B 61 29.35 -16.74 4.14
CA ARG B 61 29.77 -17.37 2.91
C ARG B 61 31.28 -17.54 2.92
N ASP B 62 31.96 -16.69 3.68
CA ASP B 62 33.39 -16.77 3.83
C ASP B 62 33.80 -17.70 4.95
N ARG B 63 34.73 -18.59 4.65
CA ARG B 63 35.14 -19.63 5.59
C ARG B 63 35.65 -19.03 6.90
N ARG B 64 36.41 -17.94 6.79
CA ARG B 64 36.97 -17.29 7.97
C ARG B 64 35.86 -16.69 8.87
N PHE B 65 34.87 -16.08 8.25
CA PHE B 65 33.76 -15.48 9.00
C PHE B 65 32.93 -16.61 9.61
N ALA B 66 32.69 -17.65 8.83
CA ALA B 66 31.96 -18.84 9.30
C ALA B 66 32.56 -19.42 10.57
N THR B 67 33.86 -19.42 10.62
CA THR B 67 34.59 -19.90 11.77
C THR B 67 34.28 -18.98 12.96
N ALA B 68 34.22 -17.69 12.69
CA ALA B 68 33.91 -16.70 13.74
C ALA B 68 32.49 -16.95 14.24
N VAL B 69 31.56 -17.19 13.33
CA VAL B 69 30.17 -17.43 13.71
C VAL B 69 30.07 -18.71 14.61
N LYS B 70 30.82 -19.76 14.30
CA LYS B 70 30.79 -20.97 15.15
C LYS B 70 31.29 -20.67 16.56
N GLN B 71 32.27 -19.78 16.69
CA GLN B 71 32.71 -19.30 17.98
C GLN B 71 31.61 -18.55 18.72
N TRP B 72 30.93 -17.65 18.01
CA TRP B 72 29.84 -16.93 18.63
C TRP B 72 28.73 -17.92 19.07
N GLN B 73 28.47 -18.92 18.24
CA GLN B 73 27.50 -19.97 18.59
C GLN B 73 27.90 -20.66 19.88
N ALA B 74 29.15 -21.05 19.93
CA ALA B 74 29.64 -21.77 21.09
C ALA B 74 29.59 -20.85 22.33
N GLN B 75 29.57 -19.53 22.12
CA GLN B 75 29.46 -18.64 23.28
C GLN B 75 28.01 -18.36 23.67
N GLY B 76 27.04 -18.79 22.87
CA GLY B 76 25.64 -18.53 23.15
C GLY B 76 25.08 -17.20 22.62
N HIS B 77 25.79 -16.59 21.68
CA HIS B 77 25.42 -15.28 21.17
C HIS B 77 24.79 -15.31 19.78
N VAL B 78 24.79 -16.47 19.12
CA VAL B 78 24.07 -16.59 17.83
C VAL B 78 23.42 -17.94 17.73
N SER B 79 22.34 -17.96 16.98
CA SER B 79 21.59 -19.16 16.67
C SER B 79 21.12 -19.04 15.25
N GLU B 80 20.81 -20.17 14.63
CA GLU B 80 20.22 -20.19 13.32
C GLU B 80 18.71 -19.82 13.34
N TRP B 81 18.34 -19.00 12.39
CA TRP B 81 16.97 -18.56 12.24
C TRP B 81 16.45 -19.20 10.95
N THR B 82 15.34 -19.91 11.01
CA THR B 82 14.75 -20.57 9.85
C THR B 82 13.27 -20.15 9.75
N PRO B 83 13.02 -18.87 9.43
CA PRO B 83 11.63 -18.41 9.33
C PRO B 83 10.88 -18.99 8.13
N LEU B 84 9.56 -19.08 8.24
CA LEU B 84 8.71 -19.29 7.08
C LEU B 84 8.66 -17.96 6.31
N LEU B 85 9.34 -17.92 5.17
CA LEU B 85 9.49 -16.71 4.37
C LEU B 85 8.49 -16.63 3.25
N TYR B 86 8.04 -15.39 3.01
CA TYR B 86 7.07 -15.10 1.99
C TYR B 86 7.64 -14.04 1.04
N ASN B 87 6.98 -13.92 -0.10
CA ASN B 87 7.30 -12.90 -1.05
C ASN B 87 5.98 -12.16 -1.33
N PHE B 88 6.02 -10.84 -1.47
CA PHE B 88 4.84 -10.08 -1.85
C PHE B 88 5.13 -9.41 -3.16
N HIS B 89 4.31 -9.75 -4.14
CA HIS B 89 4.66 -9.53 -5.53
C HIS B 89 3.38 -9.39 -6.35
N GLY B 90 3.27 -8.28 -7.07
CA GLY B 90 2.11 -8.05 -7.90
C GLY B 90 0.85 -8.11 -7.06
N GLY B 91 0.94 -7.61 -5.83
CA GLY B 91 -0.22 -7.53 -4.97
C GLY B 91 -0.68 -8.84 -4.35
N ARG B 92 0.12 -9.89 -4.50
CA ARG B 92 -0.21 -11.15 -3.85
C ARG B 92 0.95 -11.68 -3.02
N LEU B 93 0.55 -12.31 -1.94
CA LEU B 93 1.44 -12.92 -0.97
C LEU B 93 1.66 -14.37 -1.31
N SER B 94 2.90 -14.84 -1.39
CA SER B 94 3.09 -16.27 -1.59
C SER B 94 4.31 -16.80 -0.84
N PRO B 95 4.25 -18.05 -0.37
CA PRO B 95 5.41 -18.65 0.30
C PRO B 95 6.62 -18.63 -0.58
N SER B 96 7.77 -18.41 0.01
CA SER B 96 9.01 -18.35 -0.72
C SER B 96 10.08 -19.18 0.02
N PRO B 97 9.85 -20.48 0.09
CA PRO B 97 10.81 -21.32 0.79
C PRO B 97 12.17 -21.36 0.13
N ASP B 98 13.22 -21.55 0.94
CA ASP B 98 14.57 -21.69 0.40
C ASP B 98 15.36 -22.58 1.36
N GLU B 99 16.65 -22.76 1.08
CA GLU B 99 17.52 -23.58 1.90
C GLU B 99 18.74 -22.75 2.35
N GLN B 100 18.54 -21.46 2.53
CA GLN B 100 19.60 -20.59 3.00
C GLN B 100 19.71 -20.61 4.48
N VAL B 101 20.94 -20.81 4.97
CA VAL B 101 21.17 -20.73 6.40
C VAL B 101 21.31 -19.25 6.79
N ARG B 102 20.57 -18.86 7.81
CA ARG B 102 20.60 -17.46 8.26
C ARG B 102 20.91 -17.42 9.75
N TRP B 103 21.69 -16.41 10.20
CA TRP B 103 22.06 -16.33 11.59
C TRP B 103 21.48 -15.10 12.22
N VAL B 104 21.10 -15.19 13.50
CA VAL B 104 20.73 -14.01 14.27
C VAL B 104 21.46 -14.02 15.60
N GLY B 105 21.68 -12.83 16.11
CA GLY B 105 22.19 -12.67 17.46
C GLY B 105 21.09 -13.17 18.37
N GLU B 106 21.52 -13.74 19.49
CA GLU B 106 20.62 -14.25 20.47
C GLU B 106 21.05 -13.65 21.80
N PRO B 107 20.12 -13.05 22.56
CA PRO B 107 18.68 -12.94 22.34
C PRO B 107 18.31 -11.75 21.45
N GLY B 108 19.32 -11.00 21.00
CA GLY B 108 19.12 -9.92 20.04
C GLY B 108 20.36 -9.76 19.15
N MET B 109 20.21 -9.12 18.00
CA MET B 109 21.31 -8.90 17.08
C MET B 109 22.45 -8.18 17.77
N SER B 110 22.13 -7.41 18.81
CA SER B 110 23.12 -6.62 19.52
C SER B 110 24.06 -7.45 20.38
N ALA B 111 23.70 -8.69 20.68
CA ALA B 111 24.49 -9.53 21.60
C ALA B 111 25.88 -9.91 21.07
N ILE B 112 26.03 -9.87 19.76
CA ILE B 112 27.27 -10.27 19.12
C ILE B 112 28.35 -9.21 19.42
N THR B 113 28.04 -7.99 19.03
CA THR B 113 28.96 -6.91 19.28
C THR B 113 29.15 -6.67 20.76
N ARG B 114 28.10 -6.85 21.56
CA ARG B 114 28.28 -6.62 22.98
C ARG B 114 29.32 -7.54 23.55
N ALA B 115 29.28 -8.80 23.10
CA ALA B 115 30.18 -9.83 23.54
C ALA B 115 31.58 -9.53 22.99
N MET B 116 31.66 -9.07 21.74
CA MET B 116 32.97 -8.73 21.20
C MET B 116 33.60 -7.60 22.02
N ARG B 117 32.80 -6.61 22.41
CA ARG B 117 33.35 -5.50 23.16
C ARG B 117 33.80 -5.96 24.54
N GLY B 118 33.00 -6.79 25.21
CA GLY B 118 33.31 -7.25 26.56
C GLY B 118 33.72 -6.11 27.47
N ASP B 119 34.89 -6.24 28.11
CA ASP B 119 35.38 -5.23 29.05
C ASP B 119 36.47 -4.35 28.43
N LEU B 120 36.56 -4.31 27.11
CA LEU B 120 37.56 -3.42 26.49
C LEU B 120 37.31 -1.95 26.90
N PRO B 121 38.39 -1.16 27.06
CA PRO B 121 38.18 0.26 27.41
C PRO B 121 37.42 1.01 26.31
N VAL B 122 36.40 1.78 26.70
CA VAL B 122 35.52 2.46 25.74
C VAL B 122 35.06 3.80 26.28
N SER B 123 34.96 4.80 25.41
CA SER B 123 34.35 6.08 25.74
C SER B 123 33.12 6.26 24.93
N PHE B 124 31.95 6.22 25.56
CA PHE B 124 30.69 6.40 24.84
C PHE B 124 30.25 7.87 24.89
N SER B 125 29.23 8.19 24.11
CA SER B 125 28.72 9.55 23.93
C SER B 125 29.89 10.47 23.60
N CYS B 126 30.79 9.96 22.76
CA CYS B 126 32.00 10.68 22.43
C CYS B 126 32.19 10.73 20.91
N ARG B 127 31.74 11.84 20.33
CA ARG B 127 31.80 12.10 18.90
C ARG B 127 33.12 12.73 18.58
N ILE B 128 33.92 12.00 17.81
CA ILE B 128 35.22 12.48 17.37
C ILE B 128 35.02 13.37 16.18
N THR B 129 35.62 14.55 16.22
CA THR B 129 35.50 15.52 15.16
C THR B 129 36.83 15.72 14.38
N ASP B 130 37.97 15.44 15.02
CA ASP B 130 39.28 15.61 14.36
C ASP B 130 40.27 14.55 14.81
N VAL B 131 41.06 14.10 13.84
CA VAL B 131 42.09 13.13 14.06
C VAL B 131 43.43 13.63 13.47
N PHE B 132 44.46 13.80 14.30
CA PHE B 132 45.71 14.39 13.82
C PHE B 132 46.90 13.80 14.59
N ARG B 133 48.07 13.82 13.98
CA ARG B 133 49.24 13.27 14.66
C ARG B 133 50.35 14.29 14.76
N GLY B 134 51.18 14.11 15.77
CA GLY B 134 52.40 14.87 15.91
C GLY B 134 53.53 14.09 15.27
N GLU B 135 54.73 14.26 15.78
CA GLU B 135 55.84 13.52 15.22
C GLU B 135 55.71 12.04 15.56
N GLN B 136 55.19 11.71 16.75
CA GLN B 136 55.10 10.30 17.17
C GLN B 136 53.66 9.75 17.30
N HIS B 137 52.77 10.51 17.95
CA HIS B 137 51.51 9.97 18.43
C HIS B 137 50.33 10.63 17.75
N TRP B 138 49.24 9.90 17.77
CA TRP B 138 47.95 10.41 17.34
C TRP B 138 47.12 10.98 18.49
N ASN B 139 46.24 11.91 18.12
CA ASN B 139 45.35 12.59 19.06
C ASN B 139 43.96 12.74 18.45
N LEU B 140 42.96 12.64 19.30
CA LEU B 140 41.58 12.87 18.86
C LEU B 140 40.96 14.01 19.60
N LEU B 141 40.23 14.85 18.85
CA LEU B 141 39.41 15.87 19.43
C LEU B 141 37.95 15.44 19.31
N ASP B 142 37.19 15.59 20.39
CA ASP B 142 35.77 15.29 20.36
C ASP B 142 34.92 16.58 20.25
N ALA B 143 33.61 16.41 20.22
CA ALA B 143 32.70 17.52 19.94
C ALA B 143 32.63 18.51 21.08
N GLU B 144 33.17 18.15 22.26
CA GLU B 144 33.29 19.08 23.40
C GLU B 144 34.68 19.71 23.40
N SER B 145 35.44 19.49 22.33
CA SER B 145 36.79 20.04 22.22
C SER B 145 37.74 19.44 23.23
N GLU B 146 37.41 18.26 23.75
CA GLU B 146 38.32 17.61 24.69
C GLU B 146 39.26 16.73 23.86
N ASN B 147 40.54 16.76 24.22
CA ASN B 147 41.55 15.98 23.58
C ASN B 147 41.59 14.54 24.09
N HIS B 148 41.82 13.58 23.19
CA HIS B 148 42.06 12.20 23.64
C HIS B 148 43.35 11.71 23.01
N GLY B 149 44.17 11.05 23.81
CA GLY B 149 45.44 10.53 23.31
C GLY B 149 46.44 10.65 24.42
N PRO B 150 47.69 10.29 24.16
CA PRO B 150 48.23 9.89 22.87
C PRO B 150 47.81 8.50 22.52
N PHE B 151 47.77 8.25 21.22
CA PHE B 151 47.54 6.93 20.68
C PHE B 151 48.64 6.60 19.68
N SER B 152 48.93 5.32 19.57
CA SER B 152 50.03 4.86 18.73
C SER B 152 49.62 4.79 17.27
N HIS B 153 48.36 4.42 17.04
CA HIS B 153 47.75 4.24 15.73
C HIS B 153 46.26 4.54 15.87
N VAL B 154 45.59 4.78 14.77
CA VAL B 154 44.16 5.02 14.75
C VAL B 154 43.48 4.12 13.68
N ILE B 155 42.40 3.47 14.07
CA ILE B 155 41.53 2.76 13.11
C ILE B 155 40.19 3.49 13.09
N ILE B 156 39.79 3.92 11.90
CA ILE B 156 38.46 4.52 11.69
C ILE B 156 37.53 3.42 11.21
N ALA B 157 36.43 3.19 11.95
CA ALA B 157 35.47 2.13 11.64
C ALA B 157 34.05 2.66 11.65
N THR B 158 33.85 3.70 10.87
CA THR B 158 32.56 4.36 10.72
C THR B 158 32.09 4.22 9.26
N PRO B 159 30.80 4.47 9.01
CA PRO B 159 30.31 4.63 7.63
C PRO B 159 31.19 5.65 6.89
N ALA B 160 31.38 5.43 5.61
CA ALA B 160 32.33 6.19 4.81
C ALA B 160 32.11 7.73 4.93
N PRO B 161 30.85 8.20 4.83
CA PRO B 161 30.69 9.66 4.93
C PRO B 161 31.04 10.24 6.27
N GLN B 162 31.01 9.44 7.35
CA GLN B 162 31.40 9.92 8.66
C GLN B 162 32.93 9.74 8.88
N ALA B 163 33.54 8.89 8.09
CA ALA B 163 34.99 8.70 8.13
C ALA B 163 35.76 9.84 7.44
N THR B 164 35.15 10.47 6.46
CA THR B 164 35.92 11.43 5.66
C THR B 164 36.45 12.55 6.54
N ALA B 165 35.66 13.00 7.50
CA ALA B 165 36.07 14.09 8.40
C ALA B 165 37.24 13.70 9.31
N LEU B 166 37.44 12.40 9.48
CA LEU B 166 38.45 11.89 10.38
C LEU B 166 39.74 11.56 9.63
N LEU B 167 39.79 11.84 8.32
CA LEU B 167 40.92 11.47 7.48
C LEU B 167 41.71 12.68 6.91
N ALA B 168 41.58 13.85 7.53
CA ALA B 168 42.24 15.06 7.02
C ALA B 168 43.76 14.93 6.97
N ALA B 169 44.30 14.06 7.80
CA ALA B 169 45.72 13.79 7.82
C ALA B 169 46.19 13.06 6.57
N ALA B 170 45.25 12.52 5.80
CA ALA B 170 45.60 11.73 4.62
C ALA B 170 44.61 12.04 3.51
N PRO B 171 44.78 13.20 2.86
CA PRO B 171 43.73 13.71 1.97
C PRO B 171 43.41 12.83 0.77
N LYS B 172 44.40 12.11 0.26
CA LYS B 172 44.15 11.20 -0.86
C LYS B 172 43.20 10.07 -0.42
N LEU B 173 43.43 9.52 0.76
CA LEU B 173 42.53 8.51 1.30
C LEU B 173 41.14 9.07 1.55
N ALA B 174 41.12 10.24 2.16
CA ALA B 174 39.87 10.92 2.46
C ALA B 174 39.05 11.02 1.17
N SER B 175 39.74 11.37 0.13
CA SER B 175 39.09 11.55 -1.15
C SER B 175 38.41 10.31 -1.73
N VAL B 176 39.07 9.18 -1.58
CA VAL B 176 38.51 7.88 -1.97
C VAL B 176 37.29 7.56 -1.13
N VAL B 177 37.41 7.77 0.18
CA VAL B 177 36.36 7.40 1.12
C VAL B 177 35.17 8.36 0.83
N ALA B 178 35.44 9.64 0.54
CA ALA B 178 34.36 10.60 0.23
C ALA B 178 33.51 10.22 -1.01
N GLY B 179 34.07 9.43 -1.92
CA GLY B 179 33.34 8.99 -3.10
C GLY B 179 32.39 7.83 -2.86
N VAL B 180 32.41 7.26 -1.66
CA VAL B 180 31.59 6.08 -1.41
C VAL B 180 30.19 6.47 -1.01
N LYS B 181 29.21 6.18 -1.85
CA LYS B 181 27.85 6.61 -1.51
C LYS B 181 27.14 5.55 -0.68
N MET B 182 26.45 6.01 0.35
CA MET B 182 25.64 5.12 1.17
C MET B 182 24.16 5.54 1.09
N ASP B 183 23.31 4.53 0.97
CA ASP B 183 21.88 4.79 0.86
C ASP B 183 21.22 4.80 2.22
N PRO B 184 20.15 5.59 2.36
CA PRO B 184 19.45 5.60 3.65
C PRO B 184 18.36 4.51 3.73
N THR B 185 17.97 4.21 4.97
CA THR B 185 16.87 3.30 5.20
C THR B 185 16.06 3.79 6.42
N TRP B 186 14.73 3.91 6.24
CA TRP B 186 13.82 4.06 7.35
C TRP B 186 13.34 2.68 7.82
N ALA B 187 13.35 2.47 9.13
CA ALA B 187 12.80 1.30 9.77
C ALA B 187 11.70 1.69 10.73
N VAL B 188 10.69 0.81 10.81
CA VAL B 188 9.59 0.98 11.75
C VAL B 188 9.41 -0.33 12.49
N ALA B 189 9.15 -0.25 13.79
CA ALA B 189 8.77 -1.42 14.55
C ALA B 189 7.35 -1.24 15.09
N LEU B 190 6.56 -2.32 15.04
CA LEU B 190 5.19 -2.33 15.55
C LEU B 190 5.10 -3.53 16.49
N ALA B 191 4.42 -3.36 17.61
CA ALA B 191 4.20 -4.46 18.57
C ALA B 191 2.74 -4.62 18.94
N PHE B 192 2.29 -5.88 18.96
CA PHE B 192 0.90 -6.23 19.26
C PHE B 192 0.67 -7.10 20.52
N GLU B 193 -0.44 -6.86 21.21
CA GLU B 193 -0.82 -7.63 22.38
C GLU B 193 -1.27 -9.01 21.89
N THR B 194 -2.17 -8.98 20.92
CA THR B 194 -2.60 -10.23 20.31
C THR B 194 -1.75 -10.52 19.08
N PRO B 195 -1.15 -11.71 19.01
CA PRO B 195 -0.39 -12.09 17.82
C PRO B 195 -1.22 -12.08 16.56
N LEU B 196 -0.62 -11.58 15.50
CA LEU B 196 -1.28 -11.59 14.21
C LEU B 196 -1.50 -13.01 13.74
N GLN B 197 -2.70 -13.26 13.22
CA GLN B 197 -3.12 -14.58 12.74
C GLN B 197 -2.67 -14.88 11.33
N THR B 198 -1.36 -14.99 11.15
CA THR B 198 -0.73 -15.39 9.91
C THR B 198 0.45 -16.30 10.27
N PRO B 199 0.78 -17.27 9.41
CA PRO B 199 1.97 -18.09 9.61
C PRO B 199 3.21 -17.39 9.12
N MET B 200 3.04 -16.29 8.41
CA MET B 200 4.21 -15.57 7.90
C MET B 200 5.15 -15.14 9.01
N GLN B 201 6.43 -15.36 8.80
CA GLN B 201 7.46 -14.95 9.77
C GLN B 201 8.47 -13.95 9.21
N GLY B 202 8.47 -13.80 7.90
CA GLY B 202 9.29 -12.83 7.22
C GLY B 202 8.79 -12.68 5.79
N CYS B 203 9.01 -11.53 5.15
CA CYS B 203 8.55 -11.36 3.78
C CYS B 203 9.50 -10.48 2.97
N PHE B 204 9.88 -10.94 1.77
CA PHE B 204 10.53 -10.07 0.79
C PHE B 204 9.44 -9.36 0.01
N VAL B 205 9.53 -8.04 -0.09
CA VAL B 205 8.43 -7.26 -0.63
C VAL B 205 8.84 -6.48 -1.86
N GLN B 206 8.03 -6.53 -2.91
CA GLN B 206 8.23 -5.64 -4.06
C GLN B 206 7.05 -4.70 -4.32
N ASP B 207 7.32 -3.66 -5.12
CA ASP B 207 6.29 -2.72 -5.57
C ASP B 207 5.62 -2.07 -4.36
N SER B 208 6.46 -1.72 -3.40
CA SER B 208 5.99 -1.22 -2.13
C SER B 208 7.00 -0.31 -1.51
N PRO B 209 6.55 0.58 -0.62
CA PRO B 209 7.51 1.31 0.23
C PRO B 209 8.37 0.35 1.00
N LEU B 210 7.82 -0.83 1.35
CA LEU B 210 8.60 -1.82 2.12
C LEU B 210 9.40 -2.71 1.21
N ASP B 211 10.59 -3.17 1.60
CA ASP B 211 11.18 -4.32 0.88
C ASP B 211 11.40 -5.54 1.82
N TRP B 212 11.22 -5.35 3.12
CA TRP B 212 11.43 -6.45 4.05
C TRP B 212 10.59 -6.25 5.28
N LEU B 213 10.12 -7.35 5.86
CA LEU B 213 9.51 -7.29 7.17
C LEU B 213 9.81 -8.63 7.84
N ALA B 214 9.87 -8.61 9.16
CA ALA B 214 10.21 -9.79 9.94
C ALA B 214 9.48 -9.82 11.25
N ARG B 215 9.17 -11.02 11.67
CA ARG B 215 8.51 -11.29 12.94
C ARG B 215 9.55 -11.71 13.97
N ASN B 216 9.73 -10.88 14.97
CA ASN B 216 10.78 -11.08 15.94
C ASN B 216 10.58 -12.34 16.77
N ARG B 217 9.35 -12.63 17.15
CA ARG B 217 9.13 -13.76 18.02
C ARG B 217 9.45 -15.12 17.33
N SER B 218 9.66 -15.12 16.01
CA SER B 218 10.05 -16.32 15.28
C SER B 218 11.54 -16.61 15.39
N LYS B 219 12.27 -15.67 15.98
CA LYS B 219 13.72 -15.77 16.14
C LYS B 219 14.04 -16.47 17.44
N PRO B 220 15.05 -17.34 17.42
CA PRO B 220 15.39 -18.11 18.62
C PRO B 220 15.81 -17.23 19.83
N GLY B 221 15.26 -17.53 21.01
CA GLY B 221 15.71 -16.89 22.22
C GLY B 221 15.10 -15.53 22.48
N ARG B 222 14.09 -15.14 21.73
CA ARG B 222 13.37 -13.90 21.97
C ARG B 222 12.27 -13.97 23.03
N ASP B 223 11.92 -12.78 23.53
CA ASP B 223 10.80 -12.59 24.45
C ASP B 223 9.52 -12.62 23.63
N ASP B 224 8.72 -13.65 23.84
CA ASP B 224 7.55 -13.87 23.02
C ASP B 224 6.41 -12.98 23.48
N THR B 225 6.64 -12.16 24.51
CA THR B 225 5.52 -11.49 25.17
C THR B 225 4.67 -10.70 24.20
N LEU B 226 5.30 -9.76 23.51
CA LEU B 226 4.62 -9.03 22.46
C LEU B 226 5.02 -9.57 21.11
N ASP B 227 4.09 -9.54 20.18
CA ASP B 227 4.36 -9.85 18.78
C ASP B 227 4.83 -8.60 18.03
N SER B 228 6.14 -8.45 17.92
CA SER B 228 6.73 -7.28 17.30
C SER B 228 7.22 -7.65 15.91
N TRP B 229 7.03 -6.71 15.01
CA TRP B 229 7.40 -6.81 13.62
C TRP B 229 8.28 -5.64 13.26
N VAL B 230 9.31 -5.90 12.46
CA VAL B 230 10.18 -4.90 11.95
C VAL B 230 9.89 -4.77 10.48
N LEU B 231 9.70 -3.51 10.07
CA LEU B 231 9.41 -3.11 8.70
C LEU B 231 10.62 -2.30 8.22
N HIS B 232 11.19 -2.69 7.08
CA HIS B 232 12.27 -1.90 6.42
C HIS B 232 11.78 -1.38 5.08
N ALA B 233 11.87 -0.05 4.91
CA ALA B 233 11.53 0.61 3.65
C ALA B 233 12.70 0.45 2.65
N THR B 234 12.40 0.53 1.36
CA THR B 234 13.40 0.59 0.28
C THR B 234 14.17 1.88 0.45
N SER B 235 15.35 1.93 -0.13
CA SER B 235 16.16 3.14 -0.12
C SER B 235 15.50 4.22 -0.99
N GLN B 236 14.86 3.81 -2.08
CA GLN B 236 14.13 4.77 -2.88
C GLN B 236 13.03 5.43 -2.05
N TRP B 237 12.21 4.65 -1.37
CA TRP B 237 11.15 5.29 -0.58
C TRP B 237 11.82 6.10 0.55
N SER B 238 12.88 5.58 1.15
CA SER B 238 13.51 6.28 2.26
C SER B 238 14.07 7.66 1.79
N ARG B 239 14.67 7.72 0.60
CA ARG B 239 15.16 8.97 0.04
C ARG B 239 14.02 9.95 -0.18
N GLN B 240 12.96 9.46 -0.81
CA GLN B 240 11.76 10.26 -1.08
C GLN B 240 11.16 10.81 0.19
N ASN B 241 11.39 10.13 1.30
CA ASN B 241 10.77 10.52 2.53
C ASN B 241 11.82 10.75 3.60
N LEU B 242 13.00 11.15 3.17
CA LEU B 242 14.14 11.20 4.06
C LEU B 242 13.88 12.21 5.20
N ASP B 243 13.14 13.28 4.93
CA ASP B 243 12.88 14.27 5.97
C ASP B 243 11.47 14.19 6.54
N ALA B 244 10.80 13.06 6.31
CA ALA B 244 9.51 12.82 6.94
C ALA B 244 9.66 12.72 8.47
N SER B 245 8.61 13.05 9.21
CA SER B 245 8.63 12.89 10.66
C SER B 245 8.50 11.40 11.03
N ARG B 246 8.96 11.03 12.24
CA ARG B 246 8.79 9.64 12.68
C ARG B 246 7.33 9.22 12.60
N GLU B 247 6.44 10.10 13.02
CA GLU B 247 5.04 9.71 13.08
C GLU B 247 4.51 9.44 11.69
N GLN B 248 4.95 10.26 10.72
CA GLN B 248 4.54 10.09 9.31
C GLN B 248 5.11 8.79 8.76
N VAL B 249 6.37 8.53 9.03
CA VAL B 249 6.93 7.27 8.57
C VAL B 249 6.17 6.04 9.12
N ILE B 250 5.90 6.04 10.42
CA ILE B 250 5.13 4.98 11.07
C ILE B 250 3.80 4.85 10.36
N GLU B 251 3.09 5.96 10.20
CA GLU B 251 1.78 5.91 9.54
C GLU B 251 1.88 5.28 8.14
N HIS B 252 2.85 5.73 7.32
CA HIS B 252 2.96 5.17 5.94
C HIS B 252 3.39 3.74 5.93
N LEU B 253 4.37 3.37 6.74
CA LEU B 253 4.82 1.98 6.67
C LEU B 253 3.85 1.03 7.35
N HIS B 254 3.20 1.48 8.43
CA HIS B 254 2.13 0.72 9.05
C HIS B 254 1.06 0.48 7.99
N GLY B 255 0.75 1.50 7.20
CA GLY B 255 -0.25 1.32 6.15
C GLY B 255 0.15 0.31 5.08
N ALA B 256 1.41 0.36 4.65
CA ALA B 256 1.94 -0.58 3.66
C ALA B 256 1.86 -2.01 4.21
N PHE B 257 2.13 -2.10 5.48
CA PHE B 257 2.08 -3.41 6.15
C PHE B 257 0.62 -3.95 6.18
N ALA B 258 -0.31 -3.09 6.56
CA ALA B 258 -1.73 -3.44 6.60
C ALA B 258 -2.26 -3.81 5.21
N GLU B 259 -1.64 -3.25 4.18
CA GLU B 259 -2.07 -3.55 2.79
C GLU B 259 -1.76 -4.97 2.35
N LEU B 260 -0.62 -5.48 2.77
CA LEU B 260 -0.15 -6.78 2.30
C LEU B 260 -0.47 -7.95 3.27
N ILE B 261 -0.67 -7.66 4.57
CA ILE B 261 -0.95 -8.70 5.57
C ILE B 261 -2.29 -9.39 5.28
N ASP B 262 -2.31 -10.70 5.53
CA ASP B 262 -3.44 -11.54 5.20
C ASP B 262 -4.36 -11.77 6.38
N CYS B 263 -4.24 -10.93 7.40
CA CYS B 263 -5.06 -11.05 8.60
C CYS B 263 -5.38 -9.69 9.20
N ALA B 264 -6.24 -9.74 10.22
CA ALA B 264 -6.65 -8.58 11.02
C ALA B 264 -5.45 -8.08 11.80
N MET B 265 -5.44 -6.79 12.08
CA MET B 265 -4.35 -6.18 12.82
C MET B 265 -4.89 -5.24 13.90
N PRO B 266 -4.71 -5.60 15.19
CA PRO B 266 -5.15 -4.66 16.22
C PRO B 266 -4.28 -3.39 16.34
N ALA B 267 -4.74 -2.43 17.13
CA ALA B 267 -3.92 -1.25 17.43
C ALA B 267 -2.65 -1.76 18.08
N PRO B 268 -1.50 -1.23 17.69
CA PRO B 268 -0.25 -1.67 18.32
C PRO B 268 -0.15 -1.14 19.71
N VAL B 269 0.66 -1.76 20.55
CA VAL B 269 0.78 -1.22 21.90
C VAL B 269 1.79 -0.11 21.89
N PHE B 270 2.72 -0.14 20.92
CA PHE B 270 3.69 0.94 20.65
C PHE B 270 4.18 0.79 19.24
N SER B 271 4.80 1.84 18.71
CA SER B 271 5.31 1.87 17.34
C SER B 271 6.52 2.81 17.40
N LEU B 272 7.57 2.45 16.67
CA LEU B 272 8.85 3.15 16.70
C LEU B 272 9.30 3.31 15.28
N ALA B 273 10.05 4.38 15.02
CA ALA B 273 10.68 4.58 13.72
C ALA B 273 12.12 4.99 13.94
N HIS B 274 12.97 4.51 13.06
CA HIS B 274 14.33 4.93 13.12
C HIS B 274 14.91 5.11 11.71
N ARG B 275 15.58 6.24 11.52
CA ARG B 275 16.24 6.57 10.26
C ARG B 275 17.75 6.40 10.29
N TRP B 276 18.27 5.63 9.36
CA TRP B 276 19.72 5.60 9.09
C TRP B 276 20.00 6.27 7.83
N LEU B 277 20.69 7.41 7.87
CA LEU B 277 21.09 8.12 6.66
C LEU B 277 22.06 7.29 5.84
N TYR B 278 22.95 6.58 6.53
CA TYR B 278 24.02 5.86 5.83
C TYR B 278 23.85 4.39 6.18
N ALA B 279 22.77 3.83 5.66
CA ALA B 279 22.32 2.50 6.04
C ALA B 279 23.15 1.44 5.33
N ARG B 280 23.42 1.65 4.05
CA ARG B 280 24.18 0.64 3.29
C ARG B 280 24.81 1.20 2.08
N PRO B 281 25.95 0.59 1.70
CA PRO B 281 26.66 1.09 0.53
C PRO B 281 25.89 0.87 -0.71
N ALA B 282 25.94 1.86 -1.59
CA ALA B 282 25.22 1.84 -2.84
C ALA B 282 25.77 0.78 -3.74
N GLY B 283 27.07 0.52 -3.60
CA GLY B 283 27.70 -0.50 -4.38
C GLY B 283 28.66 -1.35 -3.57
N SER B 284 29.25 -2.36 -4.21
CA SER B 284 30.23 -3.20 -3.59
C SER B 284 31.62 -2.70 -3.85
N HIS B 285 32.54 -3.05 -2.96
CA HIS B 285 33.97 -2.77 -3.08
C HIS B 285 34.77 -3.98 -2.72
N GLU B 286 36.04 -3.95 -3.10
CA GLU B 286 36.92 -5.06 -2.88
C GLU B 286 38.13 -4.66 -2.09
N TRP B 287 38.17 -3.44 -1.59
CA TRP B 287 39.37 -2.98 -0.89
C TRP B 287 39.76 -3.83 0.32
N GLY B 288 38.74 -4.25 1.08
CA GLY B 288 38.96 -4.88 2.37
C GLY B 288 39.14 -3.89 3.49
N ALA B 289 40.16 -3.07 3.35
CA ALA B 289 40.41 -1.96 4.23
C ALA B 289 41.23 -0.96 3.41
N LEU B 290 41.34 0.26 3.92
CA LEU B 290 42.21 1.26 3.33
C LEU B 290 43.14 1.68 4.43
N SER B 291 44.41 1.89 4.11
CA SER B 291 45.34 2.25 5.15
C SER B 291 46.44 3.15 4.61
N ASP B 292 46.93 3.95 5.51
CA ASP B 292 48.19 4.66 5.34
C ASP B 292 49.13 4.19 6.44
N ALA B 293 49.82 3.11 6.17
CA ALA B 293 50.61 2.46 7.18
C ALA B 293 51.73 3.39 7.61
N ASP B 294 52.27 4.14 6.66
CA ASP B 294 53.37 5.03 6.97
C ASP B 294 52.99 6.00 8.10
N LEU B 295 51.76 6.47 8.05
CA LEU B 295 51.25 7.45 9.02
C LEU B 295 50.66 6.78 10.27
N GLY B 296 50.15 5.58 10.10
CA GLY B 296 49.55 4.85 11.21
C GLY B 296 48.04 4.97 11.30
N ILE B 297 47.37 5.28 10.19
CA ILE B 297 45.92 5.39 10.22
C ILE B 297 45.29 4.36 9.24
N TYR B 298 44.24 3.71 9.71
CA TYR B 298 43.54 2.61 9.01
C TYR B 298 42.05 2.80 8.97
N VAL B 299 41.47 2.34 7.88
CA VAL B 299 40.05 2.53 7.68
C VAL B 299 39.40 1.25 7.28
N CYS B 300 38.28 0.97 7.95
CA CYS B 300 37.49 -0.22 7.65
C CYS B 300 35.99 0.04 7.85
N GLY B 301 35.20 -0.94 7.44
CA GLY B 301 33.76 -0.90 7.51
C GLY B 301 33.14 -1.83 6.46
N ASP B 302 31.86 -2.13 6.61
CA ASP B 302 31.17 -2.98 5.62
C ASP B 302 31.34 -2.52 4.16
N TRP B 303 31.42 -1.20 3.96
CA TRP B 303 31.46 -0.61 2.65
C TRP B 303 32.81 -0.80 2.00
N CYS B 304 33.80 -1.32 2.73
CA CYS B 304 35.09 -1.65 2.11
C CYS B 304 34.97 -2.95 1.34
N LEU B 305 33.90 -3.68 1.62
CA LEU B 305 33.66 -4.96 0.99
C LEU B 305 32.20 -4.98 0.54
N SER B 306 31.40 -5.89 1.08
CA SER B 306 30.06 -6.22 0.56
C SER B 306 28.86 -5.52 1.16
N GLY B 307 29.03 -4.77 2.24
CA GLY B 307 27.89 -4.07 2.83
C GLY B 307 26.98 -4.95 3.67
N ARG B 308 27.50 -6.08 4.13
CA ARG B 308 26.80 -7.02 5.00
C ARG B 308 27.59 -7.18 6.26
N VAL B 309 27.00 -7.83 7.26
CA VAL B 309 27.69 -8.07 8.52
C VAL B 309 29.04 -8.74 8.25
N GLU B 310 29.04 -9.72 7.37
CA GLU B 310 30.30 -10.43 7.04
C GLU B 310 31.35 -9.50 6.50
N GLY B 311 30.95 -8.58 5.62
CA GLY B 311 31.89 -7.62 5.05
C GLY B 311 32.53 -6.73 6.09
N ALA B 312 31.73 -6.27 7.05
CA ALA B 312 32.22 -5.44 8.13
C ALA B 312 33.23 -6.22 8.98
N TRP B 313 32.87 -7.46 9.33
CA TRP B 313 33.79 -8.26 10.15
C TRP B 313 35.12 -8.48 9.44
N LEU B 314 35.05 -8.91 8.19
CA LEU B 314 36.25 -9.12 7.39
C LEU B 314 37.06 -7.88 7.27
N SER B 315 36.41 -6.73 7.05
CA SER B 315 37.10 -5.47 6.88
C SER B 315 37.90 -5.14 8.15
N GLY B 316 37.28 -5.31 9.32
CA GLY B 316 37.99 -5.03 10.56
C GLY B 316 39.15 -5.98 10.78
N GLN B 317 38.98 -7.25 10.41
CA GLN B 317 40.09 -8.20 10.49
C GLN B 317 41.23 -7.72 9.59
N GLU B 318 40.92 -7.22 8.40
CA GLU B 318 41.98 -6.80 7.49
C GLU B 318 42.74 -5.53 7.98
N ALA B 319 42.02 -4.55 8.51
CA ALA B 319 42.64 -3.35 9.04
C ALA B 319 43.61 -3.79 10.14
N ALA B 320 43.15 -4.70 11.00
CA ALA B 320 43.95 -5.19 12.10
C ALA B 320 45.17 -5.95 11.58
N ARG B 321 45.00 -6.77 10.55
CA ARG B 321 46.11 -7.54 10.00
C ARG B 321 47.23 -6.63 9.52
N ARG B 322 46.84 -5.56 8.83
CA ARG B 322 47.79 -4.61 8.28
C ARG B 322 48.54 -3.82 9.36
N LEU B 323 47.81 -3.40 10.37
CA LEU B 323 48.38 -2.64 11.46
C LEU B 323 49.42 -3.53 12.13
N LEU B 324 49.02 -4.76 12.39
CA LEU B 324 49.94 -5.67 13.11
C LEU B 324 51.22 -5.93 12.32
N GLU B 325 51.14 -6.08 11.01
CA GLU B 325 52.34 -6.32 10.19
C GLU B 325 53.25 -5.12 10.18
N HIS B 326 52.64 -3.95 10.26
CA HIS B 326 53.43 -2.75 10.11
C HIS B 326 54.20 -2.38 11.38
N LEU B 327 53.83 -2.96 12.51
CA LEU B 327 54.57 -2.68 13.73
C LEU B 327 56.06 -3.12 13.56
N VAL C 3 11.09 30.14 1.92
CA VAL C 3 11.99 29.25 2.68
C VAL C 3 13.47 29.67 2.47
N PRO C 4 14.20 29.91 3.56
CA PRO C 4 15.52 30.54 3.45
C PRO C 4 16.66 29.64 2.97
N ILE C 5 17.79 30.24 2.60
CA ILE C 5 19.03 29.57 2.26
C ILE C 5 19.89 29.40 3.49
N ALA C 6 20.34 28.17 3.75
CA ALA C 6 21.21 27.92 4.88
C ALA C 6 22.66 28.16 4.47
N ILE C 7 23.38 28.85 5.33
CA ILE C 7 24.83 29.07 5.14
C ILE C 7 25.56 28.54 6.34
N ILE C 8 26.41 27.56 6.10
CA ILE C 8 27.16 26.93 7.21
C ILE C 8 28.58 27.47 7.27
N GLY C 9 28.85 28.27 8.29
CA GLY C 9 30.14 28.92 8.42
C GLY C 9 30.02 30.42 8.34
N THR C 10 30.51 31.14 9.35
CA THR C 10 30.38 32.56 9.37
C THR C 10 31.75 33.26 9.38
N GLY C 11 32.69 32.68 8.66
CA GLY C 11 33.90 33.39 8.33
C GLY C 11 33.59 34.30 7.16
N ILE C 12 34.63 34.87 6.54
CA ILE C 12 34.37 35.90 5.54
C ILE C 12 33.68 35.29 4.30
N ALA C 13 33.94 34.03 3.99
CA ALA C 13 33.33 33.44 2.82
C ALA C 13 31.84 33.30 3.00
N GLY C 14 31.44 32.76 4.13
CA GLY C 14 30.02 32.57 4.41
C GLY C 14 29.29 33.89 4.42
N LEU C 15 29.90 34.88 5.06
CA LEU C 15 29.23 36.13 5.19
C LEU C 15 29.24 36.90 3.89
N SER C 16 30.25 36.64 3.08
CA SER C 16 30.29 37.20 1.76
C SER C 16 29.14 36.68 0.91
N ALA C 17 28.96 35.38 0.92
CA ALA C 17 27.81 34.78 0.28
C ALA C 17 26.53 35.38 0.82
N ALA C 18 26.45 35.47 2.13
CA ALA C 18 25.23 36.00 2.73
C ALA C 18 24.95 37.42 2.27
N GLN C 19 25.98 38.28 2.19
CA GLN C 19 25.79 39.67 1.74
C GLN C 19 25.29 39.73 0.32
N ALA C 20 25.91 38.95 -0.54
CA ALA C 20 25.52 38.97 -1.93
C ALA C 20 24.08 38.50 -2.08
N LEU C 21 23.72 37.43 -1.40
CA LEU C 21 22.33 36.94 -1.44
C LEU C 21 21.32 37.89 -0.88
N THR C 22 21.64 38.51 0.25
CA THR C 22 20.67 39.40 0.88
C THR C 22 20.59 40.68 0.07
N SER C 23 21.70 41.10 -0.56
CA SER C 23 21.62 42.27 -1.44
C SER C 23 20.70 41.99 -2.63
N ALA C 24 20.55 40.72 -3.01
CA ALA C 24 19.68 40.36 -4.13
C ALA C 24 18.28 40.08 -3.65
N GLY C 25 18.03 40.26 -2.36
CA GLY C 25 16.68 40.10 -1.84
C GLY C 25 16.32 38.71 -1.31
N HIS C 26 17.33 37.88 -1.09
CA HIS C 26 17.08 36.51 -0.65
C HIS C 26 17.38 36.39 0.83
N GLN C 27 16.59 35.55 1.48
CA GLN C 27 16.74 35.34 2.89
C GLN C 27 17.71 34.24 3.18
N VAL C 28 18.49 34.43 4.23
CA VAL C 28 19.47 33.40 4.61
C VAL C 28 19.31 33.07 6.09
N HIS C 29 19.86 31.93 6.50
CA HIS C 29 20.06 31.65 7.90
C HIS C 29 21.48 31.11 8.13
N LEU C 30 22.21 31.77 9.01
CA LEU C 30 23.61 31.42 9.25
C LEU C 30 23.73 30.41 10.45
N PHE C 31 24.72 29.52 10.33
CA PHE C 31 25.07 28.52 11.34
C PHE C 31 26.56 28.55 11.61
N ASP C 32 26.92 28.46 12.88
CA ASP C 32 28.30 28.30 13.24
C ASP C 32 28.41 27.52 14.52
N LYS C 33 29.39 26.63 14.53
CA LYS C 33 29.71 25.86 15.72
C LYS C 33 30.31 26.74 16.80
N SER C 34 30.89 27.89 16.44
CA SER C 34 31.50 28.78 17.43
C SER C 34 30.46 29.64 18.09
N ARG C 35 30.89 30.36 19.11
CA ARG C 35 30.04 31.27 19.86
C ARG C 35 29.87 32.58 19.08
N GLY C 36 30.78 32.88 18.16
CA GLY C 36 30.63 34.06 17.32
C GLY C 36 31.10 33.84 15.90
N SER C 37 31.06 34.89 15.09
CA SER C 37 31.43 34.79 13.68
C SER C 37 32.88 35.23 13.45
N GLY C 38 33.34 35.14 12.22
CA GLY C 38 34.70 35.55 11.89
C GLY C 38 35.63 34.44 11.49
N GLY C 39 35.43 33.26 12.06
CA GLY C 39 36.29 32.13 11.77
C GLY C 39 37.76 32.48 11.96
N ARG C 40 38.54 32.22 10.92
CA ARG C 40 39.98 32.46 11.03
C ARG C 40 40.36 33.95 11.00
N MET C 41 39.39 34.83 10.79
CA MET C 41 39.58 36.29 10.97
C MET C 41 39.24 36.80 12.35
N SER C 42 38.62 35.99 13.18
CA SER C 42 38.13 36.54 14.44
C SER C 42 39.28 36.94 15.36
N SER C 43 38.97 37.79 16.36
CA SER C 43 39.92 38.42 17.26
C SER C 43 39.80 37.96 18.71
N LYS C 44 40.90 37.74 19.42
CA LYS C 44 40.84 37.39 20.85
C LYS C 44 40.80 38.64 21.76
N ARG C 45 39.84 38.72 22.68
CA ARG C 45 39.82 39.80 23.67
C ARG C 45 40.82 39.60 24.82
N SER C 46 41.43 40.68 25.27
CA SER C 46 42.39 40.56 26.36
C SER C 46 42.76 41.90 26.98
N SER C 50 42.54 43.40 22.48
CA SER C 50 42.08 42.58 21.37
C SER C 50 43.29 42.09 20.60
N LEU C 51 43.32 40.80 20.31
CA LEU C 51 44.44 40.22 19.59
C LEU C 51 43.98 39.48 18.33
N ASP C 52 44.66 39.78 17.23
CA ASP C 52 44.46 39.22 15.90
C ASP C 52 45.28 37.93 15.88
N MET C 53 44.75 36.85 16.44
CA MET C 53 45.53 35.60 16.55
C MET C 53 45.54 34.80 15.23
N GLY C 54 44.57 35.08 14.38
CA GLY C 54 44.50 34.47 13.07
C GLY C 54 45.08 35.36 11.99
N ALA C 55 44.26 35.61 10.98
CA ALA C 55 44.66 36.51 9.92
C ALA C 55 45.22 37.80 10.50
N GLN C 56 46.37 38.22 9.98
CA GLN C 56 47.09 39.38 10.50
C GLN C 56 46.89 40.68 9.71
N TYR C 57 46.81 40.53 8.41
CA TYR C 57 46.60 41.65 7.54
C TYR C 57 46.19 41.06 6.23
N PHE C 58 45.67 41.86 5.30
CA PHE C 58 45.42 41.32 3.98
C PHE C 58 45.73 42.32 2.94
N THR C 59 45.98 41.79 1.76
CA THR C 59 46.22 42.61 0.59
C THR C 59 45.02 42.52 -0.32
N ALA C 60 44.81 43.54 -1.15
CA ALA C 60 43.75 43.55 -2.12
C ALA C 60 44.33 43.73 -3.49
N ARG C 61 44.23 42.69 -4.31
CA ARG C 61 44.78 42.72 -5.65
C ARG C 61 43.70 42.68 -6.72
N ASP C 62 42.53 42.13 -6.38
CA ASP C 62 41.37 42.08 -7.26
C ASP C 62 40.53 43.33 -7.08
N ARG C 63 40.14 43.95 -8.18
CA ARG C 63 39.45 45.22 -8.16
C ARG C 63 38.17 45.15 -7.35
N ARG C 64 37.47 44.03 -7.53
CA ARG C 64 36.18 43.85 -6.88
C ARG C 64 36.37 43.80 -5.38
N PHE C 65 37.40 43.11 -4.92
CA PHE C 65 37.63 43.02 -3.49
C PHE C 65 38.08 44.35 -2.92
N ALA C 66 39.01 45.00 -3.62
CA ALA C 66 39.47 46.33 -3.25
C ALA C 66 38.29 47.30 -3.06
N THR C 67 37.30 47.18 -3.93
CA THR C 67 36.12 48.04 -3.81
C THR C 67 35.40 47.76 -2.50
N ALA C 68 35.28 46.49 -2.13
CA ALA C 68 34.62 46.13 -0.88
C ALA C 68 35.42 46.66 0.30
N VAL C 69 36.74 46.48 0.25
CA VAL C 69 37.64 46.96 1.32
C VAL C 69 37.56 48.44 1.47
N LYS C 70 37.51 49.17 0.36
CA LYS C 70 37.38 50.63 0.42
C LYS C 70 36.08 51.02 1.10
N GLN C 71 35.02 50.24 0.86
CA GLN C 71 33.76 50.48 1.57
C GLN C 71 33.86 50.27 3.07
N TRP C 72 34.50 49.20 3.49
CA TRP C 72 34.70 48.94 4.91
C TRP C 72 35.52 50.03 5.56
N GLN C 73 36.53 50.50 4.83
CA GLN C 73 37.36 51.63 5.30
C GLN C 73 36.50 52.86 5.55
N ALA C 74 35.64 53.21 4.58
CA ALA C 74 34.80 54.40 4.73
C ALA C 74 33.81 54.21 5.87
N GLN C 75 33.54 52.95 6.23
CA GLN C 75 32.63 52.64 7.33
C GLN C 75 33.35 52.61 8.68
N GLY C 76 34.67 52.70 8.65
CA GLY C 76 35.48 52.65 9.86
C GLY C 76 35.88 51.24 10.33
N HIS C 77 35.76 50.23 9.48
CA HIS C 77 36.05 48.87 9.95
C HIS C 77 37.39 48.32 9.49
N VAL C 78 38.07 49.04 8.63
CA VAL C 78 39.41 48.66 8.22
C VAL C 78 40.29 49.89 8.07
N SER C 79 41.59 49.66 8.22
CA SER C 79 42.54 50.73 8.00
C SER C 79 43.75 50.18 7.33
N GLU C 80 44.47 51.05 6.65
CA GLU C 80 45.74 50.69 6.07
C GLU C 80 46.71 50.61 7.23
N TRP C 81 47.54 49.58 7.22
CA TRP C 81 48.54 49.34 8.24
C TRP C 81 49.87 49.63 7.60
N THR C 82 50.64 50.49 8.27
CA THR C 82 51.93 50.89 7.76
C THR C 82 53.01 50.64 8.78
N PRO C 83 53.25 49.36 9.07
CA PRO C 83 54.27 48.94 10.03
C PRO C 83 55.68 49.15 9.54
N LEU C 84 56.60 49.34 10.46
CA LEU C 84 58.01 49.20 10.11
C LEU C 84 58.29 47.71 10.00
N LEU C 85 58.46 47.23 8.76
CA LEU C 85 58.65 45.82 8.46
C LEU C 85 60.16 45.51 8.36
N TYR C 86 60.45 44.32 8.88
CA TYR C 86 61.80 43.72 8.96
C TYR C 86 61.84 42.34 8.29
N ASN C 87 63.05 41.87 8.04
CA ASN C 87 63.25 40.53 7.56
C ASN C 87 64.27 39.87 8.46
N PHE C 88 64.07 38.59 8.76
CA PHE C 88 65.06 37.85 9.52
C PHE C 88 65.56 36.67 8.68
N HIS C 89 66.87 36.68 8.45
CA HIS C 89 67.49 35.90 7.39
C HIS C 89 68.94 35.64 7.75
N GLY C 90 69.35 34.37 7.79
CA GLY C 90 70.74 34.06 8.10
C GLY C 90 71.19 34.66 9.43
N GLY C 91 70.29 34.66 10.41
CA GLY C 91 70.62 35.12 11.74
C GLY C 91 70.73 36.62 11.90
N ARG C 92 70.35 37.39 10.89
CA ARG C 92 70.32 38.84 11.11
C ARG C 92 69.00 39.52 10.69
N LEU C 93 68.68 40.54 11.48
CA LEU C 93 67.51 41.40 11.34
C LEU C 93 67.83 42.63 10.55
N SER C 94 67.06 42.92 9.51
CA SER C 94 67.26 44.16 8.78
C SER C 94 65.90 44.69 8.31
N PRO C 95 65.77 46.02 8.22
CA PRO C 95 64.53 46.63 7.74
C PRO C 95 64.15 46.13 6.34
N SER C 96 62.87 45.92 6.09
CA SER C 96 62.48 45.44 4.76
C SER C 96 61.28 46.19 4.22
N PRO C 97 61.44 47.49 4.02
CA PRO C 97 60.33 48.29 3.51
C PRO C 97 59.98 47.80 2.12
N ASP C 98 58.72 47.96 1.70
CA ASP C 98 58.31 47.54 0.38
C ASP C 98 57.18 48.45 -0.13
N GLU C 99 56.58 48.10 -1.24
CA GLU C 99 55.57 48.98 -1.77
C GLU C 99 54.21 48.28 -1.90
N GLN C 100 54.00 47.33 -0.99
CA GLN C 100 52.74 46.62 -0.83
C GLN C 100 51.83 47.35 0.17
N VAL C 101 50.59 47.63 -0.21
CA VAL C 101 49.61 48.17 0.74
C VAL C 101 48.99 47.03 1.54
N ARG C 102 48.92 47.15 2.85
CA ARG C 102 48.39 46.10 3.69
C ARG C 102 47.28 46.70 4.53
N TRP C 103 46.22 45.90 4.71
CA TRP C 103 45.00 46.29 5.43
C TRP C 103 44.75 45.51 6.68
N VAL C 104 44.20 46.17 7.69
CA VAL C 104 43.71 45.45 8.87
C VAL C 104 42.29 45.89 9.22
N GLY C 105 41.53 44.99 9.82
CA GLY C 105 40.25 45.32 10.39
C GLY C 105 40.50 46.24 11.54
N GLU C 106 39.57 47.15 11.78
CA GLU C 106 39.63 48.12 12.86
C GLU C 106 38.33 48.07 13.68
N PRO C 107 38.43 47.97 15.00
CA PRO C 107 39.61 47.99 15.87
C PRO C 107 40.28 46.65 16.04
N GLY C 108 39.67 45.67 15.39
CA GLY C 108 40.21 44.33 15.33
C GLY C 108 39.85 43.68 14.02
N MET C 109 40.59 42.65 13.68
CA MET C 109 40.32 41.97 12.44
C MET C 109 38.86 41.52 12.42
N SER C 110 38.27 41.26 13.58
CA SER C 110 36.90 40.75 13.59
C SER C 110 35.85 41.76 13.19
N ALA C 111 36.17 43.04 13.21
CA ALA C 111 35.14 44.05 12.96
C ALA C 111 34.61 43.93 11.53
N ILE C 112 35.40 43.33 10.65
CA ILE C 112 34.99 43.23 9.27
C ILE C 112 33.85 42.24 9.21
N THR C 113 34.07 41.01 9.66
CA THR C 113 32.98 40.05 9.60
C THR C 113 31.81 40.45 10.50
N ARG C 114 32.06 41.04 11.64
CA ARG C 114 30.92 41.40 12.48
C ARG C 114 30.02 42.38 11.72
N ALA C 115 30.64 43.30 11.01
CA ALA C 115 29.87 44.28 10.27
C ALA C 115 29.18 43.58 9.13
N MET C 116 29.84 42.64 8.46
CA MET C 116 29.16 41.93 7.37
C MET C 116 27.93 41.16 7.91
N ARG C 117 28.07 40.55 9.08
CA ARG C 117 26.96 39.75 9.64
C ARG C 117 25.74 40.60 10.03
N GLY C 118 25.99 41.76 10.64
CA GLY C 118 24.91 42.64 11.08
C GLY C 118 23.84 41.92 11.87
N ASP C 119 22.61 42.11 11.41
CA ASP C 119 21.45 41.54 12.06
C ASP C 119 20.90 40.31 11.32
N LEU C 120 21.69 39.70 10.46
CA LEU C 120 21.22 38.48 9.75
C LEU C 120 20.89 37.36 10.71
N PRO C 121 19.87 36.55 10.38
CA PRO C 121 19.57 35.44 11.30
C PRO C 121 20.74 34.44 11.40
N VAL C 122 21.09 34.06 12.63
CA VAL C 122 22.23 33.21 12.88
C VAL C 122 21.95 32.28 14.06
N SER C 123 22.43 31.04 13.97
CA SER C 123 22.39 30.09 15.09
C SER C 123 23.84 29.80 15.45
N PHE C 124 24.28 30.28 16.61
CA PHE C 124 25.64 30.06 17.06
C PHE C 124 25.74 28.81 17.98
N SER C 125 26.98 28.40 18.27
CA SER C 125 27.21 27.18 19.03
C SER C 125 26.40 26.06 18.41
N CYS C 126 26.38 25.99 17.09
CA CYS C 126 25.54 25.00 16.43
C CYS C 126 26.38 24.25 15.41
N ARG C 127 26.90 23.09 15.82
CA ARG C 127 27.76 22.30 14.99
C ARG C 127 26.94 21.41 14.10
N ILE C 128 27.03 21.67 12.82
CA ILE C 128 26.29 20.86 11.88
C ILE C 128 27.04 19.58 11.61
N THR C 129 26.35 18.46 11.69
CA THR C 129 27.01 17.17 11.46
C THR C 129 26.55 16.45 10.16
N ASP C 130 25.33 16.73 9.70
CA ASP C 130 24.81 16.09 8.45
C ASP C 130 23.94 17.05 7.69
N VAL C 131 24.05 16.99 6.37
CA VAL C 131 23.24 17.81 5.47
C VAL C 131 22.60 16.90 4.43
N PHE C 132 21.27 16.90 4.37
CA PHE C 132 20.57 16.00 3.49
C PHE C 132 19.28 16.63 2.99
N ARG C 133 18.80 16.21 1.84
CA ARG C 133 17.57 16.81 1.36
C ARG C 133 16.55 15.74 1.12
N GLY C 134 15.28 16.15 1.22
CA GLY C 134 14.17 15.30 0.83
C GLY C 134 13.84 15.65 -0.60
N GLU C 135 12.57 15.48 -0.98
CA GLU C 135 12.13 15.80 -2.33
C GLU C 135 12.15 17.31 -2.60
N GLN C 136 11.85 18.15 -1.61
CA GLN C 136 11.77 19.57 -1.86
C GLN C 136 12.90 20.34 -1.17
N HIS C 137 13.12 20.05 0.11
CA HIS C 137 13.90 20.93 0.98
C HIS C 137 15.16 20.28 1.50
N TRP C 138 16.08 21.12 1.89
CA TRP C 138 17.28 20.70 2.59
C TRP C 138 17.08 20.76 4.08
N ASN C 139 17.84 19.93 4.78
CA ASN C 139 17.74 19.80 6.23
C ASN C 139 19.11 19.68 6.78
N LEU C 140 19.32 20.26 7.96
CA LEU C 140 20.59 20.13 8.68
C LEU C 140 20.37 19.43 10.04
N LEU C 141 21.26 18.50 10.38
CA LEU C 141 21.31 17.91 11.73
C LEU C 141 22.50 18.46 12.49
N ASP C 142 22.29 18.86 13.74
CA ASP C 142 23.42 19.32 14.54
C ASP C 142 23.87 18.23 15.50
N ALA C 143 24.90 18.54 16.28
CA ALA C 143 25.57 17.56 17.11
C ALA C 143 24.70 17.17 18.28
N GLU C 144 23.62 17.91 18.52
CA GLU C 144 22.66 17.55 19.53
C GLU C 144 21.55 16.74 18.88
N SER C 145 21.71 16.37 17.60
CA SER C 145 20.67 15.63 16.90
C SER C 145 19.39 16.43 16.66
N GLU C 146 19.47 17.75 16.71
CA GLU C 146 18.27 18.54 16.43
C GLU C 146 18.24 18.87 14.95
N ASN C 147 17.07 18.73 14.37
CA ASN C 147 16.89 19.04 12.96
C ASN C 147 16.70 20.55 12.74
N HIS C 148 17.27 21.08 11.65
CA HIS C 148 17.04 22.46 11.20
C HIS C 148 16.59 22.48 9.74
N GLY C 149 15.58 23.30 9.45
CA GLY C 149 15.05 23.39 8.08
C GLY C 149 13.57 23.61 8.19
N PRO C 150 12.85 23.65 7.06
CA PRO C 150 13.41 23.39 5.72
C PRO C 150 14.21 24.56 5.17
N PHE C 151 15.18 24.28 4.31
CA PHE C 151 15.92 25.31 3.60
C PHE C 151 15.85 24.97 2.12
N SER C 152 15.88 25.99 1.28
CA SER C 152 15.73 25.87 -0.17
C SER C 152 17.05 25.45 -0.82
N HIS C 153 18.14 25.91 -0.24
CA HIS C 153 19.47 25.66 -0.73
C HIS C 153 20.44 25.66 0.42
N VAL C 154 21.63 25.11 0.18
CA VAL C 154 22.66 25.10 1.22
C VAL C 154 24.01 25.59 0.68
N ILE C 155 24.65 26.51 1.41
CA ILE C 155 26.02 26.90 1.13
C ILE C 155 26.92 26.43 2.30
N ILE C 156 27.93 25.64 1.98
CA ILE C 156 28.94 25.20 2.92
C ILE C 156 30.13 26.18 2.81
N ALA C 157 30.51 26.82 3.90
CA ALA C 157 31.61 27.79 3.88
C ALA C 157 32.58 27.51 5.03
N THR C 158 33.06 26.28 5.08
CA THR C 158 33.99 25.85 6.11
C THR C 158 35.31 25.48 5.48
N PRO C 159 36.38 25.37 6.28
CA PRO C 159 37.61 24.75 5.75
C PRO C 159 37.31 23.42 5.10
N ALA C 160 38.05 23.06 4.07
CA ALA C 160 37.74 21.90 3.24
C ALA C 160 37.52 20.58 4.01
N PRO C 161 38.39 20.26 4.95
CA PRO C 161 38.21 18.99 5.67
C PRO C 161 36.98 18.93 6.53
N GLN C 162 36.45 20.09 6.93
CA GLN C 162 35.24 20.15 7.73
C GLN C 162 34.02 20.19 6.83
N ALA C 163 34.21 20.54 5.57
CA ALA C 163 33.16 20.55 4.61
C ALA C 163 32.80 19.15 4.12
N THR C 164 33.77 18.24 4.09
CA THR C 164 33.52 16.94 3.45
C THR C 164 32.40 16.15 4.12
N ALA C 165 32.34 16.22 5.45
CA ALA C 165 31.31 15.52 6.21
C ALA C 165 29.91 16.07 5.93
N LEU C 166 29.87 17.31 5.43
CA LEU C 166 28.62 17.97 5.18
C LEU C 166 28.18 17.81 3.71
N LEU C 167 28.97 17.05 2.93
CA LEU C 167 28.72 16.90 1.49
C LEU C 167 28.31 15.47 1.10
N ALA C 168 27.86 14.66 2.06
CA ALA C 168 27.52 13.27 1.78
C ALA C 168 26.38 13.20 0.72
N ALA C 169 25.58 14.25 0.59
CA ALA C 169 24.54 14.26 -0.43
C ALA C 169 25.15 14.38 -1.81
N ALA C 170 26.42 14.70 -1.92
CA ALA C 170 27.04 14.91 -3.24
C ALA C 170 28.45 14.32 -3.26
N PRO C 171 28.55 13.00 -3.36
CA PRO C 171 29.84 12.34 -3.11
C PRO C 171 30.93 12.77 -4.11
N LYS C 172 30.50 13.09 -5.33
CA LYS C 172 31.49 13.57 -6.31
C LYS C 172 32.13 14.88 -5.84
N LEU C 173 31.31 15.82 -5.35
CA LEU C 173 31.83 17.06 -4.75
C LEU C 173 32.65 16.80 -3.51
N ALA C 174 32.12 15.96 -2.63
CA ALA C 174 32.82 15.61 -1.40
C ALA C 174 34.23 15.08 -1.74
N SER C 175 34.31 14.26 -2.76
CA SER C 175 35.60 13.69 -3.15
C SER C 175 36.64 14.74 -3.55
N VAL C 176 36.21 15.77 -4.25
CA VAL C 176 37.06 16.89 -4.63
C VAL C 176 37.56 17.69 -3.47
N VAL C 177 36.64 17.98 -2.56
CA VAL C 177 36.90 18.83 -1.39
C VAL C 177 37.81 18.10 -0.42
N ALA C 178 37.55 16.82 -0.26
CA ALA C 178 38.36 15.98 0.62
C ALA C 178 39.82 15.86 0.18
N GLY C 179 40.10 16.06 -1.10
CA GLY C 179 41.47 15.97 -1.56
C GLY C 179 42.22 17.26 -1.22
N VAL C 180 41.53 18.26 -0.65
CA VAL C 180 42.17 19.56 -0.40
C VAL C 180 42.88 19.58 0.96
N LYS C 181 44.21 19.71 0.90
CA LYS C 181 45.07 19.68 2.08
C LYS C 181 45.17 21.05 2.69
N MET C 182 45.03 21.10 4.00
CA MET C 182 45.15 22.34 4.74
C MET C 182 46.31 22.24 5.73
N ASP C 183 47.15 23.27 5.85
CA ASP C 183 48.26 23.23 6.81
C ASP C 183 47.85 23.83 8.13
N PRO C 184 48.43 23.36 9.24
CA PRO C 184 48.16 23.94 10.56
C PRO C 184 49.12 25.09 10.87
N THR C 185 48.73 25.90 11.84
CA THR C 185 49.57 26.94 12.35
C THR C 185 49.34 27.07 13.82
N TRP C 186 50.43 27.06 14.56
CA TRP C 186 50.40 27.45 15.94
C TRP C 186 50.65 28.92 16.01
N ALA C 187 49.83 29.62 16.79
CA ALA C 187 50.01 31.03 17.05
C ALA C 187 50.21 31.25 18.51
N VAL C 188 51.06 32.22 18.79
CA VAL C 188 51.30 32.61 20.15
C VAL C 188 51.19 34.11 20.27
N ALA C 189 50.61 34.58 21.37
CA ALA C 189 50.65 35.99 21.66
C ALA C 189 51.48 36.21 22.94
N LEU C 190 52.30 37.25 22.92
CA LEU C 190 53.11 37.64 24.06
C LEU C 190 52.96 39.16 24.32
N ALA C 191 52.91 39.55 25.58
CA ALA C 191 52.84 40.98 25.94
C ALA C 191 53.93 41.31 26.96
N PHE C 192 54.57 42.45 26.78
CA PHE C 192 55.65 42.93 27.62
C PHE C 192 55.14 44.23 28.27
N GLU C 193 55.56 44.50 29.50
CA GLU C 193 55.16 45.70 30.21
C GLU C 193 55.83 46.91 29.59
N THR C 194 57.12 46.76 29.38
CA THR C 194 57.95 47.76 28.71
C THR C 194 58.07 47.45 27.23
N PRO C 195 57.81 48.44 26.37
CA PRO C 195 57.99 48.17 24.95
C PRO C 195 59.40 47.72 24.61
N LEU C 196 59.50 46.74 23.73
CA LEU C 196 60.80 46.27 23.28
C LEU C 196 61.50 47.42 22.59
N GLN C 197 62.77 47.57 22.89
CA GLN C 197 63.53 48.67 22.35
C GLN C 197 63.96 48.33 20.93
N THR C 198 62.95 48.21 20.08
CA THR C 198 63.19 48.02 18.67
C THR C 198 62.15 48.85 17.90
N PRO C 199 62.55 49.37 16.73
CA PRO C 199 61.54 50.07 15.93
C PRO C 199 60.67 49.07 15.15
N MET C 200 61.08 47.82 15.10
CA MET C 200 60.33 46.83 14.39
C MET C 200 58.87 46.69 14.86
N GLN C 201 57.99 46.63 13.88
CA GLN C 201 56.55 46.44 14.10
C GLN C 201 56.02 45.17 13.42
N GLY C 202 56.82 44.58 12.54
CA GLY C 202 56.50 43.32 11.90
C GLY C 202 57.72 42.70 11.25
N CYS C 203 57.72 41.37 11.16
CA CYS C 203 58.86 40.69 10.58
C CYS C 203 58.48 39.46 9.85
N PHE C 204 59.00 39.32 8.62
CA PHE C 204 59.01 38.08 7.86
C PHE C 204 60.26 37.31 8.32
N VAL C 205 60.10 36.05 8.73
CA VAL C 205 61.19 35.32 9.38
C VAL C 205 61.51 34.08 8.57
N GLN C 206 62.81 33.85 8.32
CA GLN C 206 63.34 32.60 7.73
C GLN C 206 64.26 31.93 8.72
N ASP C 207 64.55 30.66 8.46
CA ASP C 207 65.51 29.91 9.27
C ASP C 207 65.11 29.88 10.73
N SER C 208 63.82 29.72 10.98
CA SER C 208 63.30 29.79 12.32
C SER C 208 62.04 28.98 12.43
N PRO C 209 61.68 28.54 13.65
CA PRO C 209 60.33 28.02 13.83
C PRO C 209 59.29 29.04 13.40
N LEU C 210 59.61 30.32 13.55
CA LEU C 210 58.65 31.38 13.19
C LEU C 210 58.75 31.75 11.73
N ASP C 211 57.61 32.12 11.11
CA ASP C 211 57.72 32.80 9.83
C ASP C 211 57.16 34.21 9.90
N TRP C 212 56.48 34.55 10.99
CA TRP C 212 55.91 35.89 11.07
C TRP C 212 55.74 36.32 12.51
N LEU C 213 55.89 37.61 12.73
CA LEU C 213 55.53 38.20 14.00
C LEU C 213 55.07 39.61 13.72
N ALA C 214 54.18 40.10 14.57
CA ALA C 214 53.59 41.41 14.40
C ALA C 214 53.37 42.01 15.76
N ARG C 215 53.53 43.33 15.81
CA ARG C 215 53.38 44.14 17.00
C ARG C 215 51.98 44.71 17.01
N ASN C 216 51.17 44.33 18.00
CA ASN C 216 49.76 44.70 18.00
C ASN C 216 49.43 46.17 18.14
N ARG C 217 50.15 46.85 19.01
CA ARG C 217 49.85 48.24 19.26
C ARG C 217 50.21 49.07 18.02
N SER C 218 50.90 48.50 17.03
CA SER C 218 51.20 49.29 15.81
C SER C 218 50.03 49.32 14.84
N LYS C 219 48.99 48.54 15.11
CA LYS C 219 47.84 48.53 14.21
C LYS C 219 46.87 49.62 14.66
N PRO C 220 46.30 50.36 13.69
CA PRO C 220 45.43 51.47 14.07
C PRO C 220 44.21 51.00 14.86
N GLY C 221 43.97 51.70 15.95
CA GLY C 221 42.78 51.51 16.76
C GLY C 221 42.90 50.34 17.70
N LEU C 226 50.08 47.66 27.02
CA LEU C 226 51.06 46.58 26.86
C LEU C 226 51.68 46.53 25.47
N ASP C 227 52.95 46.16 25.41
CA ASP C 227 53.56 45.92 24.09
C ASP C 227 53.23 44.46 23.75
N SER C 228 52.17 44.23 22.97
CA SER C 228 51.76 42.85 22.67
C SER C 228 52.14 42.41 21.27
N TRP C 229 52.58 41.14 21.18
CA TRP C 229 53.04 40.59 19.93
C TRP C 229 52.35 39.28 19.56
N VAL C 230 52.07 39.10 18.26
CA VAL C 230 51.53 37.82 17.77
C VAL C 230 52.62 37.15 16.94
N LEU C 231 52.86 35.88 17.24
CA LEU C 231 53.87 35.03 16.61
C LEU C 231 53.21 33.90 15.82
N HIS C 232 53.56 33.70 14.56
CA HIS C 232 53.08 32.57 13.76
C HIS C 232 54.19 31.65 13.36
N ALA C 233 54.04 30.36 13.70
CA ALA C 233 55.01 29.36 13.32
C ALA C 233 54.86 28.95 11.88
N THR C 234 55.93 28.40 11.30
CA THR C 234 55.79 27.80 9.99
C THR C 234 54.82 26.62 10.10
N SER C 235 54.27 26.21 8.97
CA SER C 235 53.39 25.05 8.95
C SER C 235 54.22 23.79 9.24
N GLN C 236 55.45 23.77 8.75
CA GLN C 236 56.36 22.70 9.02
C GLN C 236 56.59 22.55 10.53
N TRP C 237 56.90 23.65 11.20
CA TRP C 237 57.15 23.54 12.63
C TRP C 237 55.90 23.13 13.37
N SER C 238 54.80 23.69 12.90
CA SER C 238 53.51 23.48 13.54
C SER C 238 53.14 22.02 13.46
N ARG C 239 53.40 21.42 12.31
CA ARG C 239 53.16 20.02 12.11
C ARG C 239 54.03 19.19 13.06
N GLN C 240 55.31 19.55 13.10
CA GLN C 240 56.30 18.90 13.93
C GLN C 240 55.89 18.94 15.40
N ASN C 241 55.12 19.94 15.75
CA ASN C 241 54.74 20.13 17.13
C ASN C 241 53.23 20.18 17.31
N LEU C 242 52.53 19.50 16.44
CA LEU C 242 51.09 19.68 16.39
C LEU C 242 50.38 19.30 17.69
N ASP C 243 50.90 18.30 18.42
CA ASP C 243 50.26 17.87 19.67
C ASP C 243 50.99 18.33 20.90
N ALA C 244 51.85 19.32 20.77
CA ALA C 244 52.49 19.91 21.94
C ALA C 244 51.47 20.61 22.81
N SER C 245 51.77 20.73 24.11
CA SER C 245 50.89 21.49 24.99
C SER C 245 51.09 22.99 24.68
N ARG C 246 50.09 23.78 25.00
CA ARG C 246 50.14 25.23 24.85
C ARG C 246 51.35 25.79 25.54
N GLU C 247 51.64 25.29 26.74
CA GLU C 247 52.74 25.89 27.48
C GLU C 247 54.10 25.65 26.74
N GLN C 248 54.27 24.49 26.14
CA GLN C 248 55.49 24.19 25.39
C GLN C 248 55.60 25.06 24.16
N VAL C 249 54.50 25.19 23.43
CA VAL C 249 54.48 26.05 22.22
C VAL C 249 54.87 27.43 22.60
N ILE C 250 54.27 27.95 23.67
CA ILE C 250 54.64 29.26 24.14
C ILE C 250 56.16 29.29 24.38
N GLU C 251 56.65 28.31 25.13
CA GLU C 251 58.07 28.30 25.46
C GLU C 251 58.96 28.31 24.21
N HIS C 252 58.69 27.44 23.24
CA HIS C 252 59.53 27.38 22.07
C HIS C 252 59.44 28.65 21.18
N LEU C 253 58.24 29.17 20.96
CA LEU C 253 58.09 30.30 20.07
C LEU C 253 58.54 31.55 20.75
N HIS C 254 58.29 31.62 22.05
CA HIS C 254 58.87 32.69 22.84
C HIS C 254 60.43 32.70 22.69
N GLY C 255 61.03 31.52 22.76
CA GLY C 255 62.45 31.38 22.61
C GLY C 255 62.94 31.79 21.23
N ALA C 256 62.21 31.41 20.19
CA ALA C 256 62.58 31.78 18.80
C ALA C 256 62.60 33.27 18.64
N PHE C 257 61.64 33.91 19.28
CA PHE C 257 61.54 35.35 19.24
C PHE C 257 62.71 36.00 19.97
N ALA C 258 63.03 35.54 21.18
CA ALA C 258 64.18 36.11 21.91
C ALA C 258 65.51 35.90 21.18
N GLU C 259 65.62 34.82 20.42
CA GLU C 259 66.83 34.50 19.65
C GLU C 259 67.08 35.46 18.47
N LEU C 260 66.01 35.91 17.81
CA LEU C 260 66.16 36.72 16.60
C LEU C 260 66.09 38.21 16.90
N ILE C 261 65.46 38.61 18.01
CA ILE C 261 65.35 40.05 18.33
C ILE C 261 66.75 40.70 18.62
N ASP C 262 66.91 41.94 18.18
CA ASP C 262 68.17 42.68 18.23
C ASP C 262 68.26 43.63 19.45
N CYS C 263 67.42 43.41 20.46
CA CYS C 263 67.37 44.25 21.66
C CYS C 263 67.07 43.34 22.83
N ALA C 264 67.10 43.89 24.04
CA ALA C 264 66.76 43.07 25.18
C ALA C 264 65.32 42.68 25.10
N MET C 265 65.01 41.52 25.66
CA MET C 265 63.64 41.07 25.69
C MET C 265 63.47 40.57 27.11
N PRO C 266 62.71 41.32 27.93
CA PRO C 266 62.45 40.80 29.27
C PRO C 266 61.48 39.66 29.24
N ALA C 267 61.30 38.99 30.37
CA ALA C 267 60.27 37.96 30.49
C ALA C 267 58.93 38.62 30.22
N PRO C 268 58.07 37.93 29.44
CA PRO C 268 56.77 38.56 29.19
C PRO C 268 55.86 38.53 30.40
N VAL C 269 54.91 39.46 30.41
CA VAL C 269 53.88 39.63 31.43
C VAL C 269 52.64 38.76 31.21
N PHE C 270 52.43 38.36 29.95
CA PHE C 270 51.35 37.44 29.65
C PHE C 270 51.56 36.65 28.36
N SER C 271 50.87 35.52 28.27
CA SER C 271 51.03 34.66 27.12
C SER C 271 49.87 33.75 26.77
N LEU C 272 49.65 33.57 25.48
CA LEU C 272 48.59 32.73 24.92
C LEU C 272 49.06 31.90 23.76
N ALA C 273 48.43 30.74 23.61
CA ALA C 273 48.67 29.92 22.44
C ALA C 273 47.35 29.44 21.87
N HIS C 274 47.31 29.38 20.55
CA HIS C 274 46.16 28.82 19.85
C HIS C 274 46.60 28.00 18.66
N ARG C 275 46.02 26.82 18.55
CA ARG C 275 46.32 25.92 17.44
C ARG C 275 45.20 26.02 16.45
N TRP C 276 45.59 26.29 15.20
CA TRP C 276 44.65 26.22 14.10
C TRP C 276 45.01 24.96 13.35
N LEU C 277 44.14 23.96 13.38
CA LEU C 277 44.42 22.75 12.63
C LEU C 277 44.41 22.97 11.13
N TYR C 278 43.45 23.79 10.70
CA TYR C 278 43.20 23.99 9.28
C TYR C 278 43.39 25.49 8.98
N ALA C 279 44.64 25.93 9.06
CA ALA C 279 44.96 27.36 9.02
C ALA C 279 44.93 27.91 7.61
N ARG C 280 45.47 27.14 6.69
CA ARG C 280 45.50 27.65 5.34
C ARG C 280 45.67 26.53 4.38
N PRO C 281 45.19 26.72 3.15
CA PRO C 281 45.37 25.64 2.18
C PRO C 281 46.84 25.45 1.84
N ALA C 282 47.23 24.20 1.69
CA ALA C 282 48.62 23.86 1.38
C ALA C 282 49.02 24.38 0.02
N GLY C 283 48.07 24.46 -0.91
CA GLY C 283 48.34 24.96 -2.26
C GLY C 283 47.27 25.93 -2.73
N SER C 284 47.43 26.48 -3.93
CA SER C 284 46.44 27.40 -4.52
C SER C 284 45.45 26.67 -5.40
N HIS C 285 44.27 27.26 -5.55
CA HIS C 285 43.27 26.71 -6.43
C HIS C 285 42.64 27.84 -7.24
N GLU C 286 41.93 27.49 -8.33
CA GLU C 286 41.27 28.44 -9.26
C GLU C 286 39.78 28.15 -9.39
N TRP C 287 39.27 27.25 -8.57
CA TRP C 287 37.88 26.86 -8.70
C TRP C 287 36.92 28.04 -8.51
N GLY C 288 37.24 28.92 -7.58
CA GLY C 288 36.32 29.97 -7.21
C GLY C 288 35.27 29.50 -6.21
N ALA C 289 34.48 28.52 -6.64
CA ALA C 289 33.56 27.84 -5.75
C ALA C 289 33.33 26.45 -6.34
N LEU C 290 32.75 25.56 -5.57
CA LEU C 290 32.34 24.25 -6.07
C LEU C 290 30.85 24.09 -5.83
N SER C 291 30.15 23.45 -6.75
CA SER C 291 28.74 23.32 -6.57
C SER C 291 28.11 22.11 -7.19
N ASP C 292 27.00 21.68 -6.61
CA ASP C 292 26.08 20.80 -7.35
C ASP C 292 24.78 21.61 -7.40
N ALA C 293 24.67 22.46 -8.40
CA ALA C 293 23.57 23.41 -8.49
C ALA C 293 22.27 22.66 -8.66
N ASP C 294 22.33 21.58 -9.41
CA ASP C 294 21.17 20.77 -9.69
C ASP C 294 20.51 20.32 -8.40
N LEU C 295 21.35 19.99 -7.40
CA LEU C 295 20.91 19.48 -6.10
C LEU C 295 20.59 20.64 -5.14
N GLY C 296 21.26 21.78 -5.37
CA GLY C 296 21.10 22.98 -4.56
C GLY C 296 22.14 23.21 -3.46
N ILE C 297 23.30 22.61 -3.62
CA ILE C 297 24.35 22.78 -2.63
C ILE C 297 25.62 23.39 -3.26
N TYR C 298 26.19 24.35 -2.56
CA TYR C 298 27.29 25.16 -3.00
C TYR C 298 28.36 25.18 -1.90
N VAL C 299 29.63 25.28 -2.30
CA VAL C 299 30.77 25.20 -1.37
C VAL C 299 31.69 26.35 -1.66
N CYS C 300 32.15 27.06 -0.64
CA CYS C 300 33.09 28.14 -0.89
C CYS C 300 34.06 28.20 0.27
N GLY C 301 35.08 29.02 0.13
CA GLY C 301 36.11 29.18 1.13
C GLY C 301 37.38 29.66 0.51
N ASP C 302 38.30 30.14 1.35
CA ASP C 302 39.59 30.59 0.88
C ASP C 302 40.31 29.57 0.00
N TRP C 303 40.09 28.31 0.29
CA TRP C 303 40.79 27.26 -0.39
C TRP C 303 40.29 26.98 -1.80
N CYS C 304 39.18 27.61 -2.21
CA CYS C 304 38.70 27.49 -3.59
C CYS C 304 39.52 28.43 -4.47
N LEU C 305 40.25 29.33 -3.82
CA LEU C 305 41.08 30.29 -4.50
C LEU C 305 42.48 30.38 -3.87
N SER C 306 42.87 31.53 -3.33
CA SER C 306 44.29 31.75 -2.98
C SER C 306 44.68 31.45 -1.53
N GLY C 307 43.72 31.17 -0.67
CA GLY C 307 44.03 30.85 0.72
C GLY C 307 44.31 32.12 1.50
N ARG C 308 43.81 33.24 0.98
CA ARG C 308 43.93 34.53 1.63
C ARG C 308 42.52 35.06 1.85
N VAL C 309 42.44 36.12 2.63
CA VAL C 309 41.16 36.78 2.94
C VAL C 309 40.40 37.12 1.66
N GLU C 310 41.13 37.67 0.71
CA GLU C 310 40.57 38.05 -0.59
C GLU C 310 39.99 36.82 -1.28
N GLY C 311 40.71 35.71 -1.20
CA GLY C 311 40.21 34.48 -1.81
C GLY C 311 38.90 34.02 -1.19
N ALA C 312 38.83 34.10 0.12
CA ALA C 312 37.62 33.69 0.82
C ALA C 312 36.46 34.59 0.41
N TRP C 313 36.69 35.91 0.40
CA TRP C 313 35.62 36.84 0.05
C TRP C 313 35.13 36.60 -1.39
N LEU C 314 36.08 36.53 -2.32
CA LEU C 314 35.73 36.27 -3.72
C LEU C 314 34.97 34.96 -3.87
N SER C 315 35.42 33.91 -3.16
CA SER C 315 34.80 32.59 -3.27
C SER C 315 33.33 32.67 -2.82
N GLY C 316 33.08 33.36 -1.73
CA GLY C 316 31.70 33.49 -1.28
C GLY C 316 30.81 34.25 -2.24
N GLN C 317 31.37 35.30 -2.86
CA GLN C 317 30.64 36.02 -3.88
C GLN C 317 30.31 35.08 -5.01
N GLU C 318 31.26 34.25 -5.35
CA GLU C 318 31.10 33.35 -6.48
C GLU C 318 30.02 32.27 -6.15
N ALA C 319 30.06 31.73 -4.92
CA ALA C 319 29.05 30.74 -4.52
C ALA C 319 27.63 31.32 -4.64
N ALA C 320 27.48 32.55 -4.19
CA ALA C 320 26.18 33.22 -4.25
C ALA C 320 25.74 33.44 -5.70
N ARG C 321 26.68 33.85 -6.52
CA ARG C 321 26.40 34.11 -7.91
C ARG C 321 25.89 32.88 -8.61
N ARG C 322 26.51 31.73 -8.34
CA ARG C 322 26.06 30.52 -9.02
C ARG C 322 24.65 30.17 -8.60
N LEU C 323 24.35 30.30 -7.31
CA LEU C 323 23.04 29.99 -6.81
C LEU C 323 22.02 30.98 -7.49
N LEU C 324 22.32 32.28 -7.47
CA LEU C 324 21.36 33.24 -8.01
C LEU C 324 21.11 33.03 -9.53
N GLU C 325 22.16 32.73 -10.26
N GLU C 325 22.16 32.76 -10.28
CA GLU C 325 22.08 32.55 -11.71
CA GLU C 325 22.03 32.58 -11.72
C GLU C 325 21.25 31.29 -12.05
C GLU C 325 21.25 31.29 -12.07
N HIS C 326 21.31 30.29 -11.20
CA HIS C 326 20.61 28.99 -11.39
C HIS C 326 19.14 28.96 -11.02
N LEU C 327 18.70 29.96 -10.28
CA LEU C 327 17.30 29.98 -9.87
C LEU C 327 16.33 29.96 -11.03
N GLN C 328 16.72 30.56 -12.14
CA GLN C 328 15.84 30.59 -13.30
C GLN C 328 15.58 29.20 -13.89
N LEU C 329 16.51 28.28 -13.64
CA LEU C 329 16.36 26.91 -14.11
C LEU C 329 15.63 25.97 -13.16
N GLU C 330 15.22 26.47 -12.00
CA GLU C 330 14.64 25.62 -10.94
C GLU C 330 13.11 25.60 -10.94
N VAL D 3 -53.64 -1.03 -18.69
CA VAL D 3 -52.77 -1.93 -17.92
C VAL D 3 -51.29 -1.49 -18.00
N PRO D 4 -50.62 -1.28 -16.86
CA PRO D 4 -49.30 -0.64 -16.97
C PRO D 4 -48.13 -1.55 -17.47
N ILE D 5 -47.02 -0.89 -17.79
CA ILE D 5 -45.78 -1.56 -18.14
C ILE D 5 -44.97 -1.77 -16.86
N ALA D 6 -44.52 -2.99 -16.60
CA ALA D 6 -43.67 -3.27 -15.44
C ALA D 6 -42.22 -3.00 -15.77
N ILE D 7 -41.55 -2.31 -14.84
CA ILE D 7 -40.11 -2.08 -14.97
C ILE D 7 -39.43 -2.63 -13.75
N ILE D 8 -38.55 -3.60 -13.98
CA ILE D 8 -37.84 -4.24 -12.89
C ILE D 8 -36.44 -3.64 -12.79
N GLY D 9 -36.23 -2.87 -11.73
CA GLY D 9 -34.99 -2.16 -11.54
C GLY D 9 -35.16 -0.67 -11.58
N THR D 10 -34.71 0.00 -10.52
CA THR D 10 -34.86 1.46 -10.42
C THR D 10 -33.53 2.13 -10.32
N GLY D 11 -32.54 1.58 -11.05
CA GLY D 11 -31.34 2.34 -11.28
C GLY D 11 -31.64 3.32 -12.42
N ILE D 12 -30.63 3.97 -12.94
CA ILE D 12 -30.87 5.02 -13.88
C ILE D 12 -31.45 4.43 -15.18
N ALA D 13 -31.11 3.19 -15.55
CA ALA D 13 -31.63 2.60 -16.80
C ALA D 13 -33.12 2.38 -16.69
N GLY D 14 -33.54 1.77 -15.59
CA GLY D 14 -34.97 1.50 -15.39
C GLY D 14 -35.71 2.82 -15.37
N LEU D 15 -35.15 3.80 -14.67
CA LEU D 15 -35.86 5.08 -14.51
C LEU D 15 -35.81 5.93 -15.75
N SER D 16 -34.75 5.79 -16.53
CA SER D 16 -34.69 6.43 -17.83
C SER D 16 -35.81 5.87 -18.75
N ALA D 17 -35.93 4.55 -18.78
CA ALA D 17 -37.04 3.94 -19.48
C ALA D 17 -38.39 4.49 -18.95
N ALA D 18 -38.52 4.55 -17.64
CA ALA D 18 -39.75 5.01 -17.04
C ALA D 18 -40.11 6.43 -17.46
N GLN D 19 -39.11 7.30 -17.48
CA GLN D 19 -39.31 8.70 -17.87
C GLN D 19 -39.80 8.80 -19.29
N ALA D 20 -39.16 8.06 -20.19
CA ALA D 20 -39.55 8.11 -21.59
C ALA D 20 -40.97 7.62 -21.85
N LEU D 21 -41.31 6.48 -21.25
CA LEU D 21 -42.67 5.92 -21.38
C LEU D 21 -43.71 6.87 -20.81
N THR D 22 -43.44 7.47 -19.65
CA THR D 22 -44.45 8.35 -19.07
C THR D 22 -44.54 9.66 -19.87
N SER D 23 -43.43 10.13 -20.42
CA SER D 23 -43.52 11.34 -21.27
C SER D 23 -44.36 11.06 -22.52
N ALA D 24 -44.43 9.81 -22.93
CA ALA D 24 -45.20 9.42 -24.10
C ALA D 24 -46.63 9.08 -23.71
N GLY D 25 -46.94 9.25 -22.43
CA GLY D 25 -48.30 9.07 -21.97
C GLY D 25 -48.63 7.68 -21.49
N HIS D 26 -47.62 6.84 -21.28
CA HIS D 26 -47.90 5.47 -20.86
C HIS D 26 -47.63 5.25 -19.37
N GLN D 27 -48.43 4.42 -18.73
CA GLN D 27 -48.25 4.15 -17.29
C GLN D 27 -47.30 3.00 -17.02
N VAL D 28 -46.56 3.17 -15.94
CA VAL D 28 -45.57 2.16 -15.54
C VAL D 28 -45.77 1.79 -14.08
N HIS D 29 -45.22 0.64 -13.69
CA HIS D 29 -45.05 0.36 -12.25
C HIS D 29 -43.63 -0.19 -12.05
N LEU D 30 -42.87 0.46 -11.15
CA LEU D 30 -41.47 0.17 -10.89
C LEU D 30 -41.35 -0.83 -9.74
N PHE D 31 -40.34 -1.67 -9.84
CA PHE D 31 -40.03 -2.67 -8.84
C PHE D 31 -38.57 -2.62 -8.50
N ASP D 32 -38.23 -2.73 -7.21
CA ASP D 32 -36.84 -2.90 -6.84
C ASP D 32 -36.77 -3.72 -5.57
N LYS D 33 -35.79 -4.63 -5.52
CA LYS D 33 -35.55 -5.43 -4.33
C LYS D 33 -35.02 -4.59 -3.15
N SER D 34 -34.45 -3.43 -3.44
CA SER D 34 -33.90 -2.57 -2.38
C SER D 34 -34.99 -1.75 -1.74
N ARG D 35 -34.61 -1.06 -0.67
CA ARG D 35 -35.54 -0.23 0.06
C ARG D 35 -35.74 1.10 -0.66
N GLY D 36 -34.77 1.47 -1.51
CA GLY D 36 -34.91 2.68 -2.30
C GLY D 36 -34.34 2.54 -3.71
N SER D 37 -34.38 3.62 -4.50
CA SER D 37 -33.94 3.62 -5.89
C SER D 37 -32.55 4.13 -6.03
N GLY D 38 -32.04 4.13 -7.27
CA GLY D 38 -30.70 4.61 -7.54
C GLY D 38 -29.74 3.52 -7.97
N GLY D 39 -29.96 2.30 -7.45
CA GLY D 39 -29.06 1.22 -7.77
C GLY D 39 -27.62 1.56 -7.50
N ARG D 40 -26.78 1.39 -8.50
CA ARG D 40 -25.38 1.62 -8.24
C ARG D 40 -25.01 3.11 -8.10
N MET D 41 -25.97 4.00 -8.33
CA MET D 41 -25.84 5.43 -8.06
C MET D 41 -26.30 5.89 -6.69
N SER D 42 -26.96 5.02 -5.96
CA SER D 42 -27.57 5.43 -4.70
C SER D 42 -26.52 5.94 -3.68
N SER D 43 -26.96 6.67 -2.67
CA SER D 43 -26.04 7.29 -1.72
C SER D 43 -26.28 6.54 -0.42
N LYS D 44 -25.25 6.22 0.34
CA LYS D 44 -25.45 5.55 1.63
C LYS D 44 -25.71 6.56 2.77
N ARG D 45 -26.80 6.43 3.53
CA ARG D 45 -26.99 7.27 4.72
C ARG D 45 -26.12 6.72 5.86
N SER D 46 -25.53 7.58 6.66
CA SER D 46 -24.72 7.07 7.74
C SER D 46 -24.41 8.14 8.77
N ASP D 47 -23.77 7.70 9.85
CA ASP D 47 -23.32 8.59 10.91
C ASP D 47 -22.31 9.63 10.38
N ALA D 48 -21.81 9.44 9.16
CA ALA D 48 -20.85 10.36 8.58
C ALA D 48 -21.41 11.07 7.36
N GLY D 49 -22.74 11.06 7.25
CA GLY D 49 -23.43 11.73 6.17
C GLY D 49 -23.83 10.83 5.02
N SER D 50 -24.40 11.43 3.98
CA SER D 50 -24.64 10.72 2.73
C SER D 50 -23.31 10.41 2.05
N LEU D 51 -23.15 9.16 1.65
CA LEU D 51 -21.94 8.71 1.02
C LEU D 51 -22.19 8.06 -0.34
N ASP D 52 -21.51 8.57 -1.36
CA ASP D 52 -21.57 8.08 -2.75
C ASP D 52 -20.64 6.87 -2.81
N MET D 53 -21.11 5.72 -2.34
CA MET D 53 -20.26 4.54 -2.29
C MET D 53 -20.14 3.83 -3.62
N GLY D 54 -21.10 4.04 -4.52
CA GLY D 54 -21.05 3.48 -5.84
C GLY D 54 -20.49 4.48 -6.81
N ALA D 55 -21.21 4.77 -7.90
CA ALA D 55 -20.77 5.79 -8.85
C ALA D 55 -20.41 7.08 -8.11
N GLN D 56 -19.26 7.62 -8.46
CA GLN D 56 -18.65 8.80 -7.81
C GLN D 56 -18.88 10.11 -8.57
N TYR D 57 -18.85 10.00 -9.88
CA TYR D 57 -19.05 11.15 -10.75
C TYR D 57 -19.37 10.52 -12.10
N PHE D 58 -19.87 11.32 -13.03
CA PHE D 58 -20.06 10.78 -14.36
C PHE D 58 -19.75 11.84 -15.37
N THR D 59 -19.45 11.36 -16.57
CA THR D 59 -19.20 12.20 -17.72
C THR D 59 -20.38 12.10 -18.66
N ALA D 60 -20.55 13.14 -19.48
CA ALA D 60 -21.59 13.14 -20.50
C ALA D 60 -20.93 13.37 -21.84
N ARG D 61 -20.94 12.37 -22.71
CA ARG D 61 -20.29 12.50 -24.01
C ARG D 61 -21.31 12.50 -25.15
N ASP D 62 -22.45 11.90 -24.89
CA ASP D 62 -23.58 11.82 -25.82
C ASP D 62 -24.50 13.03 -25.66
N ARG D 63 -24.89 13.64 -26.79
CA ARG D 63 -25.63 14.89 -26.80
C ARG D 63 -26.94 14.78 -26.06
N ARG D 64 -27.59 13.65 -26.25
CA ARG D 64 -28.88 13.41 -25.64
C ARG D 64 -28.78 13.36 -24.13
N PHE D 65 -27.75 12.69 -23.64
CA PHE D 65 -27.57 12.58 -22.22
C PHE D 65 -27.14 13.95 -21.61
N ALA D 66 -26.22 14.63 -22.27
CA ALA D 66 -25.79 15.98 -21.84
C ALA D 66 -26.99 16.91 -21.65
N THR D 67 -27.96 16.81 -22.54
CA THR D 67 -29.15 17.62 -22.43
C THR D 67 -29.92 17.30 -21.16
N ALA D 68 -30.01 16.03 -20.84
CA ALA D 68 -30.68 15.61 -19.64
C ALA D 68 -29.95 16.10 -18.40
N VAL D 69 -28.63 15.97 -18.44
CA VAL D 69 -27.78 16.38 -17.33
C VAL D 69 -27.96 17.87 -17.08
N LYS D 70 -28.04 18.65 -18.15
CA LYS D 70 -28.27 20.10 -18.01
C LYS D 70 -29.60 20.49 -17.41
N GLN D 71 -30.63 19.72 -17.72
CA GLN D 71 -31.93 19.90 -17.10
C GLN D 71 -31.81 19.62 -15.63
N TRP D 72 -31.12 18.53 -15.30
CA TRP D 72 -30.92 18.22 -13.90
C TRP D 72 -30.14 19.29 -13.18
N GLN D 73 -29.13 19.82 -13.86
CA GLN D 73 -28.34 20.92 -13.33
C GLN D 73 -29.23 22.11 -13.05
N ALA D 74 -30.05 22.49 -14.02
CA ALA D 74 -30.91 23.66 -13.85
C ALA D 74 -31.95 23.41 -12.75
N GLN D 75 -32.23 22.14 -12.45
CA GLN D 75 -33.20 21.80 -11.38
C GLN D 75 -32.49 21.73 -10.03
N GLY D 76 -31.17 21.80 -10.05
CA GLY D 76 -30.42 21.72 -8.80
C GLY D 76 -30.06 20.32 -8.33
N HIS D 77 -30.14 19.33 -9.20
CA HIS D 77 -29.90 17.97 -8.74
C HIS D 77 -28.53 17.48 -9.13
N VAL D 78 -27.81 18.26 -9.95
CA VAL D 78 -26.44 17.90 -10.28
C VAL D 78 -25.57 19.12 -10.34
N SER D 79 -24.27 18.92 -10.15
CA SER D 79 -23.40 20.07 -10.30
C SER D 79 -22.15 19.62 -10.99
N GLU D 80 -21.47 20.57 -11.63
CA GLU D 80 -20.19 20.25 -12.20
C GLU D 80 -19.27 20.17 -10.98
N TRP D 81 -18.42 19.16 -10.97
CA TRP D 81 -17.50 18.94 -9.86
C TRP D 81 -16.14 19.27 -10.36
N THR D 82 -15.43 20.14 -9.64
CA THR D 82 -14.10 20.57 -10.03
C THR D 82 -13.07 20.37 -8.89
N PRO D 83 -12.82 19.10 -8.55
CA PRO D 83 -11.83 18.75 -7.53
C PRO D 83 -10.41 18.98 -8.03
N LEU D 84 -9.52 19.22 -7.08
CA LEU D 84 -8.11 19.10 -7.36
C LEU D 84 -7.86 17.59 -7.43
N LEU D 85 -7.65 17.10 -8.65
CA LEU D 85 -7.48 15.69 -8.87
C LEU D 85 -6.01 15.43 -8.93
N TYR D 86 -5.63 14.30 -8.36
CA TYR D 86 -4.24 13.89 -8.27
C TYR D 86 -4.10 12.51 -8.93
N ASN D 87 -2.87 12.11 -9.19
CA ASN D 87 -2.59 10.78 -9.67
C ASN D 87 -1.55 10.11 -8.77
N PHE D 88 -1.72 8.81 -8.51
CA PHE D 88 -0.70 8.10 -7.72
C PHE D 88 -0.13 6.97 -8.56
N HIS D 89 1.18 7.03 -8.81
CA HIS D 89 1.81 6.24 -9.85
C HIS D 89 3.28 6.07 -9.50
N GLY D 90 3.75 4.83 -9.44
CA GLY D 90 5.14 4.60 -9.13
C GLY D 90 5.53 5.23 -7.82
N GLY D 91 4.62 5.18 -6.86
CA GLY D 91 4.90 5.66 -5.51
C GLY D 91 4.94 7.15 -5.27
N ARG D 92 4.54 7.97 -6.22
CA ARG D 92 4.48 9.40 -5.95
C ARG D 92 3.13 10.05 -6.28
N LEU D 93 2.77 11.03 -5.47
CA LEU D 93 1.52 11.78 -5.63
C LEU D 93 1.82 13.01 -6.45
N SER D 94 1.06 13.22 -7.52
CA SER D 94 1.18 14.43 -8.32
C SER D 94 -0.18 14.88 -8.88
N PRO D 95 -0.35 16.19 -9.02
CA PRO D 95 -1.58 16.71 -9.59
C PRO D 95 -1.89 16.13 -10.97
N SER D 96 -3.15 15.88 -11.27
CA SER D 96 -3.49 15.34 -12.57
C SER D 96 -4.67 16.10 -13.16
N PRO D 97 -4.52 17.41 -13.40
CA PRO D 97 -5.58 18.24 -13.98
C PRO D 97 -5.87 17.73 -15.38
N ASP D 98 -7.08 17.87 -15.88
CA ASP D 98 -7.39 17.42 -17.22
C ASP D 98 -8.47 18.28 -17.83
N GLU D 99 -8.99 17.89 -18.98
CA GLU D 99 -9.99 18.74 -19.58
C GLU D 99 -11.32 18.02 -19.79
N GLN D 100 -11.56 17.07 -18.89
CA GLN D 100 -12.80 16.34 -18.79
C GLN D 100 -13.79 17.04 -17.83
N VAL D 101 -15.03 17.30 -18.22
CA VAL D 101 -16.06 17.81 -17.29
C VAL D 101 -16.69 16.65 -16.51
N ARG D 102 -16.81 16.77 -15.20
CA ARG D 102 -17.36 15.68 -14.38
C ARG D 102 -18.54 16.21 -13.59
N TRP D 103 -19.57 15.37 -13.45
CA TRP D 103 -20.81 15.74 -12.80
C TRP D 103 -21.04 14.93 -11.55
N VAL D 104 -21.62 15.55 -10.51
CA VAL D 104 -22.07 14.80 -9.34
C VAL D 104 -23.51 15.20 -9.04
N GLY D 105 -24.25 14.29 -8.45
CA GLY D 105 -25.55 14.62 -7.92
C GLY D 105 -25.37 15.55 -6.72
N GLU D 106 -26.32 16.44 -6.54
CA GLU D 106 -26.32 17.37 -5.44
C GLU D 106 -27.66 17.27 -4.75
N PRO D 107 -27.67 17.08 -3.42
CA PRO D 107 -26.55 17.03 -2.47
C PRO D 107 -25.93 15.62 -2.34
N GLY D 108 -26.47 14.68 -3.07
CA GLY D 108 -25.89 13.35 -3.13
C GLY D 108 -26.15 12.75 -4.49
N MET D 109 -25.37 11.76 -4.86
CA MET D 109 -25.54 11.14 -6.16
C MET D 109 -26.93 10.60 -6.35
N SER D 110 -27.59 10.24 -5.25
CA SER D 110 -28.91 9.64 -5.32
C SER D 110 -29.96 10.68 -5.76
N ALA D 111 -29.63 11.96 -5.67
CA ALA D 111 -30.62 12.99 -5.95
C ALA D 111 -31.09 12.95 -7.41
N ILE D 112 -30.28 12.39 -8.29
CA ILE D 112 -30.63 12.38 -9.70
C ILE D 112 -31.79 11.39 -9.94
N THR D 113 -31.57 10.16 -9.58
CA THR D 113 -32.55 9.12 -9.76
C THR D 113 -33.76 9.41 -8.94
N ARG D 114 -33.56 10.00 -7.77
CA ARG D 114 -34.71 10.27 -6.94
C ARG D 114 -35.67 11.21 -7.65
N ALA D 115 -35.10 12.20 -8.29
CA ALA D 115 -35.88 13.17 -9.02
C ALA D 115 -36.45 12.51 -10.23
N MET D 116 -35.70 11.61 -10.89
CA MET D 116 -36.27 10.93 -12.05
C MET D 116 -37.49 10.09 -11.66
N ARG D 117 -37.41 9.39 -10.53
CA ARG D 117 -38.51 8.53 -10.08
C ARG D 117 -39.73 9.38 -9.71
N GLY D 118 -39.52 10.51 -9.03
CA GLY D 118 -40.62 11.36 -8.59
C GLY D 118 -41.73 10.60 -7.90
N ASP D 119 -42.98 10.77 -8.35
CA ASP D 119 -44.12 10.10 -7.70
C ASP D 119 -44.57 8.90 -8.52
N LEU D 120 -43.72 8.41 -9.40
CA LEU D 120 -44.10 7.23 -10.17
C LEU D 120 -44.39 6.08 -9.22
N PRO D 121 -45.37 5.22 -9.59
CA PRO D 121 -45.70 4.08 -8.74
C PRO D 121 -44.52 3.12 -8.61
N VAL D 122 -44.22 2.72 -7.38
CA VAL D 122 -43.05 1.89 -7.14
C VAL D 122 -43.33 0.91 -6.02
N SER D 123 -42.81 -0.29 -6.16
CA SER D 123 -42.86 -1.29 -5.08
C SER D 123 -41.43 -1.57 -4.65
N PHE D 124 -41.06 -1.12 -3.46
CA PHE D 124 -39.71 -1.36 -2.95
C PHE D 124 -39.67 -2.63 -2.11
N SER D 125 -38.48 -3.08 -1.77
CA SER D 125 -38.35 -4.34 -1.04
C SER D 125 -39.13 -5.50 -1.67
N CYS D 126 -39.08 -5.53 -2.99
CA CYS D 126 -39.81 -6.48 -3.77
C CYS D 126 -38.85 -7.13 -4.79
N ARG D 127 -38.32 -8.29 -4.43
CA ARG D 127 -37.39 -9.01 -5.26
C ARG D 127 -38.20 -9.90 -6.23
N ILE D 128 -38.12 -9.60 -7.51
CA ILE D 128 -38.79 -10.39 -8.50
C ILE D 128 -37.93 -11.65 -8.79
N THR D 129 -38.55 -12.81 -8.78
CA THR D 129 -37.84 -14.05 -9.01
C THR D 129 -38.19 -14.75 -10.34
N ASP D 130 -39.41 -14.49 -10.83
CA ASP D 130 -39.92 -15.07 -12.08
C ASP D 130 -40.82 -14.09 -12.80
N VAL D 131 -40.71 -14.12 -14.11
CA VAL D 131 -41.49 -13.30 -15.03
C VAL D 131 -42.10 -14.22 -16.06
N PHE D 132 -43.42 -14.23 -16.13
CA PHE D 132 -44.10 -15.17 -17.02
C PHE D 132 -45.37 -14.55 -17.53
N ARG D 133 -45.85 -15.01 -18.66
CA ARG D 133 -47.07 -14.39 -19.18
C ARG D 133 -48.14 -15.47 -19.38
N GLY D 134 -49.39 -15.03 -19.31
CA GLY D 134 -50.53 -15.87 -19.65
C GLY D 134 -50.84 -15.59 -21.11
N GLU D 135 -52.10 -15.74 -21.49
CA GLU D 135 -52.50 -15.47 -22.87
C GLU D 135 -52.42 -13.99 -23.24
N GLN D 136 -52.71 -13.11 -22.29
CA GLN D 136 -52.75 -11.68 -22.57
C GLN D 136 -51.64 -10.91 -21.87
N HIS D 137 -51.45 -11.20 -20.59
CA HIS D 137 -50.72 -10.34 -19.70
C HIS D 137 -49.46 -10.95 -19.15
N TRP D 138 -48.58 -10.06 -18.71
CA TRP D 138 -47.40 -10.44 -17.98
C TRP D 138 -47.64 -10.42 -16.50
N ASN D 139 -46.85 -11.25 -15.83
CA ASN D 139 -46.95 -11.45 -14.42
C ASN D 139 -45.56 -11.52 -13.81
N LEU D 140 -45.41 -10.99 -12.61
CA LEU D 140 -44.16 -11.10 -11.85
C LEU D 140 -44.46 -11.83 -10.56
N LEU D 141 -43.58 -12.75 -10.21
CA LEU D 141 -43.60 -13.40 -8.93
C LEU D 141 -42.48 -12.86 -8.09
N ASP D 142 -42.76 -12.48 -6.85
CA ASP D 142 -41.67 -12.03 -6.00
C ASP D 142 -41.23 -13.11 -5.03
N ALA D 143 -40.25 -12.76 -4.23
CA ALA D 143 -39.57 -13.70 -3.35
C ALA D 143 -40.48 -14.11 -2.17
N GLU D 144 -41.59 -13.41 -2.00
CA GLU D 144 -42.57 -13.76 -0.98
C GLU D 144 -43.65 -14.62 -1.60
N SER D 145 -43.40 -15.03 -2.83
CA SER D 145 -44.33 -15.85 -3.62
C SER D 145 -45.61 -15.13 -3.96
N GLU D 146 -45.61 -13.81 -3.91
CA GLU D 146 -46.79 -13.04 -4.28
C GLU D 146 -46.75 -12.62 -5.77
N ASN D 147 -47.88 -12.74 -6.44
CA ASN D 147 -48.05 -12.33 -7.84
C ASN D 147 -48.25 -10.84 -8.02
N HIS D 148 -47.67 -10.29 -9.08
CA HIS D 148 -47.93 -8.92 -9.49
C HIS D 148 -48.35 -8.90 -10.97
N GLY D 149 -49.37 -8.10 -11.28
CA GLY D 149 -49.90 -7.98 -12.61
C GLY D 149 -51.41 -7.78 -12.52
N PRO D 150 -52.08 -7.69 -13.68
CA PRO D 150 -51.45 -7.87 -14.99
C PRO D 150 -50.59 -6.68 -15.50
N PHE D 151 -49.60 -6.97 -16.34
CA PHE D 151 -48.83 -5.92 -16.99
C PHE D 151 -48.83 -6.15 -18.51
N SER D 152 -48.76 -5.08 -19.29
CA SER D 152 -48.85 -5.18 -20.73
C SER D 152 -47.54 -5.61 -21.36
N HIS D 153 -46.43 -5.18 -20.77
CA HIS D 153 -45.07 -5.44 -21.23
C HIS D 153 -44.16 -5.45 -20.00
N VAL D 154 -42.97 -6.00 -20.17
CA VAL D 154 -41.99 -6.00 -19.08
C VAL D 154 -40.67 -5.50 -19.57
N ILE D 155 -40.11 -4.59 -18.78
CA ILE D 155 -38.74 -4.13 -18.99
C ILE D 155 -37.90 -4.58 -17.81
N ILE D 156 -36.85 -5.30 -18.14
CA ILE D 156 -35.85 -5.73 -17.17
C ILE D 156 -34.72 -4.74 -17.17
N ALA D 157 -34.41 -4.13 -16.04
CA ALA D 157 -33.31 -3.12 -15.98
C ALA D 157 -32.38 -3.43 -14.82
N THR D 158 -31.87 -4.66 -14.84
CA THR D 158 -30.94 -5.14 -13.84
C THR D 158 -29.58 -5.47 -14.45
N PRO D 159 -28.56 -5.59 -13.60
CA PRO D 159 -27.31 -6.19 -14.09
C PRO D 159 -27.58 -7.53 -14.80
N ALA D 160 -26.82 -7.85 -15.84
CA ALA D 160 -27.08 -9.00 -16.72
C ALA D 160 -27.24 -10.35 -15.99
N PRO D 161 -26.35 -10.66 -15.05
CA PRO D 161 -26.46 -11.95 -14.35
C PRO D 161 -27.72 -12.02 -13.52
N GLN D 162 -28.26 -10.85 -13.13
CA GLN D 162 -29.51 -10.82 -12.37
C GLN D 162 -30.71 -10.78 -13.28
N ALA D 163 -30.49 -10.41 -14.53
CA ALA D 163 -31.57 -10.42 -15.51
C ALA D 163 -31.90 -11.81 -16.05
N THR D 164 -30.91 -12.70 -16.08
CA THR D 164 -31.08 -13.96 -16.76
C THR D 164 -32.21 -14.77 -16.16
N ALA D 165 -32.33 -14.72 -14.84
CA ALA D 165 -33.37 -15.46 -14.14
C ALA D 165 -34.76 -14.97 -14.47
N LEU D 166 -34.85 -13.75 -14.95
CA LEU D 166 -36.12 -13.12 -15.23
C LEU D 166 -36.52 -13.27 -16.68
N LEU D 167 -35.70 -13.99 -17.45
CA LEU D 167 -35.92 -14.09 -18.90
C LEU D 167 -36.29 -15.50 -19.39
N ALA D 168 -36.73 -16.33 -18.47
CA ALA D 168 -37.04 -17.70 -18.82
C ALA D 168 -38.16 -17.78 -19.89
N ALA D 169 -38.99 -16.75 -19.97
CA ALA D 169 -40.01 -16.77 -20.99
C ALA D 169 -39.37 -16.61 -22.36
N ALA D 170 -38.10 -16.24 -22.43
CA ALA D 170 -37.43 -15.99 -23.71
C ALA D 170 -35.97 -16.51 -23.70
N PRO D 171 -35.83 -17.84 -23.82
CA PRO D 171 -34.56 -18.52 -23.56
C PRO D 171 -33.46 -18.09 -24.53
N LYS D 172 -33.85 -17.73 -25.76
CA LYS D 172 -32.85 -17.27 -26.73
C LYS D 172 -32.25 -15.97 -26.23
N LEU D 173 -33.11 -15.09 -25.75
CA LEU D 173 -32.68 -13.84 -25.12
C LEU D 173 -31.85 -14.08 -23.86
N ALA D 174 -32.34 -14.97 -22.99
CA ALA D 174 -31.61 -15.29 -21.74
C ALA D 174 -30.17 -15.76 -22.02
N SER D 175 -30.03 -16.60 -23.02
CA SER D 175 -28.74 -17.16 -23.38
C SER D 175 -27.73 -16.04 -23.76
N VAL D 176 -28.20 -15.02 -24.46
CA VAL D 176 -27.37 -13.87 -24.78
C VAL D 176 -26.96 -13.11 -23.53
N VAL D 177 -27.94 -12.90 -22.65
CA VAL D 177 -27.72 -12.08 -21.45
C VAL D 177 -26.80 -12.77 -20.49
N ALA D 178 -26.99 -14.07 -20.37
CA ALA D 178 -26.17 -14.89 -19.50
C ALA D 178 -24.72 -14.89 -19.88
N GLY D 179 -24.41 -14.60 -21.14
CA GLY D 179 -23.01 -14.58 -21.54
C GLY D 179 -22.28 -13.33 -21.14
N VAL D 180 -22.99 -12.35 -20.57
CA VAL D 180 -22.39 -11.05 -20.24
C VAL D 180 -21.70 -11.04 -18.88
N LYS D 181 -20.39 -10.88 -18.89
CA LYS D 181 -19.62 -10.93 -17.68
C LYS D 181 -19.54 -9.55 -17.02
N MET D 182 -19.77 -9.52 -15.74
CA MET D 182 -19.63 -8.32 -14.93
C MET D 182 -18.56 -8.51 -13.86
N ASP D 183 -17.75 -7.46 -13.66
CA ASP D 183 -16.68 -7.45 -12.65
C ASP D 183 -17.16 -6.89 -11.32
N PRO D 184 -16.56 -7.37 -10.23
CA PRO D 184 -16.89 -6.87 -8.89
C PRO D 184 -16.04 -5.65 -8.49
N THR D 185 -16.51 -4.91 -7.50
CA THR D 185 -15.78 -3.82 -6.88
C THR D 185 -16.06 -3.74 -5.41
N TRP D 186 -15.01 -3.70 -4.62
CA TRP D 186 -15.10 -3.33 -3.21
C TRP D 186 -14.93 -1.84 -3.00
N ALA D 187 -15.80 -1.25 -2.19
CA ALA D 187 -15.70 0.14 -1.79
C ALA D 187 -15.59 0.25 -0.29
N VAL D 188 -14.81 1.22 0.14
CA VAL D 188 -14.65 1.55 1.55
C VAL D 188 -14.79 3.02 1.76
N ALA D 189 -15.46 3.36 2.85
CA ALA D 189 -15.50 4.76 3.30
C ALA D 189 -14.84 4.89 4.66
N LEU D 190 -14.09 5.99 4.81
CA LEU D 190 -13.41 6.31 6.05
C LEU D 190 -13.75 7.73 6.36
N ALA D 191 -13.98 8.00 7.65
CA ALA D 191 -14.26 9.36 8.08
C ALA D 191 -13.39 9.79 9.26
N PHE D 192 -12.94 11.03 9.19
CA PHE D 192 -12.07 11.62 10.18
C PHE D 192 -12.77 12.80 10.86
N GLU D 193 -12.46 12.93 12.14
CA GLU D 193 -12.96 13.99 13.00
C GLU D 193 -12.34 15.31 12.58
N THR D 194 -11.01 15.28 12.45
CA THR D 194 -10.27 16.43 11.96
C THR D 194 -10.04 16.26 10.46
N PRO D 195 -10.39 17.27 9.64
CA PRO D 195 -10.07 17.09 8.21
C PRO D 195 -8.55 16.88 7.98
N LEU D 196 -8.20 15.97 7.08
CA LEU D 196 -6.83 15.69 6.68
C LEU D 196 -6.22 16.92 6.02
N GLN D 197 -4.99 17.23 6.39
CA GLN D 197 -4.26 18.42 5.87
C GLN D 197 -3.61 18.14 4.50
N THR D 198 -4.45 17.95 3.48
CA THR D 198 -3.98 17.80 2.11
C THR D 198 -4.90 18.57 1.18
N PRO D 199 -4.35 19.11 0.07
CA PRO D 199 -5.24 19.80 -0.88
C PRO D 199 -5.98 18.83 -1.80
N MET D 200 -5.53 17.59 -1.77
CA MET D 200 -6.14 16.56 -2.61
C MET D 200 -7.59 16.39 -2.30
N GLN D 201 -8.40 16.33 -3.35
CA GLN D 201 -9.84 16.10 -3.24
C GLN D 201 -10.31 14.82 -3.99
N GLY D 202 -9.45 14.30 -4.86
CA GLY D 202 -9.69 13.05 -5.57
C GLY D 202 -8.39 12.56 -6.19
N CYS D 203 -8.28 11.25 -6.37
CA CYS D 203 -7.08 10.63 -6.94
C CYS D 203 -7.36 9.38 -7.78
N PHE D 204 -6.76 9.35 -8.96
CA PHE D 204 -6.66 8.15 -9.75
C PHE D 204 -5.41 7.40 -9.28
N VAL D 205 -5.54 6.11 -8.97
CA VAL D 205 -4.45 5.37 -8.33
C VAL D 205 -4.06 4.18 -9.23
N GLN D 206 -2.75 3.98 -9.46
CA GLN D 206 -2.25 2.78 -10.13
C GLN D 206 -1.32 1.98 -9.24
N ASP D 207 -1.09 0.71 -9.61
CA ASP D 207 -0.16 -0.15 -8.89
C ASP D 207 -0.57 -0.28 -7.45
N SER D 208 -1.86 -0.42 -7.25
CA SER D 208 -2.41 -0.41 -5.91
C SER D 208 -3.66 -1.21 -5.87
N PRO D 209 -4.03 -1.70 -4.66
CA PRO D 209 -5.36 -2.26 -4.46
C PRO D 209 -6.45 -1.28 -4.86
N LEU D 210 -6.18 0.01 -4.66
CA LEU D 210 -7.12 1.08 -4.99
C LEU D 210 -7.00 1.53 -6.40
N ASP D 211 -8.10 1.95 -7.03
CA ASP D 211 -7.93 2.73 -8.25
C ASP D 211 -8.52 4.13 -8.12
N TRP D 212 -9.30 4.39 -7.07
CA TRP D 212 -9.90 5.70 -6.93
C TRP D 212 -10.19 6.09 -5.48
N LEU D 213 -10.05 7.37 -5.22
CA LEU D 213 -10.52 7.89 -3.95
C LEU D 213 -10.98 9.32 -4.17
N ALA D 214 -11.94 9.72 -3.35
CA ALA D 214 -12.49 11.03 -3.47
C ALA D 214 -12.89 11.55 -2.09
N ARG D 215 -12.75 12.85 -1.96
CA ARG D 215 -13.08 13.59 -0.76
C ARG D 215 -14.51 14.20 -0.80
N ASN D 216 -15.37 13.77 0.13
CA ASN D 216 -16.80 14.12 0.14
C ASN D 216 -16.94 15.64 0.38
N ARG D 217 -16.12 16.24 1.24
CA ARG D 217 -16.29 17.67 1.52
C ARG D 217 -15.95 18.51 0.26
N SER D 218 -15.37 17.90 -0.77
CA SER D 218 -15.13 18.64 -2.01
C SER D 218 -16.40 18.69 -2.89
N LYS D 219 -17.42 17.91 -2.51
CA LYS D 219 -18.70 17.87 -3.24
C LYS D 219 -19.79 18.86 -2.70
N PRO D 220 -20.54 19.54 -3.60
CA PRO D 220 -21.51 20.52 -3.08
C PRO D 220 -22.65 19.95 -2.20
N GLY D 221 -22.92 20.56 -1.05
CA GLY D 221 -24.10 20.20 -0.25
C GLY D 221 -24.03 18.98 0.66
N ARG D 222 -22.84 18.43 0.84
CA ARG D 222 -22.67 17.30 1.75
C ARG D 222 -22.55 17.77 3.21
N ASP D 223 -22.77 16.84 4.13
CA ASP D 223 -22.58 17.08 5.57
C ASP D 223 -21.07 17.06 5.94
N ASP D 224 -20.58 18.24 6.30
CA ASP D 224 -19.16 18.56 6.55
C ASP D 224 -18.62 18.15 7.93
N THR D 225 -19.50 17.57 8.75
CA THR D 225 -19.19 17.33 10.16
C THR D 225 -17.92 16.52 10.26
N LEU D 226 -17.93 15.38 9.56
CA LEU D 226 -16.77 14.53 9.39
C LEU D 226 -16.13 14.70 8.00
N ASP D 227 -14.82 14.56 7.95
CA ASP D 227 -14.05 14.51 6.69
C ASP D 227 -14.03 13.10 6.17
N SER D 228 -14.92 12.85 5.21
CA SER D 228 -15.13 11.52 4.65
C SER D 228 -14.50 11.32 3.29
N TRP D 229 -13.94 10.12 3.13
CA TRP D 229 -13.30 9.72 1.90
C TRP D 229 -13.88 8.42 1.45
N VAL D 230 -14.11 8.28 0.14
CA VAL D 230 -14.56 7.01 -0.46
C VAL D 230 -13.42 6.47 -1.30
N LEU D 231 -13.12 5.19 -1.05
CA LEU D 231 -12.08 4.41 -1.69
C LEU D 231 -12.68 3.30 -2.54
N HIS D 232 -12.26 3.21 -3.80
CA HIS D 232 -12.66 2.11 -4.66
C HIS D 232 -11.48 1.23 -5.07
N ALA D 233 -11.59 -0.07 -4.81
CA ALA D 233 -10.59 -1.05 -5.25
C ALA D 233 -10.73 -1.39 -6.70
N THR D 234 -9.66 -1.86 -7.33
CA THR D 234 -9.72 -2.42 -8.67
C THR D 234 -10.54 -3.68 -8.71
N SER D 235 -11.00 -4.05 -9.91
CA SER D 235 -11.70 -5.30 -10.04
C SER D 235 -10.72 -6.46 -9.82
N GLN D 236 -9.48 -6.32 -10.27
CA GLN D 236 -8.54 -7.42 -9.98
C GLN D 236 -8.39 -7.66 -8.47
N TRP D 237 -8.14 -6.61 -7.69
CA TRP D 237 -7.97 -6.80 -6.25
C TRP D 237 -9.30 -7.29 -5.67
N SER D 238 -10.38 -6.74 -6.20
CA SER D 238 -11.69 -7.11 -5.71
C SER D 238 -11.95 -8.63 -5.99
N ARG D 239 -11.59 -9.13 -7.15
CA ARG D 239 -11.76 -10.58 -7.41
C ARG D 239 -10.92 -11.42 -6.46
N GLN D 240 -9.67 -11.04 -6.35
CA GLN D 240 -8.73 -11.71 -5.46
C GLN D 240 -9.22 -11.69 -4.00
N ASN D 241 -10.03 -10.72 -3.64
CA ASN D 241 -10.46 -10.60 -2.23
C ASN D 241 -11.94 -10.61 -2.15
N LEU D 242 -12.57 -11.28 -3.11
CA LEU D 242 -14.00 -11.15 -3.24
C LEU D 242 -14.74 -11.62 -2.01
N ASP D 243 -14.18 -12.64 -1.33
CA ASP D 243 -14.81 -13.20 -0.13
C ASP D 243 -14.14 -12.77 1.14
N ALA D 244 -13.35 -11.71 1.10
CA ALA D 244 -12.77 -11.10 2.32
C ALA D 244 -13.88 -10.51 3.21
N SER D 245 -13.66 -10.39 4.50
CA SER D 245 -14.62 -9.75 5.40
C SER D 245 -14.65 -8.27 5.22
N ARG D 246 -15.76 -7.63 5.59
CA ARG D 246 -15.77 -6.16 5.54
C ARG D 246 -14.60 -5.62 6.34
N GLU D 247 -14.33 -6.18 7.51
CA GLU D 247 -13.25 -5.61 8.35
C GLU D 247 -11.86 -5.73 7.68
N GLN D 248 -11.63 -6.85 6.99
CA GLN D 248 -10.35 -7.09 6.31
C GLN D 248 -10.22 -6.09 5.16
N VAL D 249 -11.29 -5.92 4.39
CA VAL D 249 -11.26 -4.97 3.28
C VAL D 249 -10.96 -3.58 3.78
N ILE D 250 -11.64 -3.17 4.83
CA ILE D 250 -11.35 -1.84 5.43
C ILE D 250 -9.88 -1.74 5.80
N GLU D 251 -9.38 -2.75 6.52
CA GLU D 251 -8.00 -2.76 6.96
C GLU D 251 -7.01 -2.58 5.77
N HIS D 252 -7.20 -3.34 4.69
CA HIS D 252 -6.30 -3.29 3.55
C HIS D 252 -6.40 -1.99 2.78
N LEU D 253 -7.61 -1.53 2.55
CA LEU D 253 -7.76 -0.35 1.74
C LEU D 253 -7.39 0.88 2.52
N HIS D 254 -7.68 0.86 3.81
CA HIS D 254 -7.21 1.92 4.68
C HIS D 254 -5.68 2.02 4.61
N GLY D 255 -5.03 0.86 4.63
CA GLY D 255 -3.58 0.79 4.56
C GLY D 255 -3.05 1.34 3.25
N ALA D 256 -3.70 0.99 2.16
CA ALA D 256 -3.30 1.49 0.85
C ALA D 256 -3.43 3.01 0.83
N PHE D 257 -4.48 3.51 1.46
CA PHE D 257 -4.68 4.98 1.51
C PHE D 257 -3.58 5.66 2.36
N ALA D 258 -3.32 5.07 3.53
CA ALA D 258 -2.29 5.59 4.42
C ALA D 258 -0.91 5.60 3.76
N GLU D 259 -0.71 4.68 2.83
CA GLU D 259 0.56 4.56 2.08
C GLU D 259 0.76 5.72 1.12
N LEU D 260 -0.33 6.18 0.52
CA LEU D 260 -0.23 7.20 -0.52
C LEU D 260 -0.46 8.66 -0.03
N ILE D 261 -1.14 8.86 1.09
CA ILE D 261 -1.44 10.22 1.57
C ILE D 261 -0.20 11.06 1.94
N ASP D 262 -0.28 12.38 1.62
CA ASP D 262 0.85 13.29 1.80
C ASP D 262 0.77 14.09 3.10
N CYS D 263 -0.03 13.63 4.05
CA CYS D 263 -0.17 14.33 5.32
C CYS D 263 -0.38 13.29 6.42
N ALA D 264 -0.38 13.72 7.66
CA ALA D 264 -0.65 12.78 8.73
C ALA D 264 -2.11 12.29 8.61
N MET D 265 -2.33 11.06 9.04
CA MET D 265 -3.64 10.44 9.02
C MET D 265 -3.91 9.74 10.35
N PRO D 266 -4.81 10.29 11.18
CA PRO D 266 -5.23 9.66 12.44
C PRO D 266 -6.16 8.47 12.23
N ALA D 267 -6.47 7.74 13.30
CA ALA D 267 -7.48 6.68 13.17
C ALA D 267 -8.81 7.26 12.72
N PRO D 268 -9.48 6.61 11.76
CA PRO D 268 -10.76 7.24 11.43
C PRO D 268 -11.75 6.97 12.55
N VAL D 269 -12.74 7.84 12.64
CA VAL D 269 -13.84 7.76 13.61
C VAL D 269 -14.90 6.85 13.05
N PHE D 270 -14.86 6.66 11.73
CA PHE D 270 -15.79 5.71 11.19
C PHE D 270 -15.33 5.07 9.90
N SER D 271 -15.90 3.89 9.64
CA SER D 271 -15.53 3.12 8.47
C SER D 271 -16.60 2.19 8.01
N LEU D 272 -16.74 2.05 6.69
CA LEU D 272 -17.74 1.20 6.03
C LEU D 272 -17.11 0.47 4.86
N ALA D 273 -17.62 -0.71 4.56
CA ALA D 273 -17.17 -1.37 3.34
C ALA D 273 -18.43 -1.86 2.65
N HIS D 274 -18.44 -1.81 1.33
CA HIS D 274 -19.55 -2.38 0.58
C HIS D 274 -19.03 -3.10 -0.65
N ARG D 275 -19.52 -4.32 -0.88
CA ARG D 275 -19.12 -5.15 -2.05
C ARG D 275 -20.19 -5.09 -3.13
N TRP D 276 -19.77 -4.77 -4.35
CA TRP D 276 -20.65 -4.88 -5.47
C TRP D 276 -20.20 -6.13 -6.31
N LEU D 277 -20.99 -7.21 -6.37
CA LEU D 277 -20.58 -8.34 -7.22
C LEU D 277 -20.54 -7.98 -8.66
N TYR D 278 -21.52 -7.19 -9.09
CA TYR D 278 -21.71 -6.87 -10.48
C TYR D 278 -21.60 -5.36 -10.70
N ALA D 279 -20.41 -4.83 -10.54
CA ALA D 279 -20.20 -3.40 -10.48
C ALA D 279 -20.27 -2.78 -11.86
N ARG D 280 -19.71 -3.46 -12.82
CA ARG D 280 -19.66 -2.94 -14.17
C ARG D 280 -19.41 -4.07 -15.10
N PRO D 281 -19.84 -3.95 -16.35
CA PRO D 281 -19.60 -5.02 -17.32
C PRO D 281 -18.11 -5.16 -17.60
N ALA D 282 -17.64 -6.38 -17.78
CA ALA D 282 -16.24 -6.62 -18.04
C ALA D 282 -15.87 -6.03 -19.38
N GLY D 283 -16.83 -5.96 -20.30
CA GLY D 283 -16.53 -5.38 -21.60
C GLY D 283 -17.59 -4.42 -22.11
N SER D 284 -17.35 -3.81 -23.26
CA SER D 284 -18.33 -2.92 -23.87
C SER D 284 -19.22 -3.66 -24.83
N HIS D 285 -20.42 -3.12 -25.03
CA HIS D 285 -21.38 -3.66 -25.99
C HIS D 285 -22.01 -2.53 -26.78
N GLU D 286 -22.66 -2.86 -27.88
CA GLU D 286 -23.28 -1.86 -28.75
C GLU D 286 -24.76 -2.12 -28.91
N TRP D 287 -25.32 -3.06 -28.15
CA TRP D 287 -26.72 -3.41 -28.34
C TRP D 287 -27.68 -2.26 -28.13
N GLY D 288 -27.39 -1.43 -27.12
CA GLY D 288 -28.35 -0.41 -26.69
C GLY D 288 -29.42 -0.96 -25.74
N ALA D 289 -30.18 -1.91 -26.25
CA ALA D 289 -31.15 -2.64 -25.46
C ALA D 289 -31.29 -4.00 -26.17
N LEU D 290 -31.88 -4.96 -25.50
CA LEU D 290 -32.23 -6.26 -26.07
C LEU D 290 -33.70 -6.50 -25.87
N SER D 291 -34.34 -7.14 -26.83
CA SER D 291 -35.75 -7.35 -26.70
C SER D 291 -36.28 -8.57 -27.38
N ASP D 292 -37.40 -9.07 -26.87
CA ASP D 292 -38.26 -9.99 -27.65
C ASP D 292 -39.59 -9.20 -27.75
N ALA D 293 -39.69 -8.33 -28.74
CA ALA D 293 -40.83 -7.42 -28.83
C ALA D 293 -42.13 -8.15 -29.06
N ASP D 294 -42.08 -9.21 -29.86
CA ASP D 294 -43.24 -10.00 -30.20
C ASP D 294 -43.89 -10.49 -28.94
N LEU D 295 -43.04 -10.83 -27.97
CA LEU D 295 -43.50 -11.37 -26.72
C LEU D 295 -43.86 -10.28 -25.73
N GLY D 296 -43.19 -9.13 -25.87
CA GLY D 296 -43.40 -7.99 -25.01
C GLY D 296 -42.40 -7.83 -23.86
N ILE D 297 -41.24 -8.40 -24.01
CA ILE D 297 -40.23 -8.26 -22.95
C ILE D 297 -38.97 -7.60 -23.52
N TYR D 298 -38.44 -6.64 -22.76
CA TYR D 298 -37.32 -5.76 -23.11
C TYR D 298 -36.29 -5.74 -22.02
N VAL D 299 -35.04 -5.57 -22.40
CA VAL D 299 -33.93 -5.63 -21.43
C VAL D 299 -33.01 -4.43 -21.61
N CYS D 300 -32.62 -3.80 -20.52
CA CYS D 300 -31.69 -2.68 -20.62
C CYS D 300 -30.74 -2.60 -19.45
N GLY D 301 -29.75 -1.72 -19.56
CA GLY D 301 -28.74 -1.56 -18.53
C GLY D 301 -27.44 -1.01 -19.03
N ASP D 302 -26.61 -0.56 -18.10
CA ASP D 302 -25.30 -0.06 -18.51
C ASP D 302 -24.58 -1.07 -19.40
N TRP D 303 -24.81 -2.36 -19.15
CA TRP D 303 -24.05 -3.40 -19.84
C TRP D 303 -24.50 -3.61 -21.30
N CYS D 304 -25.59 -2.96 -21.71
CA CYS D 304 -25.99 -2.96 -23.12
C CYS D 304 -25.15 -1.99 -23.94
N LEU D 305 -24.45 -1.10 -23.25
CA LEU D 305 -23.62 -0.10 -23.88
C LEU D 305 -22.24 -0.06 -23.19
N SER D 306 -21.90 1.08 -22.59
CA SER D 306 -20.54 1.38 -22.13
C SER D 306 -20.16 1.09 -20.69
N GLY D 307 -21.12 0.74 -19.84
CA GLY D 307 -20.83 0.43 -18.45
C GLY D 307 -20.66 1.66 -17.57
N ARG D 308 -21.21 2.78 -18.04
CA ARG D 308 -21.18 4.03 -17.30
C ARG D 308 -22.60 4.59 -17.03
N VAL D 309 -22.71 5.61 -16.17
CA VAL D 309 -24.02 6.20 -15.90
C VAL D 309 -24.71 6.58 -17.23
N GLU D 310 -23.97 7.20 -18.13
CA GLU D 310 -24.53 7.58 -19.47
C GLU D 310 -25.02 6.37 -20.27
N GLY D 311 -24.24 5.32 -20.26
CA GLY D 311 -24.64 4.13 -20.97
C GLY D 311 -25.95 3.56 -20.44
N ALA D 312 -26.11 3.55 -19.11
CA ALA D 312 -27.34 3.06 -18.53
C ALA D 312 -28.53 3.91 -18.96
N TRP D 313 -28.36 5.23 -18.87
CA TRP D 313 -29.46 6.16 -19.21
C TRP D 313 -29.86 5.96 -20.66
N LEU D 314 -28.89 5.95 -21.54
CA LEU D 314 -29.18 5.71 -22.95
C LEU D 314 -29.88 4.37 -23.18
N SER D 315 -29.44 3.32 -22.47
CA SER D 315 -30.01 1.97 -22.69
C SER D 315 -31.47 1.98 -22.39
N GLY D 316 -31.81 2.63 -21.29
CA GLY D 316 -33.18 2.71 -20.92
C GLY D 316 -34.01 3.51 -21.90
N GLN D 317 -33.43 4.59 -22.42
CA GLN D 317 -34.14 5.34 -23.46
C GLN D 317 -34.44 4.44 -24.67
N GLU D 318 -33.47 3.62 -25.04
CA GLU D 318 -33.59 2.75 -26.21
C GLU D 318 -34.63 1.69 -26.02
N ALA D 319 -34.63 1.10 -24.83
CA ALA D 319 -35.63 0.08 -24.55
C ALA D 319 -37.04 0.64 -24.71
N ALA D 320 -37.28 1.83 -24.18
CA ALA D 320 -38.62 2.43 -24.26
C ALA D 320 -39.01 2.79 -25.69
N ARG D 321 -38.07 3.34 -26.43
CA ARG D 321 -38.31 3.75 -27.81
C ARG D 321 -38.74 2.53 -28.61
N ARG D 322 -38.05 1.40 -28.38
CA ARG D 322 -38.39 0.18 -29.12
C ARG D 322 -39.78 -0.28 -28.72
N LEU D 323 -40.08 -0.22 -27.42
CA LEU D 323 -41.41 -0.65 -27.00
C LEU D 323 -42.47 0.23 -27.69
N LEU D 324 -42.29 1.54 -27.62
CA LEU D 324 -43.31 2.45 -28.16
C LEU D 324 -43.53 2.24 -29.66
N GLU D 325 -42.46 1.98 -30.39
CA GLU D 325 -42.53 1.81 -31.85
C GLU D 325 -43.30 0.55 -32.23
N HIS D 326 -43.21 -0.45 -31.38
CA HIS D 326 -43.83 -1.75 -31.63
C HIS D 326 -45.34 -1.88 -31.32
N LEU D 327 -45.86 -0.93 -30.56
CA LEU D 327 -47.28 -0.97 -30.20
C LEU D 327 -48.22 -0.96 -31.38
N GLN D 328 -47.79 -0.29 -32.45
CA GLN D 328 -48.62 -0.23 -33.62
C GLN D 328 -48.79 -1.61 -34.26
N LEU D 329 -47.85 -2.51 -34.02
CA LEU D 329 -47.96 -3.85 -34.54
C LEU D 329 -48.71 -4.80 -33.59
N GLU D 330 -49.16 -4.34 -32.43
CA GLU D 330 -49.75 -5.27 -31.45
C GLU D 330 -51.26 -5.35 -31.53
#